data_2X7J
#
_entry.id   2X7J
#
_cell.length_a   100.180
_cell.length_b   152.990
_cell.length_c   158.499
_cell.angle_alpha   90.00
_cell.angle_beta   90.00
_cell.angle_gamma   90.00
#
_symmetry.space_group_name_H-M   'P 21 21 21'
#
loop_
_entity.id
_entity.type
_entity.pdbx_description
1 polymer '2-SUCCINYL-5-ENOLPYRUVYL-6-HYDROXY-3-CYCLOHEXENE -1-CARBOXYLATE SYNTHASE'
2 non-polymer 'THIAMINE DIPHOSPHATE'
3 non-polymer 'MANGANESE (II) ION'
4 non-polymer 1,2-ETHANEDIOL
5 non-polymer 'SODIUM ION'
6 non-polymer 'SULFATE ION'
7 water water
#
_entity_poly.entity_id   1
_entity_poly.type   'polypeptide(L)'
_entity_poly.pdbx_seq_one_letter_code
;MGSSHHHHHHSSGENLYFQGHMLEMTVNPITHYIGSFIDEFALSGITDAVVCPGSRSTPLAVLCAAHPDISVHVQIDERS
AGFFALGLAKAKQRPVLLICTSGTAAANFYPAVVEAHYSRVPIIVLTADRPHELREVGAPQAINQHFLFGNFVKFFTDSA
LPEESPQMLRYIRTLASRAAGEAQKRPMGPVHVNVPLREPLMPDLSDEPFGRMRTGRHVSVKTGTQSVDRESLSDVAEML
AEAEKGMIVCGELHSDADKENIIALSKALQYPILADPLSNLRNGVHDKSTVIDAYDSFLKDDELKRKLRPDVVIRFGPMP
VSKPVFLWLKDDPTIQQIVIDEDGGWRDPTQASAHMIHCNASVFAEEIMAGLTAATRSSEWLEKWQFVNGRFREHLQTIS
SEDVSFEGNLYRILQHLVPENSSLFVGNSMPIRDVDTFFEKQDRPFRIYSNRGANGIDGVVSSAMGVCEGTKAPVTLVIG
DLSFYHDLNGLLAAKKLGIPLTVILVNNDGGGIFSFLPQASEKTHFEDLFGTPTGLDFKHAAALYGGTYSCPASWDEFKT
AYAPQADKPGLHLIEIKTDRQSRVQLHRDMLNEAVREVKKQWEL
;
_entity_poly.pdbx_strand_id   A,B,C,D
#
loop_
_chem_comp.id
_chem_comp.type
_chem_comp.name
_chem_comp.formula
EDO non-polymer 1,2-ETHANEDIOL 'C2 H6 O2'
MN non-polymer 'MANGANESE (II) ION' 'Mn 2'
NA non-polymer 'SODIUM ION' 'Na 1'
SO4 non-polymer 'SULFATE ION' 'O4 S -2'
TPP non-polymer 'THIAMINE DIPHOSPHATE' 'C12 H19 N4 O7 P2 S 1'
#
# COMPACT_ATOMS: atom_id res chain seq x y z
N THR A 26 -3.44 23.09 33.86
CA THR A 26 -3.06 21.66 33.99
C THR A 26 -1.95 21.29 32.99
N VAL A 27 -1.52 20.03 32.97
CA VAL A 27 -0.33 19.67 32.19
C VAL A 27 -0.59 19.30 30.72
N ASN A 28 0.29 19.75 29.84
CA ASN A 28 0.24 19.36 28.45
C ASN A 28 0.97 18.01 28.24
N PRO A 29 0.27 17.00 27.72
CA PRO A 29 0.88 15.69 27.48
C PRO A 29 2.13 15.75 26.60
N ILE A 30 2.16 16.70 25.68
CA ILE A 30 3.24 16.82 24.71
C ILE A 30 4.61 17.02 25.37
N THR A 31 4.61 17.70 26.50
CA THR A 31 5.85 18.11 27.12
C THR A 31 6.74 16.92 27.46
N HIS A 32 6.17 15.91 28.10
CA HIS A 32 6.97 14.73 28.43
C HIS A 32 6.90 13.63 27.42
N TYR A 33 5.81 13.59 26.65
CA TYR A 33 5.68 12.59 25.59
C TYR A 33 6.70 12.84 24.51
N ILE A 34 6.65 14.02 23.91
CA ILE A 34 7.59 14.34 22.86
C ILE A 34 8.99 14.56 23.46
N GLY A 35 9.05 15.04 24.70
CA GLY A 35 10.32 15.27 25.40
C GLY A 35 11.08 13.98 25.54
N SER A 36 10.35 12.97 26.01
CA SER A 36 10.88 11.63 26.16
C SER A 36 11.28 11.03 24.82
N PHE A 37 10.50 11.33 23.76
CA PHE A 37 10.76 10.89 22.38
C PHE A 37 12.10 11.42 21.91
N ILE A 38 12.25 12.74 22.01
CA ILE A 38 13.45 13.39 21.52
C ILE A 38 14.65 13.01 22.40
N ASP A 39 14.44 12.89 23.71
CA ASP A 39 15.55 12.58 24.60
C ASP A 39 16.09 11.19 24.30
N GLU A 40 15.19 10.26 24.00
CA GLU A 40 15.61 8.91 23.70
C GLU A 40 16.37 8.81 22.37
N PHE A 41 16.03 9.68 21.41
CA PHE A 41 16.81 9.70 20.17
C PHE A 41 18.25 10.11 20.46
N ALA A 42 18.41 11.11 21.33
CA ALA A 42 19.75 11.54 21.76
C ALA A 42 20.47 10.41 22.49
N LEU A 43 19.73 9.65 23.28
CA LEU A 43 20.32 8.54 24.01
C LEU A 43 20.73 7.44 23.03
N SER A 44 20.01 7.35 21.91
CA SER A 44 20.32 6.41 20.84
C SER A 44 21.57 6.77 20.05
N GLY A 45 22.03 8.01 20.17
CA GLY A 45 23.20 8.44 19.42
C GLY A 45 22.95 9.53 18.41
N ILE A 46 21.72 10.02 18.32
CA ILE A 46 21.43 11.09 17.38
C ILE A 46 22.07 12.36 17.91
N THR A 47 22.83 13.03 17.04
CA THR A 47 23.51 14.30 17.38
C THR A 47 23.04 15.45 16.48
N ASP A 48 22.34 15.10 15.40
CA ASP A 48 21.91 16.08 14.41
C ASP A 48 20.44 15.94 14.02
N ALA A 49 19.73 17.06 13.98
CA ALA A 49 18.37 17.11 13.47
C ALA A 49 18.27 18.16 12.37
N VAL A 50 17.85 17.75 11.17
CA VAL A 50 17.56 18.68 10.09
C VAL A 50 16.09 19.07 10.20
N VAL A 51 15.83 20.36 10.33
CA VAL A 51 14.52 20.80 10.73
C VAL A 51 13.92 21.82 9.78
N CYS A 52 12.66 21.62 9.42
CA CYS A 52 11.98 22.54 8.52
C CYS A 52 10.84 23.19 9.25
N PRO A 53 10.68 24.51 9.06
CA PRO A 53 9.75 25.25 9.91
C PRO A 53 8.29 24.85 9.71
N GLY A 54 7.48 25.08 10.73
CA GLY A 54 6.05 24.88 10.64
C GLY A 54 5.41 24.96 12.01
N SER A 55 4.11 25.17 12.02
CA SER A 55 3.38 25.31 13.27
C SER A 55 3.12 23.95 13.93
N ARG A 56 2.66 22.98 13.14
CA ARG A 56 2.25 21.72 13.73
C ARG A 56 3.48 20.94 14.23
N SER A 57 4.65 21.15 13.62
CA SER A 57 5.89 20.49 14.13
C SER A 57 6.60 21.22 15.29
N THR A 58 5.94 22.23 15.86
CA THR A 58 6.47 23.00 17.01
C THR A 58 7.22 22.18 18.10
N PRO A 59 6.55 21.20 18.71
CA PRO A 59 7.18 20.49 19.83
C PRO A 59 8.41 19.74 19.43
N LEU A 60 8.39 19.19 18.20
CA LEU A 60 9.52 18.45 17.65
C LEU A 60 10.72 19.37 17.48
N ALA A 61 10.47 20.52 16.87
CA ALA A 61 11.55 21.45 16.58
C ALA A 61 12.10 22.09 17.85
N VAL A 62 11.21 22.61 18.70
CA VAL A 62 11.60 23.25 19.95
C VAL A 62 12.39 22.30 20.86
N LEU A 63 11.88 21.08 21.04
CA LEU A 63 12.56 20.14 21.94
C LEU A 63 13.91 19.66 21.38
N CYS A 64 14.02 19.49 20.06
CA CYS A 64 15.33 19.21 19.47
C CYS A 64 16.29 20.38 19.73
N ALA A 65 15.78 21.60 19.54
CA ALA A 65 16.55 22.80 19.79
C ALA A 65 17.01 22.86 21.25
N ALA A 66 16.10 22.61 22.19
CA ALA A 66 16.46 22.72 23.60
C ALA A 66 17.39 21.58 24.06
N HIS A 67 17.30 20.42 23.43
CA HIS A 67 18.14 19.30 23.86
C HIS A 67 19.62 19.55 23.60
N PRO A 68 20.45 19.38 24.65
CA PRO A 68 21.89 19.68 24.62
C PRO A 68 22.71 18.79 23.70
N ASP A 69 22.24 17.59 23.38
CA ASP A 69 23.04 16.70 22.56
C ASP A 69 22.70 16.72 21.07
N ILE A 70 21.69 17.49 20.69
CA ILE A 70 21.24 17.53 19.31
C ILE A 70 21.46 18.90 18.66
N SER A 71 22.26 18.94 17.59
CA SER A 71 22.39 20.17 16.82
C SER A 71 21.24 20.25 15.82
N VAL A 72 20.58 21.40 15.80
CA VAL A 72 19.48 21.60 14.87
C VAL A 72 19.97 22.35 13.63
N HIS A 73 19.65 21.84 12.45
CA HIS A 73 20.02 22.53 11.23
C HIS A 73 18.73 22.91 10.52
N VAL A 74 18.49 24.21 10.38
CA VAL A 74 17.21 24.66 9.86
C VAL A 74 17.25 24.90 8.35
N GLN A 75 16.46 24.12 7.62
CA GLN A 75 16.37 24.28 6.18
C GLN A 75 14.93 24.68 5.78
N ILE A 76 14.79 25.68 4.91
CA ILE A 76 13.47 26.14 4.47
C ILE A 76 12.84 25.22 3.42
N ASP A 77 13.62 24.82 2.42
CA ASP A 77 13.17 23.98 1.33
C ASP A 77 13.30 22.51 1.73
N GLU A 78 12.17 21.87 1.96
CA GLU A 78 12.15 20.48 2.44
C GLU A 78 12.88 19.51 1.53
N ARG A 79 12.81 19.73 0.23
CA ARG A 79 13.51 18.84 -0.65
C ARG A 79 15.03 18.89 -0.40
N SER A 80 15.56 20.10 -0.23
CA SER A 80 16.97 20.31 0.11
C SER A 80 17.28 19.76 1.51
N ALA A 81 16.41 20.09 2.48
CA ALA A 81 16.50 19.55 3.83
C ALA A 81 16.75 18.06 3.75
N GLY A 82 15.96 17.37 2.95
CA GLY A 82 16.03 15.92 2.83
C GLY A 82 17.38 15.46 2.34
N PHE A 83 17.86 16.11 1.29
CA PHE A 83 19.17 15.71 0.75
C PHE A 83 20.30 16.11 1.65
N PHE A 84 20.09 17.21 2.39
CA PHE A 84 21.05 17.64 3.37
C PHE A 84 21.18 16.56 4.47
N ALA A 85 20.06 16.15 5.03
CA ALA A 85 20.06 15.02 5.97
C ALA A 85 20.73 13.78 5.37
N LEU A 86 20.46 13.52 4.09
CA LEU A 86 21.10 12.42 3.38
C LEU A 86 22.62 12.48 3.41
N GLY A 87 23.17 13.65 3.07
CA GLY A 87 24.62 13.81 3.03
C GLY A 87 25.21 13.73 4.42
N LEU A 88 24.56 14.35 5.39
CA LEU A 88 25.02 14.29 6.76
C LEU A 88 25.15 12.84 7.25
N ALA A 89 24.13 12.03 6.98
CA ALA A 89 24.12 10.65 7.45
C ALA A 89 25.03 9.76 6.63
N LYS A 90 25.19 10.10 5.35
CA LYS A 90 26.06 9.35 4.44
C LYS A 90 27.51 9.50 4.94
N ALA A 91 27.84 10.72 5.35
CA ALA A 91 29.17 11.04 5.85
C ALA A 91 29.53 10.30 7.13
N LYS A 92 28.58 10.16 8.05
CA LYS A 92 28.86 9.60 9.38
C LYS A 92 28.43 8.13 9.50
N GLN A 93 27.70 7.66 8.48
CA GLN A 93 27.18 6.29 8.47
C GLN A 93 26.32 5.96 9.70
N ARG A 94 25.71 6.96 10.28
CA ARG A 94 24.76 6.76 11.36
C ARG A 94 23.63 7.78 11.20
N PRO A 95 22.43 7.46 11.71
CA PRO A 95 21.22 8.26 11.44
C PRO A 95 21.20 9.70 11.94
N VAL A 96 20.39 10.52 11.27
CA VAL A 96 20.04 11.85 11.74
C VAL A 96 18.52 12.00 11.71
N LEU A 97 17.99 12.93 12.50
CA LEU A 97 16.57 13.22 12.45
C LEU A 97 16.26 14.14 11.28
N LEU A 98 15.11 13.91 10.66
CA LEU A 98 14.65 14.75 9.58
C LEU A 98 13.19 15.09 9.85
N ILE A 99 12.90 16.37 10.04
CA ILE A 99 11.68 16.76 10.70
C ILE A 99 10.95 17.83 9.92
N CYS A 100 9.66 17.64 9.68
CA CYS A 100 8.89 18.71 9.05
C CYS A 100 7.46 18.75 9.56
N THR A 101 6.73 19.77 9.16
CA THR A 101 5.34 19.91 9.61
C THR A 101 4.43 19.11 8.69
N SER A 102 3.12 19.17 8.95
CA SER A 102 2.15 18.43 8.13
C SER A 102 1.94 19.04 6.73
N GLY A 103 1.59 18.17 5.76
CA GLY A 103 1.19 18.62 4.42
C GLY A 103 2.21 18.26 3.36
N THR A 104 2.25 19.04 2.28
CA THR A 104 3.19 18.77 1.18
C THR A 104 4.65 18.84 1.62
N ALA A 105 4.89 19.45 2.78
CA ALA A 105 6.22 19.52 3.36
C ALA A 105 6.84 18.14 3.36
N ALA A 106 6.10 17.18 3.91
CA ALA A 106 6.57 15.82 3.98
C ALA A 106 6.69 15.19 2.59
N ALA A 107 5.80 15.57 1.67
CA ALA A 107 5.91 14.99 0.33
C ALA A 107 7.23 15.41 -0.33
N ASN A 108 7.79 16.54 0.11
CA ASN A 108 9.03 17.01 -0.47
C ASN A 108 10.23 16.18 -0.04
N PHE A 109 10.05 15.31 0.96
CA PHE A 109 11.14 14.44 1.39
C PHE A 109 11.29 13.23 0.47
N TYR A 110 10.31 12.99 -0.40
CA TYR A 110 10.29 11.74 -1.15
CA TYR A 110 10.29 11.74 -1.15
C TYR A 110 11.59 11.47 -1.94
N PRO A 111 12.08 12.46 -2.67
CA PRO A 111 13.29 12.13 -3.45
C PRO A 111 14.44 11.69 -2.56
N ALA A 112 14.62 12.37 -1.43
CA ALA A 112 15.72 12.04 -0.53
C ALA A 112 15.50 10.69 0.08
N VAL A 113 14.26 10.40 0.46
CA VAL A 113 13.95 9.11 1.08
C VAL A 113 14.25 7.95 0.14
N VAL A 114 13.84 8.11 -1.13
CA VAL A 114 14.13 7.12 -2.16
C VAL A 114 15.63 6.91 -2.35
N GLU A 115 16.39 8.01 -2.43
CA GLU A 115 17.86 7.91 -2.56
C GLU A 115 18.49 7.24 -1.32
N ALA A 116 18.01 7.60 -0.13
CA ALA A 116 18.49 6.94 1.10
C ALA A 116 18.19 5.45 1.09
N HIS A 117 17.03 5.07 0.56
CA HIS A 117 16.68 3.64 0.53
C HIS A 117 17.66 2.84 -0.35
N TYR A 118 17.94 3.31 -1.55
CA TYR A 118 18.81 2.56 -2.46
C TYR A 118 20.27 2.67 -2.06
N SER A 119 20.67 3.84 -1.56
CA SER A 119 22.03 4.01 -1.11
C SER A 119 22.31 3.41 0.26
N ARG A 120 21.25 3.06 0.99
CA ARG A 120 21.42 2.43 2.27
C ARG A 120 22.02 3.43 3.25
N VAL A 121 21.34 4.57 3.38
CA VAL A 121 21.72 5.65 4.27
C VAL A 121 20.63 5.82 5.34
N PRO A 122 21.03 5.80 6.63
CA PRO A 122 20.08 5.84 7.75
C PRO A 122 19.52 7.23 8.03
N ILE A 123 18.20 7.36 7.96
CA ILE A 123 17.57 8.62 8.26
C ILE A 123 16.31 8.35 9.08
N ILE A 124 16.07 9.18 10.09
CA ILE A 124 14.87 9.05 10.85
C ILE A 124 13.98 10.22 10.48
N VAL A 125 12.90 9.94 9.75
CA VAL A 125 12.04 11.01 9.27
C VAL A 125 10.87 11.18 10.23
N LEU A 126 10.69 12.37 10.77
CA LEU A 126 9.53 12.61 11.62
C LEU A 126 8.62 13.66 11.00
N THR A 127 7.35 13.32 10.86
CA THR A 127 6.41 14.24 10.27
C THR A 127 5.30 14.53 11.26
N ALA A 128 5.08 15.80 11.53
CA ALA A 128 3.97 16.21 12.38
C ALA A 128 2.64 16.03 11.65
N ASP A 129 1.60 15.69 12.39
CA ASP A 129 0.27 15.49 11.82
C ASP A 129 -0.82 16.09 12.71
N ARG A 130 -1.98 16.32 12.11
CA ARG A 130 -3.16 16.68 12.87
C ARG A 130 -3.58 15.43 13.66
N PRO A 131 -4.36 15.62 14.73
CA PRO A 131 -4.97 14.50 15.46
C PRO A 131 -6.14 13.88 14.68
N HIS A 132 -6.57 12.70 15.10
CA HIS A 132 -7.62 11.98 14.39
C HIS A 132 -8.81 12.88 13.99
N GLU A 133 -9.30 13.69 14.92
CA GLU A 133 -10.50 14.49 14.66
C GLU A 133 -10.32 15.56 13.59
N LEU A 134 -9.09 15.75 13.13
CA LEU A 134 -8.85 16.71 12.06
C LEU A 134 -8.24 16.07 10.80
N ARG A 135 -8.29 14.75 10.71
CA ARG A 135 -7.71 14.07 9.54
C ARG A 135 -8.76 13.51 8.57
N GLU A 136 -8.42 13.50 7.28
CA GLU A 136 -9.29 12.99 6.22
C GLU A 136 -10.64 13.73 6.13
N VAL A 137 -10.68 14.99 6.57
CA VAL A 137 -11.91 15.77 6.56
C VAL A 137 -11.76 17.17 5.98
N GLY A 138 -10.75 17.38 5.14
CA GLY A 138 -10.53 18.68 4.50
C GLY A 138 -10.02 19.80 5.39
N ALA A 139 -9.35 19.47 6.50
CA ALA A 139 -8.74 20.48 7.35
C ALA A 139 -7.55 21.10 6.63
N PRO A 140 -7.24 22.37 6.94
CA PRO A 140 -6.18 23.06 6.22
C PRO A 140 -4.80 22.45 6.49
N GLN A 141 -4.12 22.09 5.40
CA GLN A 141 -2.73 21.64 5.41
C GLN A 141 -2.56 20.18 5.82
N ALA A 142 -3.68 19.45 5.90
CA ALA A 142 -3.64 18.06 6.35
C ALA A 142 -3.80 17.11 5.18
N ILE A 143 -2.81 16.23 5.02
CA ILE A 143 -2.88 15.22 4.00
C ILE A 143 -2.77 13.84 4.64
N ASN A 144 -2.99 12.81 3.85
CA ASN A 144 -2.79 11.46 4.31
C ASN A 144 -1.30 11.19 4.38
N GLN A 145 -0.77 11.05 5.60
CA GLN A 145 0.64 10.79 5.78
C GLN A 145 0.90 9.35 6.19
N HIS A 146 -0.15 8.53 6.31
CA HIS A 146 0.01 7.14 6.66
C HIS A 146 0.76 6.41 5.56
N PHE A 147 1.86 5.74 5.90
CA PHE A 147 2.66 5.04 4.88
C PHE A 147 3.00 5.93 3.71
N LEU A 148 3.13 7.23 3.98
CA LEU A 148 3.55 8.20 2.99
C LEU A 148 4.63 7.65 2.06
N PHE A 149 5.68 7.06 2.62
CA PHE A 149 6.81 6.66 1.77
C PHE A 149 6.77 5.21 1.28
N GLY A 150 5.63 4.55 1.44
CA GLY A 150 5.51 3.19 0.94
C GLY A 150 6.65 2.34 1.47
N ASN A 151 7.24 1.52 0.62
CA ASN A 151 8.28 0.59 1.09
C ASN A 151 9.67 1.14 0.91
N PHE A 152 9.80 2.41 0.62
CA PHE A 152 11.12 3.03 0.62
C PHE A 152 11.64 3.18 2.06
N VAL A 153 10.77 2.90 3.03
CA VAL A 153 11.12 2.91 4.44
CA VAL A 153 11.18 2.89 4.44
C VAL A 153 10.89 1.50 4.98
N LYS A 154 11.80 0.99 5.81
CA LYS A 154 11.60 -0.38 6.32
C LYS A 154 10.78 -0.42 7.60
N PHE A 155 10.55 0.75 8.21
CA PHE A 155 9.75 0.85 9.43
C PHE A 155 8.87 2.09 9.39
N PHE A 156 7.56 1.93 9.56
CA PHE A 156 6.67 3.08 9.66
C PHE A 156 5.72 2.92 10.81
N THR A 157 5.45 4.01 11.52
CA THR A 157 4.31 4.00 12.42
C THR A 157 3.66 5.37 12.56
N ASP A 158 2.37 5.35 12.81
CA ASP A 158 1.59 6.52 13.20
C ASP A 158 1.58 6.52 14.73
N SER A 159 2.36 7.38 15.38
CA SER A 159 2.46 7.28 16.85
C SER A 159 1.17 7.65 17.60
N ALA A 160 1.01 7.13 18.80
CA ALA A 160 -0.19 7.44 19.59
C ALA A 160 -0.30 8.93 19.85
N LEU A 161 -1.51 9.43 20.02
CA LEU A 161 -1.67 10.82 20.45
C LEU A 161 -0.96 10.95 21.79
N PRO A 162 -0.30 12.09 22.01
CA PRO A 162 0.44 12.22 23.26
C PRO A 162 -0.38 11.91 24.50
N GLU A 163 0.24 11.20 25.45
CA GLU A 163 -0.34 10.93 26.77
C GLU A 163 0.79 10.94 27.80
N GLU A 164 0.45 11.14 29.07
CA GLU A 164 1.47 11.28 30.13
C GLU A 164 1.64 10.04 31.04
N SER A 165 0.87 8.99 30.80
CA SER A 165 0.96 7.82 31.66
C SER A 165 2.31 7.09 31.51
N PRO A 166 2.79 6.48 32.60
CA PRO A 166 4.12 5.90 32.60
C PRO A 166 4.24 4.82 31.52
N GLN A 167 3.16 4.11 31.25
CA GLN A 167 3.21 3.07 30.23
C GLN A 167 3.39 3.69 28.84
N MET A 168 2.78 4.83 28.59
CA MET A 168 2.92 5.49 27.29
C MET A 168 4.26 6.19 27.15
N LEU A 169 4.87 6.63 28.26
CA LEU A 169 6.24 7.17 28.19
C LEU A 169 7.28 6.07 27.94
N ARG A 170 6.99 4.84 28.37
CA ARG A 170 7.82 3.71 28.02
C ARG A 170 7.59 3.37 26.53
N TYR A 171 6.35 3.47 26.09
CA TYR A 171 6.03 3.17 24.71
C TYR A 171 6.77 4.11 23.76
N ILE A 172 6.77 5.40 24.06
CA ILE A 172 7.33 6.38 23.16
C ILE A 172 8.85 6.40 23.18
N ARG A 173 9.48 6.19 24.34
CA ARG A 173 10.93 6.00 24.39
C ARG A 173 11.33 4.75 23.61
N THR A 174 10.61 3.66 23.83
CA THR A 174 10.83 2.44 23.05
C THR A 174 10.71 2.69 21.55
N LEU A 175 9.72 3.49 21.15
CA LEU A 175 9.52 3.81 19.75
C LEU A 175 10.71 4.55 19.16
N ALA A 176 11.24 5.52 19.90
CA ALA A 176 12.46 6.22 19.46
C ALA A 176 13.62 5.24 19.28
N SER A 177 13.87 4.39 20.27
CA SER A 177 14.94 3.40 20.16
C SER A 177 14.75 2.52 18.95
N ARG A 178 13.50 2.11 18.77
CA ARG A 178 13.15 1.20 17.72
C ARG A 178 13.33 1.85 16.35
N ALA A 179 12.87 3.08 16.19
CA ALA A 179 13.05 3.78 14.93
C ALA A 179 14.55 3.93 14.61
N ALA A 180 15.35 4.32 15.60
CA ALA A 180 16.78 4.47 15.39
C ALA A 180 17.41 3.14 15.03
N GLY A 181 16.93 2.08 15.68
CA GLY A 181 17.52 0.76 15.56
C GLY A 181 17.25 0.23 14.18
N GLU A 182 16.08 0.58 13.65
CA GLU A 182 15.66 0.12 12.33
C GLU A 182 16.42 0.86 11.22
N ALA A 183 16.66 2.15 11.39
CA ALA A 183 17.44 2.89 10.42
C ALA A 183 18.86 2.33 10.28
N GLN A 184 19.43 1.83 11.39
CA GLN A 184 20.80 1.29 11.41
C GLN A 184 20.87 -0.20 11.12
N LYS A 185 19.76 -0.89 11.27
CA LYS A 185 19.71 -2.31 11.00
C LYS A 185 19.91 -2.55 9.50
N ARG A 186 20.73 -3.55 9.16
CA ARG A 186 21.15 -3.75 7.78
C ARG A 186 20.01 -3.89 6.79
N PRO A 187 20.34 -3.68 5.52
CA PRO A 187 20.11 -2.55 4.64
C PRO A 187 19.73 -1.36 5.52
N MET A 188 20.72 -0.56 5.89
CA MET A 188 20.43 0.70 6.55
C MET A 188 19.52 1.47 5.60
N GLY A 189 18.71 2.37 6.15
CA GLY A 189 17.92 3.21 5.29
C GLY A 189 17.02 4.07 6.12
N PRO A 190 16.07 4.75 5.46
CA PRO A 190 15.13 5.63 6.10
C PRO A 190 14.02 4.89 6.83
N VAL A 191 13.53 5.49 7.91
CA VAL A 191 12.35 5.02 8.59
C VAL A 191 11.47 6.24 8.80
N HIS A 192 10.20 6.02 9.07
CA HIS A 192 9.24 7.12 9.14
C HIS A 192 8.35 7.00 10.37
N VAL A 193 8.33 8.03 11.21
CA VAL A 193 7.36 8.06 12.29
C VAL A 193 6.45 9.27 12.04
N ASN A 194 5.15 9.01 11.90
CA ASN A 194 4.21 10.09 11.68
C ASN A 194 3.67 10.47 13.04
N VAL A 195 3.77 11.75 13.39
CA VAL A 195 3.51 12.13 14.77
C VAL A 195 2.29 13.06 14.93
N PRO A 196 1.11 12.48 15.17
CA PRO A 196 -0.08 13.32 15.36
C PRO A 196 0.00 14.11 16.66
N LEU A 197 -0.36 15.39 16.60
CA LEU A 197 -0.20 16.28 17.74
C LEU A 197 -1.42 17.16 17.94
N ARG A 198 -1.87 17.27 19.18
CA ARG A 198 -3.05 18.06 19.48
C ARG A 198 -2.70 19.42 20.07
N GLU A 199 -3.44 20.43 19.63
CA GLU A 199 -3.23 21.81 20.07
C GLU A 199 -3.54 22.07 21.53
N PRO A 200 -2.48 22.36 22.26
CA PRO A 200 -1.69 23.50 22.72
C PRO A 200 -0.37 22.83 22.31
N LEU A 201 0.38 23.41 21.38
CA LEU A 201 1.52 22.69 20.80
C LEU A 201 2.82 22.95 21.53
N MET A 202 2.90 24.07 22.21
CA MET A 202 4.15 24.47 22.83
C MET A 202 4.40 23.64 24.10
N PRO A 203 5.53 22.90 24.14
CA PRO A 203 5.92 22.14 25.33
C PRO A 203 6.39 23.07 26.43
N ASP A 204 6.24 22.66 27.68
CA ASP A 204 6.73 23.48 28.81
C ASP A 204 8.19 23.21 29.09
N LEU A 205 9.06 24.11 28.65
CA LEU A 205 10.49 23.88 28.75
C LEU A 205 11.01 23.99 30.19
N SER A 206 10.18 24.54 31.08
CA SER A 206 10.58 24.69 32.48
C SER A 206 10.14 23.49 33.34
N ASP A 207 9.68 22.41 32.72
CA ASP A 207 9.19 21.28 33.50
C ASP A 207 9.91 19.98 33.13
N GLU A 208 11.22 20.07 32.93
CA GLU A 208 12.04 18.90 32.59
C GLU A 208 11.41 17.96 31.56
N PRO A 209 11.20 18.46 30.34
CA PRO A 209 10.63 17.65 29.27
C PRO A 209 11.40 16.36 29.01
N PHE A 210 12.70 16.34 29.31
CA PHE A 210 13.56 15.19 29.01
C PHE A 210 13.74 14.21 30.16
N GLY A 211 12.97 14.39 31.23
CA GLY A 211 13.04 13.51 32.38
C GLY A 211 12.97 12.03 32.06
N ARG A 212 13.90 11.26 32.65
CA ARG A 212 14.02 9.83 32.42
C ARG A 212 13.46 8.99 33.57
N MET A 213 13.20 7.72 33.32
CA MET A 213 12.78 6.79 34.36
C MET A 213 13.96 5.88 34.71
N ARG A 214 14.97 5.85 33.84
CA ARG A 214 16.17 5.00 34.00
C ARG A 214 17.41 5.88 33.92
N THR A 215 18.56 5.31 34.24
CA THR A 215 19.83 6.00 34.03
C THR A 215 20.25 5.55 32.65
N GLY A 216 20.41 6.47 31.72
CA GLY A 216 20.84 6.07 30.36
C GLY A 216 19.71 5.57 29.48
N ARG A 217 20.08 4.84 28.42
CA ARG A 217 19.13 4.35 27.43
C ARG A 217 17.98 3.59 28.05
N HIS A 218 16.77 3.85 27.59
CA HIS A 218 15.63 2.99 27.91
C HIS A 218 15.84 1.55 27.43
N VAL A 219 16.02 1.37 26.11
CA VAL A 219 16.42 0.08 25.54
C VAL A 219 17.65 0.35 24.71
N SER A 220 18.66 -0.50 24.80
CA SER A 220 19.76 -0.39 23.88
C SER A 220 19.62 -1.51 22.86
N VAL A 221 19.85 -1.17 21.60
CA VAL A 221 19.66 -2.09 20.50
C VAL A 221 21.04 -2.49 19.99
N LYS A 222 21.35 -3.78 20.04
CA LYS A 222 22.64 -4.25 19.54
C LYS A 222 22.44 -5.02 18.25
N THR A 223 22.70 -4.38 17.12
CA THR A 223 22.67 -5.08 15.85
C THR A 223 24.00 -5.80 15.73
N GLY A 224 24.08 -6.79 14.87
CA GLY A 224 25.34 -7.50 14.71
C GLY A 224 25.75 -7.53 13.26
N THR A 225 26.50 -8.57 12.91
CA THR A 225 27.01 -8.71 11.55
C THR A 225 26.68 -10.11 11.05
N GLN A 226 26.58 -10.29 9.73
CA GLN A 226 26.21 -11.57 9.18
C GLN A 226 27.43 -12.34 8.70
N SER A 227 27.44 -13.63 8.97
CA SER A 227 28.55 -14.49 8.61
C SER A 227 28.02 -15.76 7.96
N VAL A 228 28.76 -16.24 6.97
CA VAL A 228 28.58 -17.57 6.43
C VAL A 228 29.77 -18.39 6.95
N ASP A 229 29.52 -19.62 7.41
CA ASP A 229 30.58 -20.43 8.00
C ASP A 229 31.51 -21.03 6.95
N ARG A 230 32.67 -21.48 7.40
CA ARG A 230 33.68 -22.11 6.54
C ARG A 230 33.05 -23.11 5.58
N GLU A 231 32.19 -23.98 6.10
CA GLU A 231 31.67 -25.11 5.34
C GLU A 231 30.79 -24.75 4.15
N SER A 232 29.88 -23.78 4.30
CA SER A 232 29.05 -23.39 3.16
C SER A 232 29.79 -22.47 2.19
N LEU A 233 31.03 -22.12 2.53
CA LEU A 233 31.89 -21.36 1.64
C LEU A 233 32.78 -22.27 0.79
N SER A 234 32.78 -23.57 1.10
CA SER A 234 33.58 -24.58 0.39
C SER A 234 33.62 -24.44 -1.13
N ASP A 235 32.45 -24.50 -1.78
CA ASP A 235 32.43 -24.45 -3.23
C ASP A 235 33.14 -23.23 -3.78
N VAL A 236 32.87 -22.08 -3.18
CA VAL A 236 33.40 -20.82 -3.66
C VAL A 236 34.90 -20.73 -3.40
N ALA A 237 35.31 -21.19 -2.21
CA ALA A 237 36.72 -21.24 -1.87
C ALA A 237 37.47 -22.15 -2.83
N GLU A 238 36.89 -23.31 -3.10
CA GLU A 238 37.49 -24.30 -4.00
C GLU A 238 37.67 -23.74 -5.39
N MET A 239 36.63 -23.10 -5.93
CA MET A 239 36.73 -22.54 -7.28
C MET A 239 37.72 -21.37 -7.33
N LEU A 240 37.88 -20.64 -6.23
CA LEU A 240 38.80 -19.51 -6.20
C LEU A 240 40.25 -19.97 -6.08
N ALA A 241 40.51 -20.99 -5.26
CA ALA A 241 41.83 -21.60 -5.23
C ALA A 241 42.21 -22.09 -6.63
N GLU A 242 41.26 -22.67 -7.36
CA GLU A 242 41.55 -23.26 -8.67
C GLU A 242 41.54 -22.27 -9.83
N ALA A 243 40.79 -21.18 -9.71
CA ALA A 243 40.72 -20.25 -10.84
C ALA A 243 41.91 -19.30 -10.85
N GLU A 244 42.80 -19.49 -11.82
CA GLU A 244 43.84 -18.53 -12.07
C GLU A 244 43.25 -17.20 -12.52
N LYS A 245 42.40 -17.24 -13.55
CA LYS A 245 41.88 -16.02 -14.16
C LYS A 245 40.63 -15.46 -13.45
N GLY A 246 40.83 -14.75 -12.35
CA GLY A 246 39.72 -14.14 -11.65
C GLY A 246 39.81 -12.63 -11.59
N MET A 247 38.69 -11.96 -11.37
CA MET A 247 38.73 -10.54 -11.16
C MET A 247 37.80 -10.10 -10.04
N ILE A 248 38.24 -9.11 -9.28
CA ILE A 248 37.40 -8.53 -8.27
C ILE A 248 36.86 -7.22 -8.78
N VAL A 249 35.55 -7.03 -8.61
CA VAL A 249 34.90 -5.79 -8.97
C VAL A 249 34.34 -5.13 -7.72
N CYS A 250 34.82 -3.94 -7.44
CA CYS A 250 34.50 -3.29 -6.21
C CYS A 250 33.78 -1.97 -6.45
N GLY A 251 32.51 -1.91 -6.06
CA GLY A 251 31.74 -0.68 -6.12
C GLY A 251 31.86 0.07 -4.81
N GLU A 252 30.94 1.00 -4.56
CA GLU A 252 30.94 1.83 -3.35
C GLU A 252 31.27 1.06 -2.08
N LEU A 253 32.34 1.48 -1.41
CA LEU A 253 32.71 0.90 -0.11
C LEU A 253 32.70 1.98 0.96
N HIS A 254 32.54 1.58 2.22
CA HIS A 254 32.63 2.54 3.32
C HIS A 254 33.55 2.06 4.43
N SER A 255 33.49 0.77 4.72
CA SER A 255 34.28 0.19 5.78
C SER A 255 35.79 0.19 5.46
N ASP A 256 36.59 0.69 6.40
CA ASP A 256 38.06 0.66 6.27
C ASP A 256 38.60 -0.76 6.40
N ALA A 257 37.97 -1.53 7.28
CA ALA A 257 38.31 -2.93 7.45
C ALA A 257 38.03 -3.66 6.14
N ASP A 258 36.92 -3.33 5.48
CA ASP A 258 36.56 -4.01 4.24
C ASP A 258 37.60 -3.73 3.13
N LYS A 259 37.93 -2.46 2.93
CA LYS A 259 38.97 -2.08 1.99
C LYS A 259 40.25 -2.89 2.24
N GLU A 260 40.75 -2.87 3.47
CA GLU A 260 41.99 -3.59 3.81
C GLU A 260 41.87 -5.06 3.45
N ASN A 261 40.72 -5.64 3.75
CA ASN A 261 40.55 -7.07 3.52
C ASN A 261 40.36 -7.43 2.06
N ILE A 262 39.64 -6.59 1.32
CA ILE A 262 39.45 -6.78 -0.11
C ILE A 262 40.81 -6.66 -0.85
N ILE A 263 41.60 -5.66 -0.48
CA ILE A 263 42.95 -5.53 -1.01
C ILE A 263 43.78 -6.75 -0.67
N ALA A 264 43.74 -7.19 0.59
CA ALA A 264 44.50 -8.35 0.99
C ALA A 264 44.10 -9.57 0.18
N LEU A 265 42.81 -9.70 -0.08
CA LEU A 265 42.31 -10.88 -0.78
C LEU A 265 42.77 -10.90 -2.24
N SER A 266 42.79 -9.74 -2.88
CA SER A 266 43.28 -9.65 -4.27
C SER A 266 44.77 -10.04 -4.37
N LYS A 267 45.54 -9.78 -3.33
CA LYS A 267 46.95 -10.17 -3.35
C LYS A 267 47.15 -11.66 -3.06
N ALA A 268 46.41 -12.17 -2.09
CA ALA A 268 46.39 -13.61 -1.83
C ALA A 268 46.03 -14.38 -3.10
N LEU A 269 45.05 -13.89 -3.84
CA LEU A 269 44.57 -14.58 -5.06
C LEU A 269 45.27 -14.12 -6.33
N GLN A 270 45.96 -12.98 -6.26
CA GLN A 270 46.53 -12.32 -7.43
C GLN A 270 45.45 -12.07 -8.48
N TYR A 271 44.37 -11.41 -8.06
CA TYR A 271 43.32 -10.95 -8.97
C TYR A 271 43.38 -9.42 -9.06
N PRO A 272 43.20 -8.88 -10.26
CA PRO A 272 43.05 -7.43 -10.31
C PRO A 272 41.74 -7.04 -9.62
N ILE A 273 41.68 -5.82 -9.13
CA ILE A 273 40.47 -5.26 -8.59
C ILE A 273 40.04 -4.14 -9.52
N LEU A 274 38.96 -4.34 -10.28
CA LEU A 274 38.42 -3.19 -11.00
C LEU A 274 37.79 -2.29 -9.95
N ALA A 275 38.44 -1.15 -9.71
CA ALA A 275 38.08 -0.26 -8.61
C ALA A 275 37.26 0.92 -9.09
N ASP A 276 35.98 0.88 -8.80
CA ASP A 276 35.07 1.99 -9.06
C ASP A 276 35.51 3.19 -8.20
N PRO A 277 35.36 4.41 -8.72
CA PRO A 277 35.76 5.61 -7.99
C PRO A 277 35.22 5.68 -6.55
N LEU A 278 34.01 5.15 -6.35
CA LEU A 278 33.34 5.16 -5.06
C LEU A 278 33.85 4.08 -4.13
N SER A 279 34.66 3.16 -4.65
CA SER A 279 35.35 2.22 -3.79
C SER A 279 36.37 3.03 -2.97
N ASN A 280 36.83 4.14 -3.56
CA ASN A 280 37.89 4.95 -2.97
C ASN A 280 39.23 4.21 -2.88
N LEU A 281 39.32 3.08 -3.56
CA LEU A 281 40.57 2.34 -3.72
C LEU A 281 41.61 3.04 -4.63
N ARG A 282 41.17 4.07 -5.34
CA ARG A 282 42.08 4.79 -6.24
C ARG A 282 42.83 5.96 -5.58
N ASN A 283 42.45 6.31 -4.36
CA ASN A 283 42.98 7.50 -3.71
C ASN A 283 43.17 7.34 -2.22
N GLY A 284 44.17 6.56 -1.82
CA GLY A 284 44.48 6.38 -0.41
C GLY A 284 45.87 5.83 -0.21
N VAL A 285 46.18 5.46 1.04
CA VAL A 285 47.54 5.04 1.39
C VAL A 285 47.72 3.53 1.26
N HIS A 286 46.62 2.80 1.13
CA HIS A 286 46.67 1.35 0.99
C HIS A 286 47.56 0.96 -0.18
N ASP A 287 47.90 -0.32 -0.26
CA ASP A 287 48.64 -0.85 -1.40
C ASP A 287 47.74 -0.85 -2.63
N LYS A 288 48.20 -0.26 -3.72
CA LYS A 288 47.36 -0.16 -4.92
C LYS A 288 47.88 -1.01 -6.05
N SER A 289 48.84 -1.88 -5.76
CA SER A 289 49.51 -2.69 -6.76
C SER A 289 48.56 -3.57 -7.55
N THR A 290 47.33 -3.69 -7.04
CA THR A 290 46.35 -4.62 -7.59
C THR A 290 45.19 -3.84 -8.24
N VAL A 291 45.11 -2.56 -7.95
CA VAL A 291 44.02 -1.73 -8.37
C VAL A 291 44.12 -1.43 -9.88
N ILE A 292 43.04 -1.71 -10.59
CA ILE A 292 42.90 -1.36 -12.00
C ILE A 292 41.95 -0.18 -12.08
N ASP A 293 42.36 0.88 -12.78
CA ASP A 293 41.56 2.10 -12.80
C ASP A 293 41.04 2.53 -14.19
N ALA A 294 41.50 1.88 -15.25
CA ALA A 294 41.17 2.29 -16.63
C ALA A 294 40.26 1.30 -17.34
N TYR A 295 39.81 0.27 -16.61
CA TYR A 295 38.92 -0.76 -17.15
C TYR A 295 37.71 -0.20 -17.91
N ASP A 296 37.13 0.91 -17.45
CA ASP A 296 35.90 1.39 -18.08
C ASP A 296 36.21 1.75 -19.50
N SER A 297 37.42 2.25 -19.70
CA SER A 297 37.86 2.69 -21.00
C SER A 297 38.28 1.52 -21.87
N PHE A 298 39.31 0.79 -21.43
CA PHE A 298 39.84 -0.31 -22.25
C PHE A 298 38.94 -1.55 -22.40
N LEU A 299 37.95 -1.73 -21.53
CA LEU A 299 37.04 -2.88 -21.68
C LEU A 299 35.94 -2.64 -22.71
N LYS A 300 35.97 -1.48 -23.36
CA LYS A 300 35.09 -1.21 -24.49
C LYS A 300 35.56 -1.96 -25.74
N ASP A 301 36.81 -2.39 -25.74
CA ASP A 301 37.39 -3.05 -26.89
C ASP A 301 37.22 -4.58 -26.87
N ASP A 302 36.67 -5.13 -27.95
CA ASP A 302 36.35 -6.56 -28.00
C ASP A 302 37.57 -7.48 -27.85
N GLU A 303 38.71 -7.04 -28.37
CA GLU A 303 39.92 -7.86 -28.36
C GLU A 303 40.58 -7.89 -26.97
N LEU A 304 40.64 -6.74 -26.32
CA LEU A 304 41.13 -6.68 -24.95
C LEU A 304 40.24 -7.48 -24.02
N LYS A 305 38.93 -7.43 -24.28
CA LYS A 305 37.95 -8.19 -23.51
C LYS A 305 38.21 -9.68 -23.67
N ARG A 306 38.40 -10.10 -24.91
CA ARG A 306 38.75 -11.48 -25.25
C ARG A 306 40.03 -11.97 -24.55
N LYS A 307 41.04 -11.11 -24.48
CA LYS A 307 42.30 -11.48 -23.84
C LYS A 307 42.20 -11.49 -22.32
N LEU A 308 41.47 -10.53 -21.77
CA LEU A 308 41.35 -10.36 -20.33
C LEU A 308 40.13 -11.04 -19.68
N ARG A 309 39.41 -11.87 -20.42
CA ARG A 309 38.20 -12.52 -19.89
C ARG A 309 38.51 -13.45 -18.71
N PRO A 310 37.88 -13.20 -17.55
CA PRO A 310 38.09 -14.04 -16.39
C PRO A 310 37.09 -15.19 -16.35
N ASP A 311 37.47 -16.29 -15.69
CA ASP A 311 36.58 -17.39 -15.39
C ASP A 311 35.66 -17.08 -14.21
N VAL A 312 36.20 -16.46 -13.17
CA VAL A 312 35.39 -16.12 -12.00
C VAL A 312 35.46 -14.63 -11.70
N VAL A 313 34.36 -14.10 -11.20
CA VAL A 313 34.28 -12.72 -10.77
C VAL A 313 33.78 -12.66 -9.34
N ILE A 314 34.42 -11.81 -8.53
CA ILE A 314 33.93 -11.53 -7.19
C ILE A 314 33.51 -10.06 -7.13
N ARG A 315 32.25 -9.83 -6.79
CA ARG A 315 31.75 -8.48 -6.65
C ARG A 315 31.56 -8.12 -5.18
N PHE A 316 32.02 -6.93 -4.82
CA PHE A 316 31.74 -6.30 -3.55
C PHE A 316 31.03 -4.99 -3.84
N GLY A 317 30.11 -4.60 -2.95
CA GLY A 317 29.38 -3.34 -3.05
C GLY A 317 28.35 -3.40 -4.15
N PRO A 318 27.62 -2.30 -4.37
CA PRO A 318 26.65 -2.21 -5.45
C PRO A 318 27.34 -2.29 -6.80
N MET A 319 26.57 -2.31 -7.88
CA MET A 319 27.16 -2.31 -9.20
C MET A 319 28.05 -1.08 -9.38
N PRO A 320 29.17 -1.25 -10.10
CA PRO A 320 29.98 -0.08 -10.40
C PRO A 320 29.26 0.80 -11.42
N VAL A 321 29.77 2.01 -11.61
CA VAL A 321 29.23 2.91 -12.61
C VAL A 321 29.43 2.36 -14.03
N SER A 322 30.54 1.66 -14.24
CA SER A 322 30.97 1.25 -15.57
C SER A 322 29.94 0.44 -16.32
N LYS A 323 29.36 1.05 -17.34
CA LYS A 323 28.46 0.30 -18.21
C LYS A 323 29.15 -0.89 -18.90
N PRO A 324 30.37 -0.68 -19.41
CA PRO A 324 31.06 -1.80 -20.04
C PRO A 324 31.23 -3.04 -19.16
N VAL A 325 31.39 -2.88 -17.85
CA VAL A 325 31.51 -4.06 -17.00
C VAL A 325 30.17 -4.75 -16.87
N PHE A 326 29.11 -3.97 -16.70
CA PHE A 326 27.76 -4.52 -16.69
C PHE A 326 27.52 -5.37 -17.93
N LEU A 327 27.63 -4.77 -19.11
CA LEU A 327 27.35 -5.47 -20.40
C LEU A 327 28.22 -6.70 -20.56
N TRP A 328 29.49 -6.57 -20.18
CA TRP A 328 30.38 -7.70 -20.20
C TRP A 328 29.78 -8.87 -19.41
N LEU A 329 29.54 -8.67 -18.11
CA LEU A 329 28.99 -9.75 -17.27
C LEU A 329 27.63 -10.24 -17.77
N LYS A 330 26.83 -9.33 -18.28
CA LYS A 330 25.51 -9.66 -18.79
C LYS A 330 25.57 -10.49 -20.06
N ASP A 331 26.44 -10.12 -21.00
CA ASP A 331 26.47 -10.76 -22.30
C ASP A 331 27.35 -12.01 -22.36
N ASP A 332 28.16 -12.24 -21.33
CA ASP A 332 28.88 -13.52 -21.22
C ASP A 332 28.50 -14.24 -19.93
N PRO A 333 27.30 -14.82 -19.91
CA PRO A 333 26.80 -15.40 -18.66
C PRO A 333 27.64 -16.57 -18.14
N THR A 334 28.57 -17.08 -18.95
CA THR A 334 29.44 -18.17 -18.52
C THR A 334 30.59 -17.70 -17.62
N ILE A 335 30.76 -16.38 -17.50
CA ILE A 335 31.65 -15.84 -16.49
C ILE A 335 30.99 -16.01 -15.12
N GLN A 336 31.58 -16.83 -14.26
CA GLN A 336 30.98 -17.18 -12.97
CA GLN A 336 30.92 -17.16 -13.00
C GLN A 336 31.13 -16.06 -11.95
N GLN A 337 30.00 -15.43 -11.56
CA GLN A 337 30.02 -14.30 -10.62
C GLN A 337 29.66 -14.70 -9.21
N ILE A 338 30.37 -14.13 -8.26
CA ILE A 338 30.09 -14.31 -6.85
C ILE A 338 29.86 -12.92 -6.30
N VAL A 339 28.64 -12.67 -5.83
CA VAL A 339 28.27 -11.36 -5.31
C VAL A 339 28.22 -11.39 -3.79
N ILE A 340 29.02 -10.55 -3.14
CA ILE A 340 28.96 -10.48 -1.68
C ILE A 340 28.14 -9.27 -1.26
N ASP A 341 27.12 -9.51 -0.45
CA ASP A 341 26.25 -8.45 0.02
C ASP A 341 25.89 -8.76 1.45
N GLU A 342 26.57 -8.13 2.40
CA GLU A 342 26.28 -8.37 3.81
C GLU A 342 24.83 -8.10 4.19
N ASP A 343 24.23 -7.10 3.55
CA ASP A 343 22.90 -6.66 3.91
C ASP A 343 21.77 -7.61 3.50
N GLY A 344 22.05 -8.55 2.61
CA GLY A 344 21.04 -9.51 2.17
C GLY A 344 20.19 -9.06 1.00
N GLY A 345 20.57 -7.95 0.38
CA GLY A 345 19.82 -7.46 -0.75
C GLY A 345 20.09 -8.28 -2.00
N TRP A 346 19.70 -7.74 -3.15
CA TRP A 346 19.91 -8.43 -4.41
C TRP A 346 20.29 -7.47 -5.52
N ARG A 347 21.52 -6.96 -5.48
CA ARG A 347 21.97 -6.04 -6.51
C ARG A 347 22.76 -6.77 -7.62
N ASP A 348 22.07 -7.10 -8.70
CA ASP A 348 22.65 -7.76 -9.87
C ASP A 348 21.73 -7.60 -11.08
N PRO A 349 21.83 -6.48 -11.79
CA PRO A 349 20.95 -6.30 -12.93
C PRO A 349 21.29 -7.19 -14.13
N THR A 350 22.29 -8.07 -14.00
CA THR A 350 22.71 -8.91 -15.14
C THR A 350 21.90 -10.19 -15.23
N GLN A 351 21.18 -10.51 -14.14
CA GLN A 351 20.47 -11.77 -14.01
C GLN A 351 21.40 -12.97 -14.23
N ALA A 352 22.71 -12.72 -14.24
CA ALA A 352 23.66 -13.79 -14.53
C ALA A 352 24.51 -14.28 -13.38
N SER A 353 24.38 -13.69 -12.19
CA SER A 353 25.26 -14.11 -11.10
C SER A 353 25.04 -15.58 -10.75
N ALA A 354 26.06 -16.21 -10.20
CA ALA A 354 26.03 -17.64 -9.90
C ALA A 354 25.93 -17.90 -8.39
N HIS A 355 26.36 -16.93 -7.59
CA HIS A 355 26.28 -17.04 -6.14
C HIS A 355 25.96 -15.70 -5.51
N MET A 356 24.97 -15.69 -4.64
CA MET A 356 24.70 -14.54 -3.79
C MET A 356 25.09 -14.92 -2.36
N ILE A 357 26.17 -14.35 -1.84
CA ILE A 357 26.61 -14.62 -0.48
C ILE A 357 26.24 -13.49 0.50
N HIS A 358 25.32 -13.76 1.40
CA HIS A 358 24.89 -12.76 2.38
C HIS A 358 25.86 -12.74 3.55
N CYS A 359 27.01 -12.09 3.36
CA CYS A 359 28.09 -12.19 4.31
C CYS A 359 28.88 -10.91 4.39
N ASN A 360 29.33 -10.56 5.59
CA ASN A 360 30.29 -9.49 5.77
C ASN A 360 31.51 -9.70 4.85
N ALA A 361 31.91 -8.63 4.17
CA ALA A 361 33.00 -8.67 3.21
C ALA A 361 34.33 -9.05 3.88
N SER A 362 34.61 -8.48 5.03
CA SER A 362 35.84 -8.83 5.76
C SER A 362 35.80 -10.28 6.20
N VAL A 363 34.66 -10.73 6.73
CA VAL A 363 34.55 -12.11 7.16
C VAL A 363 34.78 -13.01 5.94
N PHE A 364 34.03 -12.77 4.86
CA PHE A 364 34.19 -13.53 3.62
C PHE A 364 35.65 -13.62 3.19
N ALA A 365 36.32 -12.46 3.17
CA ALA A 365 37.71 -12.37 2.75
C ALA A 365 38.64 -13.21 3.64
N GLU A 366 38.46 -13.10 4.95
CA GLU A 366 39.27 -13.89 5.88
C GLU A 366 39.05 -15.38 5.69
N GLU A 367 37.79 -15.80 5.51
CA GLU A 367 37.51 -17.22 5.25
C GLU A 367 38.20 -17.75 4.00
N ILE A 368 38.13 -17.02 2.89
CA ILE A 368 38.80 -17.49 1.67
C ILE A 368 40.31 -17.57 1.89
N MET A 369 40.91 -16.52 2.45
CA MET A 369 42.34 -16.48 2.70
C MET A 369 42.81 -17.62 3.61
N ALA A 370 42.01 -17.92 4.64
CA ALA A 370 42.32 -19.00 5.58
C ALA A 370 42.35 -20.38 4.90
N GLY A 371 41.55 -20.54 3.85
CA GLY A 371 41.48 -21.82 3.15
C GLY A 371 42.46 -21.95 2.00
N LEU A 372 43.24 -20.90 1.75
CA LEU A 372 44.28 -20.94 0.71
C LEU A 372 45.56 -21.56 1.24
N THR A 373 46.26 -22.32 0.39
CA THR A 373 47.54 -22.89 0.81
C THR A 373 48.59 -21.80 0.82
N ALA A 374 49.74 -22.12 1.40
CA ALA A 374 50.82 -21.15 1.54
C ALA A 374 51.55 -20.92 0.22
N ALA A 375 51.28 -21.75 -0.77
CA ALA A 375 51.95 -21.70 -2.07
C ALA A 375 51.94 -20.32 -2.74
N THR A 376 53.08 -19.92 -3.29
CA THR A 376 53.18 -18.71 -4.11
C THR A 376 52.07 -18.70 -5.16
N ARG A 377 51.32 -17.61 -5.19
CA ARG A 377 50.35 -17.40 -6.27
C ARG A 377 51.01 -16.79 -7.49
N SER A 378 50.79 -17.40 -8.65
CA SER A 378 51.34 -16.83 -9.87
C SER A 378 50.73 -15.47 -10.20
N SER A 379 51.57 -14.55 -10.66
CA SER A 379 51.14 -13.19 -10.91
C SER A 379 51.06 -12.83 -12.39
N GLU A 380 51.21 -13.80 -13.28
CA GLU A 380 51.16 -13.51 -14.71
C GLU A 380 49.81 -12.96 -15.15
N TRP A 381 48.74 -13.62 -14.72
CA TRP A 381 47.40 -13.12 -14.99
C TRP A 381 47.30 -11.67 -14.55
N LEU A 382 47.71 -11.39 -13.32
CA LEU A 382 47.60 -10.02 -12.82
C LEU A 382 48.44 -9.06 -13.66
N GLU A 383 49.61 -9.52 -14.12
CA GLU A 383 50.53 -8.68 -14.91
C GLU A 383 49.96 -8.30 -16.27
N LYS A 384 49.14 -9.17 -16.86
CA LYS A 384 48.48 -8.83 -18.11
C LYS A 384 47.66 -7.58 -17.86
N TRP A 385 46.92 -7.58 -16.76
CA TRP A 385 46.02 -6.47 -16.44
C TRP A 385 46.77 -5.17 -16.14
N GLN A 386 47.83 -5.24 -15.33
CA GLN A 386 48.66 -4.08 -14.99
CA GLN A 386 48.62 -4.05 -15.01
C GLN A 386 49.32 -3.50 -16.26
N PHE A 387 49.74 -4.40 -17.15
CA PHE A 387 50.31 -4.03 -18.46
C PHE A 387 49.31 -3.20 -19.28
N VAL A 388 48.13 -3.76 -19.50
CA VAL A 388 47.07 -3.07 -20.23
C VAL A 388 46.78 -1.70 -19.62
N ASN A 389 46.53 -1.69 -18.31
CA ASN A 389 46.19 -0.47 -17.61
C ASN A 389 47.30 0.56 -17.73
N GLY A 390 48.54 0.15 -17.49
CA GLY A 390 49.68 1.07 -17.55
C GLY A 390 49.92 1.65 -18.94
N ARG A 391 49.90 0.79 -19.95
CA ARG A 391 50.06 1.27 -21.32
C ARG A 391 48.95 2.23 -21.71
N PHE A 392 47.72 1.93 -21.28
CA PHE A 392 46.62 2.83 -21.60
C PHE A 392 46.91 4.19 -21.00
N ARG A 393 47.25 4.23 -19.72
CA ARG A 393 47.45 5.50 -19.01
C ARG A 393 48.66 6.31 -19.48
N GLU A 394 49.72 5.60 -19.85
CA GLU A 394 50.93 6.22 -20.38
C GLU A 394 50.64 6.92 -21.71
N HIS A 395 49.97 6.21 -22.61
CA HIS A 395 49.63 6.82 -23.88
C HIS A 395 48.71 8.04 -23.73
N LEU A 396 47.83 8.01 -22.74
CA LEU A 396 46.94 9.14 -22.49
C LEU A 396 47.72 10.34 -21.95
N GLN A 397 48.79 10.03 -21.23
CA GLN A 397 49.72 11.04 -20.74
C GLN A 397 50.18 11.96 -21.87
N THR A 398 50.51 11.36 -23.01
CA THR A 398 51.04 12.10 -24.15
C THR A 398 50.00 12.95 -24.87
N ILE A 399 48.72 12.72 -24.61
CA ILE A 399 47.69 13.56 -25.24
C ILE A 399 47.44 14.79 -24.38
N SER A 400 47.50 15.96 -25.00
CA SER A 400 47.45 17.23 -24.27
C SER A 400 46.11 17.47 -23.57
N SER A 401 46.16 18.16 -22.45
CA SER A 401 44.98 18.44 -21.66
C SER A 401 44.76 19.93 -21.46
N GLU A 402 45.51 20.75 -22.19
CA GLU A 402 45.45 22.21 -22.03
C GLU A 402 44.07 22.81 -22.30
N ASP A 403 43.32 22.19 -23.21
CA ASP A 403 42.05 22.75 -23.69
C ASP A 403 40.94 22.69 -22.64
N VAL A 404 40.62 23.85 -22.07
CA VAL A 404 39.64 23.91 -20.99
C VAL A 404 38.20 23.69 -21.47
N SER A 405 38.00 23.77 -22.78
CA SER A 405 36.65 23.55 -23.37
C SER A 405 36.32 22.06 -23.60
N PHE A 406 37.31 21.18 -23.47
CA PHE A 406 37.03 19.76 -23.49
C PHE A 406 36.90 19.19 -22.08
N GLU A 407 35.72 18.63 -21.79
CA GLU A 407 35.26 18.35 -20.46
C GLU A 407 36.12 17.30 -19.78
N GLY A 408 36.59 16.32 -20.54
CA GLY A 408 37.46 15.29 -19.96
C GLY A 408 38.63 15.88 -19.20
N ASN A 409 39.18 16.99 -19.71
CA ASN A 409 40.41 17.57 -19.17
C ASN A 409 40.31 18.02 -17.71
N LEU A 410 39.22 18.70 -17.38
CA LEU A 410 38.95 19.08 -15.99
C LEU A 410 39.31 17.93 -15.02
N TYR A 411 38.90 16.71 -15.32
CA TYR A 411 39.13 15.58 -14.41
C TYR A 411 40.58 15.07 -14.44
N ARG A 412 41.23 15.15 -15.60
CA ARG A 412 42.65 14.76 -15.70
C ARG A 412 43.53 15.69 -14.86
N ILE A 413 43.15 16.96 -14.78
CA ILE A 413 43.79 17.97 -13.97
C ILE A 413 43.32 17.89 -12.48
N LEU A 414 42.01 17.92 -12.27
CA LEU A 414 41.42 17.93 -10.92
C LEU A 414 41.88 16.82 -9.97
N GLN A 415 42.23 15.66 -10.52
CA GLN A 415 42.57 14.51 -9.69
C GLN A 415 43.81 14.74 -8.80
N HIS A 416 44.74 15.54 -9.27
CA HIS A 416 45.97 15.80 -8.52
C HIS A 416 45.79 16.97 -7.58
N LEU A 417 44.68 17.68 -7.73
CA LEU A 417 44.45 18.92 -7.00
C LEU A 417 43.56 18.78 -5.77
N VAL A 418 42.76 17.71 -5.70
CA VAL A 418 41.85 17.54 -4.59
C VAL A 418 42.64 17.38 -3.29
N PRO A 419 42.47 18.35 -2.37
CA PRO A 419 43.27 18.43 -1.14
C PRO A 419 43.18 17.13 -0.32
N GLU A 420 44.30 16.68 0.22
CA GLU A 420 44.32 15.48 1.04
C GLU A 420 43.35 15.62 2.21
N ASN A 421 42.75 14.49 2.60
CA ASN A 421 41.76 14.43 3.68
C ASN A 421 40.54 15.33 3.45
N SER A 422 40.23 15.64 2.21
CA SER A 422 39.01 16.38 1.92
C SER A 422 38.04 15.45 1.20
N SER A 423 36.86 15.98 0.84
CA SER A 423 35.92 15.21 0.05
C SER A 423 35.64 15.81 -1.33
N LEU A 424 35.49 14.92 -2.30
CA LEU A 424 34.97 15.28 -3.60
C LEU A 424 33.58 14.68 -3.75
N PHE A 425 32.58 15.54 -3.84
CA PHE A 425 31.25 15.06 -4.15
C PHE A 425 30.99 15.19 -5.66
N VAL A 426 30.63 14.08 -6.27
CA VAL A 426 30.61 14.00 -7.71
C VAL A 426 29.18 13.90 -8.20
N GLY A 427 28.79 14.87 -9.02
CA GLY A 427 27.43 14.95 -9.52
C GLY A 427 27.15 13.75 -10.38
N ASN A 428 25.87 13.50 -10.62
CA ASN A 428 25.48 12.43 -11.51
C ASN A 428 25.58 12.95 -12.93
N SER A 429 25.17 12.14 -13.89
CA SER A 429 25.39 12.41 -15.32
C SER A 429 26.86 12.18 -15.68
N MET A 430 27.50 13.12 -16.37
CA MET A 430 28.85 12.83 -16.89
C MET A 430 29.96 12.89 -15.84
N PRO A 431 29.83 13.79 -14.85
CA PRO A 431 30.94 13.91 -13.88
C PRO A 431 31.35 12.57 -13.28
N ILE A 432 30.38 11.81 -12.78
CA ILE A 432 30.71 10.51 -12.20
C ILE A 432 31.36 9.62 -13.26
N ARG A 433 30.86 9.68 -14.49
CA ARG A 433 31.46 8.89 -15.57
C ARG A 433 32.87 9.35 -15.93
N ASP A 434 33.08 10.67 -15.96
CA ASP A 434 34.41 11.21 -16.26
C ASP A 434 35.41 10.93 -15.14
N VAL A 435 34.96 11.04 -13.89
CA VAL A 435 35.79 10.66 -12.76
C VAL A 435 36.21 9.21 -12.93
N ASP A 436 35.27 8.34 -13.31
CA ASP A 436 35.59 6.94 -13.48
C ASP A 436 36.61 6.83 -14.58
N THR A 437 36.40 7.60 -15.65
CA THR A 437 37.26 7.51 -16.82
C THR A 437 38.67 8.00 -16.53
N PHE A 438 38.81 9.17 -15.92
CA PHE A 438 40.11 9.85 -15.83
C PHE A 438 40.83 9.89 -14.46
N PHE A 439 40.19 9.42 -13.39
CA PHE A 439 40.90 9.37 -12.12
C PHE A 439 41.77 8.11 -12.06
N GLU A 440 43.08 8.31 -12.03
CA GLU A 440 43.99 7.19 -11.88
C GLU A 440 44.25 6.98 -10.40
N LYS A 441 44.86 5.85 -10.07
CA LYS A 441 45.30 5.57 -8.71
C LYS A 441 46.45 6.48 -8.30
N GLN A 442 46.42 6.93 -7.04
CA GLN A 442 47.43 7.83 -6.50
C GLN A 442 47.51 7.63 -4.99
N ASP A 443 48.66 7.93 -4.39
CA ASP A 443 48.85 7.68 -2.96
C ASP A 443 48.14 8.71 -2.07
N ARG A 444 47.68 9.82 -2.64
CA ARG A 444 47.05 10.85 -1.83
C ARG A 444 45.65 10.46 -1.36
N PRO A 445 45.38 10.58 -0.05
CA PRO A 445 44.07 10.21 0.45
C PRO A 445 43.02 11.33 0.36
N PHE A 446 41.84 10.97 -0.12
CA PHE A 446 40.65 11.80 -0.09
C PHE A 446 39.46 10.88 -0.40
N ARG A 447 38.24 11.32 -0.06
CA ARG A 447 37.05 10.50 -0.29
C ARG A 447 36.17 11.09 -1.38
N ILE A 448 35.71 10.20 -2.26
CA ILE A 448 34.78 10.53 -3.32
C ILE A 448 33.39 10.03 -2.94
N TYR A 449 32.40 10.93 -3.01
CA TYR A 449 31.02 10.58 -2.72
C TYR A 449 30.17 10.87 -3.94
N SER A 450 29.13 10.09 -4.13
CA SER A 450 28.14 10.35 -5.15
C SER A 450 26.78 9.73 -4.76
N ASN A 451 25.69 10.35 -5.18
CA ASN A 451 24.37 9.77 -4.98
C ASN A 451 24.08 8.72 -6.02
N ARG A 452 24.63 7.52 -5.84
CA ARG A 452 24.47 6.47 -6.83
C ARG A 452 23.36 5.50 -6.50
N GLY A 453 22.60 5.81 -5.47
CA GLY A 453 21.45 4.99 -5.13
C GLY A 453 20.42 4.96 -6.26
N ALA A 454 20.01 6.14 -6.71
CA ALA A 454 19.02 6.26 -7.77
C ALA A 454 19.52 7.13 -8.93
N ASN A 455 20.74 7.66 -8.77
CA ASN A 455 21.42 8.49 -9.78
C ASN A 455 20.70 9.79 -10.15
N GLY A 456 19.98 10.36 -9.19
CA GLY A 456 19.25 11.60 -9.45
C GLY A 456 20.18 12.80 -9.55
N ILE A 457 19.84 13.70 -10.46
CA ILE A 457 20.53 14.98 -10.58
C ILE A 457 19.90 15.97 -9.60
N ASP A 458 18.87 15.52 -8.89
CA ASP A 458 18.27 16.35 -7.83
C ASP A 458 19.06 16.32 -6.51
N GLY A 459 19.08 17.46 -5.81
CA GLY A 459 19.63 17.51 -4.46
C GLY A 459 21.13 17.32 -4.27
N VAL A 460 21.88 17.31 -5.36
CA VAL A 460 23.31 17.06 -5.26
C VAL A 460 24.03 18.12 -4.44
N VAL A 461 23.59 19.37 -4.54
CA VAL A 461 24.24 20.45 -3.81
C VAL A 461 24.02 20.24 -2.32
N SER A 462 22.76 20.04 -1.94
CA SER A 462 22.42 19.83 -0.53
C SER A 462 23.12 18.58 0.00
N SER A 463 23.29 17.57 -0.84
CA SER A 463 24.00 16.39 -0.38
C SER A 463 25.43 16.76 -0.03
N ALA A 464 26.07 17.48 -0.95
CA ALA A 464 27.41 17.97 -0.75
C ALA A 464 27.50 18.78 0.56
N MET A 465 26.61 19.76 0.72
CA MET A 465 26.51 20.55 1.93
C MET A 465 26.47 19.68 3.17
N GLY A 466 25.66 18.64 3.12
CA GLY A 466 25.54 17.73 4.24
C GLY A 466 26.77 16.90 4.48
N VAL A 467 27.46 16.52 3.41
CA VAL A 467 28.74 15.83 3.59
C VAL A 467 29.74 16.74 4.30
N CYS A 468 29.64 18.03 4.06
CA CYS A 468 30.52 18.97 4.73
C CYS A 468 30.20 19.07 6.22
N GLU A 469 28.92 19.35 6.57
CA GLU A 469 28.50 19.28 7.98
C GLU A 469 28.99 18.00 8.62
N GLY A 470 28.94 16.93 7.84
CA GLY A 470 29.19 15.62 8.38
C GLY A 470 30.64 15.35 8.71
N THR A 471 31.53 15.75 7.80
CA THR A 471 32.95 15.42 7.91
C THR A 471 33.74 16.51 8.62
N LYS A 472 33.15 17.69 8.73
CA LYS A 472 33.86 18.84 9.31
C LYS A 472 35.22 19.05 8.60
N ALA A 473 35.21 18.91 7.28
CA ALA A 473 36.43 19.01 6.45
C ALA A 473 36.09 19.52 5.04
N PRO A 474 37.11 19.87 4.24
CA PRO A 474 36.74 20.54 3.01
C PRO A 474 35.98 19.65 2.04
N VAL A 475 35.03 20.25 1.36
CA VAL A 475 34.30 19.53 0.35
C VAL A 475 34.35 20.28 -0.98
N THR A 476 34.66 19.52 -2.03
CA THR A 476 34.55 20.00 -3.38
C THR A 476 33.41 19.27 -4.06
N LEU A 477 32.58 20.03 -4.77
CA LEU A 477 31.49 19.46 -5.55
C LEU A 477 31.71 19.77 -7.04
N VAL A 478 31.85 18.72 -7.84
CA VAL A 478 31.83 18.82 -9.30
C VAL A 478 30.44 18.43 -9.75
N ILE A 479 29.77 19.33 -10.47
CA ILE A 479 28.37 19.10 -10.83
C ILE A 479 28.09 19.78 -12.17
N GLY A 480 27.21 19.16 -12.96
CA GLY A 480 26.82 19.71 -14.26
C GLY A 480 25.77 20.78 -14.06
N ASP A 481 25.52 21.57 -15.10
CA ASP A 481 24.68 22.75 -15.00
C ASP A 481 23.17 22.51 -14.77
N LEU A 482 22.61 21.46 -15.37
CA LEU A 482 21.20 21.18 -15.12
C LEU A 482 21.03 20.71 -13.68
N SER A 483 21.93 19.86 -13.21
CA SER A 483 21.91 19.41 -11.82
C SER A 483 22.08 20.59 -10.87
N PHE A 484 23.08 21.44 -11.14
CA PHE A 484 23.36 22.62 -10.30
C PHE A 484 22.13 23.51 -10.24
N TYR A 485 21.51 23.74 -11.38
CA TYR A 485 20.25 24.49 -11.41
C TYR A 485 19.19 23.82 -10.52
N HIS A 486 19.10 22.49 -10.61
CA HIS A 486 18.05 21.74 -9.94
C HIS A 486 18.04 22.01 -8.43
N ASP A 487 19.22 22.06 -7.81
CA ASP A 487 19.29 22.34 -6.37
C ASP A 487 20.02 23.63 -6.04
N LEU A 488 19.71 24.69 -6.77
CA LEU A 488 20.16 26.06 -6.43
C LEU A 488 19.77 26.45 -5.01
N ASN A 489 18.59 26.02 -4.59
CA ASN A 489 18.14 26.29 -3.23
C ASN A 489 19.07 25.73 -2.13
N GLY A 490 19.79 24.65 -2.45
CA GLY A 490 20.71 24.02 -1.50
C GLY A 490 21.86 24.92 -1.13
N LEU A 491 22.08 25.96 -1.93
CA LEU A 491 23.16 26.91 -1.68
C LEU A 491 22.85 27.86 -0.52
N LEU A 492 21.62 27.81 0.01
CA LEU A 492 21.24 28.70 1.09
C LEU A 492 21.99 28.28 2.36
N ALA A 493 22.34 27.00 2.40
CA ALA A 493 23.01 26.44 3.56
C ALA A 493 24.36 27.11 3.76
N ALA A 494 24.97 27.58 2.66
CA ALA A 494 26.24 28.32 2.77
C ALA A 494 26.12 29.53 3.72
N LYS A 495 25.28 30.50 3.35
CA LYS A 495 25.04 31.68 4.19
C LYS A 495 24.42 31.29 5.51
N LYS A 496 23.22 30.74 5.43
CA LYS A 496 22.36 30.53 6.58
C LYS A 496 23.00 29.64 7.64
N LEU A 497 23.63 28.56 7.21
CA LEU A 497 24.23 27.60 8.14
C LEU A 497 25.76 27.70 8.17
N GLY A 498 26.31 28.69 7.47
CA GLY A 498 27.76 28.90 7.46
C GLY A 498 28.56 27.68 7.04
N ILE A 499 28.11 26.96 6.04
CA ILE A 499 28.85 25.79 5.60
C ILE A 499 29.70 26.15 4.36
N PRO A 500 31.01 25.85 4.42
CA PRO A 500 31.89 26.13 3.28
C PRO A 500 31.79 25.06 2.19
N LEU A 501 31.78 25.50 0.94
CA LEU A 501 31.75 24.56 -0.19
C LEU A 501 32.42 25.16 -1.41
N THR A 502 33.23 24.36 -2.09
CA THR A 502 33.77 24.76 -3.37
C THR A 502 33.02 24.06 -4.51
N VAL A 503 32.32 24.84 -5.32
CA VAL A 503 31.57 24.25 -6.43
C VAL A 503 32.28 24.44 -7.77
N ILE A 504 32.74 23.32 -8.33
CA ILE A 504 33.28 23.32 -9.67
C ILE A 504 32.13 23.02 -10.61
N LEU A 505 31.58 24.05 -11.23
CA LEU A 505 30.40 23.93 -12.08
C LEU A 505 30.77 23.71 -13.55
N VAL A 506 30.56 22.50 -14.03
CA VAL A 506 30.84 22.17 -15.43
C VAL A 506 29.66 22.55 -16.33
N ASN A 507 29.71 23.74 -16.93
CA ASN A 507 28.59 24.28 -17.69
C ASN A 507 28.74 24.07 -19.18
N ASN A 508 27.99 23.14 -19.75
CA ASN A 508 28.01 22.91 -21.19
C ASN A 508 26.64 23.30 -21.75
N ASP A 509 25.92 24.06 -20.92
CA ASP A 509 24.58 24.57 -21.23
C ASP A 509 23.65 23.48 -21.75
N GLY A 510 23.28 22.55 -20.87
CA GLY A 510 22.35 21.49 -21.23
C GLY A 510 22.77 20.09 -20.81
N GLY A 511 22.05 19.09 -21.31
CA GLY A 511 22.36 17.71 -20.95
C GLY A 511 23.46 17.14 -21.81
N GLY A 512 24.70 17.50 -21.49
CA GLY A 512 25.88 16.99 -22.18
C GLY A 512 25.87 15.50 -22.45
N ILE A 513 25.36 14.73 -21.49
CA ILE A 513 25.37 13.26 -21.54
C ILE A 513 24.60 12.63 -22.72
N PHE A 514 23.54 13.29 -23.16
CA PHE A 514 22.67 12.71 -24.20
C PHE A 514 23.32 12.68 -25.57
N SER A 515 24.48 13.32 -25.68
CA SER A 515 25.23 13.36 -26.93
C SER A 515 25.85 12.00 -27.22
N PHE A 516 25.97 11.16 -26.20
CA PHE A 516 26.51 9.81 -26.39
C PHE A 516 25.45 8.85 -26.90
N LEU A 517 24.20 9.28 -26.87
CA LEU A 517 23.10 8.46 -27.35
C LEU A 517 23.19 8.33 -28.85
N PRO A 518 22.82 7.15 -29.37
CA PRO A 518 22.73 6.95 -30.82
C PRO A 518 21.73 7.93 -31.46
N GLN A 519 20.81 8.43 -30.65
CA GLN A 519 19.73 9.33 -31.09
C GLN A 519 20.11 10.82 -31.08
N ALA A 520 21.37 11.15 -30.82
CA ALA A 520 21.79 12.54 -30.89
C ALA A 520 21.81 13.02 -32.35
N SER A 521 21.70 12.08 -33.28
CA SER A 521 21.67 12.40 -34.70
C SER A 521 20.31 12.97 -35.12
N GLU A 522 19.23 12.36 -34.63
CA GLU A 522 17.88 12.84 -34.91
C GLU A 522 17.75 14.29 -34.44
N LYS A 523 18.48 15.17 -35.11
CA LYS A 523 18.56 16.56 -34.67
C LYS A 523 17.21 17.28 -34.53
N THR A 524 16.17 16.76 -35.19
CA THR A 524 14.90 17.51 -35.26
C THR A 524 14.23 17.68 -33.89
N HIS A 525 14.49 16.78 -32.95
CA HIS A 525 13.93 16.90 -31.60
C HIS A 525 14.97 16.94 -30.48
N PHE A 526 16.18 16.47 -30.77
CA PHE A 526 17.22 16.27 -29.76
C PHE A 526 17.44 17.45 -28.81
N GLU A 527 17.76 18.62 -29.38
CA GLU A 527 18.05 19.79 -28.56
C GLU A 527 16.84 20.16 -27.70
N ASP A 528 15.64 19.98 -28.25
CA ASP A 528 14.40 20.31 -27.52
C ASP A 528 14.14 19.42 -26.31
N LEU A 529 14.45 18.14 -26.44
CA LEU A 529 14.05 17.18 -25.43
C LEU A 529 15.22 16.67 -24.59
N PHE A 530 16.42 16.70 -25.15
CA PHE A 530 17.57 16.15 -24.47
C PHE A 530 18.63 17.20 -24.15
N GLY A 531 19.05 17.98 -25.14
CA GLY A 531 19.95 19.11 -24.89
C GLY A 531 19.45 20.00 -23.76
N THR A 532 18.21 20.47 -23.88
CA THR A 532 17.56 21.34 -22.90
C THR A 532 18.48 22.41 -22.28
N PRO A 533 19.02 23.31 -23.11
CA PRO A 533 19.86 24.41 -22.57
C PRO A 533 19.05 25.31 -21.65
N THR A 534 19.70 26.06 -20.77
CA THR A 534 18.98 27.04 -19.96
C THR A 534 19.38 28.47 -20.30
N GLY A 535 20.62 28.66 -20.75
CA GLY A 535 21.12 30.01 -20.98
C GLY A 535 21.48 30.75 -19.69
N LEU A 536 21.13 30.15 -18.56
CA LEU A 536 21.39 30.71 -17.25
C LEU A 536 22.84 31.24 -17.05
N ASP A 537 22.95 32.46 -16.53
CA ASP A 537 24.23 33.02 -16.13
C ASP A 537 24.41 32.82 -14.62
N PHE A 538 25.14 31.77 -14.24
CA PHE A 538 25.21 31.36 -12.84
C PHE A 538 25.93 32.31 -11.88
N LYS A 539 26.64 33.30 -12.42
CA LYS A 539 27.24 34.29 -11.56
C LYS A 539 26.15 35.01 -10.75
N HIS A 540 24.95 35.11 -11.31
CA HIS A 540 23.82 35.66 -10.55
C HIS A 540 23.48 34.79 -9.34
N ALA A 541 23.67 33.48 -9.49
CA ALA A 541 23.37 32.55 -8.41
C ALA A 541 24.40 32.70 -7.30
N ALA A 542 25.68 32.68 -7.67
CA ALA A 542 26.74 32.97 -6.71
C ALA A 542 26.41 34.26 -5.96
N ALA A 543 25.98 35.29 -6.70
CA ALA A 543 25.64 36.57 -6.08
C ALA A 543 24.44 36.44 -5.14
N LEU A 544 23.38 35.79 -5.60
CA LEU A 544 22.22 35.56 -4.75
C LEU A 544 22.59 34.94 -3.39
N TYR A 545 23.49 33.95 -3.43
CA TYR A 545 23.84 33.19 -2.23
C TYR A 545 25.15 33.63 -1.54
N GLY A 546 25.68 34.79 -1.95
CA GLY A 546 26.84 35.37 -1.30
C GLY A 546 28.11 34.60 -1.51
N GLY A 547 28.23 33.95 -2.66
CA GLY A 547 29.44 33.21 -3.01
C GLY A 547 30.39 34.01 -3.89
N THR A 548 31.66 33.62 -3.89
CA THR A 548 32.62 34.24 -4.80
C THR A 548 32.70 33.44 -6.11
N TYR A 549 32.94 34.14 -7.21
CA TYR A 549 32.88 33.56 -8.55
C TYR A 549 34.22 33.58 -9.28
N SER A 550 34.56 32.48 -9.94
CA SER A 550 35.67 32.46 -10.88
C SER A 550 35.21 31.88 -12.20
N CYS A 551 35.83 32.33 -13.29
CA CYS A 551 35.65 31.73 -14.61
C CYS A 551 37.05 31.58 -15.24
N PRO A 552 37.78 30.53 -14.85
CA PRO A 552 39.14 30.30 -15.36
C PRO A 552 39.21 29.99 -16.85
N ALA A 553 40.17 30.60 -17.52
CA ALA A 553 40.38 30.39 -18.95
C ALA A 553 41.53 29.41 -19.24
N SER A 554 42.23 28.98 -18.20
CA SER A 554 43.26 27.94 -18.34
C SER A 554 43.43 27.18 -17.03
N TRP A 555 44.17 26.09 -17.08
CA TRP A 555 44.37 25.32 -15.87
C TRP A 555 45.17 26.08 -14.82
N ASP A 556 46.03 26.99 -15.28
CA ASP A 556 46.78 27.87 -14.37
C ASP A 556 45.88 28.77 -13.54
N GLU A 557 44.90 29.39 -14.19
CA GLU A 557 43.95 30.21 -13.48
C GLU A 557 43.06 29.35 -12.59
N PHE A 558 42.88 28.09 -13.00
CA PHE A 558 42.10 27.17 -12.20
C PHE A 558 42.86 26.78 -10.94
N LYS A 559 44.12 26.41 -11.10
CA LYS A 559 44.95 26.02 -9.98
C LYS A 559 45.04 27.14 -8.97
N THR A 560 44.85 28.36 -9.45
CA THR A 560 44.95 29.52 -8.60
C THR A 560 43.64 29.86 -7.89
N ALA A 561 42.52 29.60 -8.55
CA ALA A 561 41.23 29.89 -7.94
C ALA A 561 40.79 28.77 -6.99
N TYR A 562 41.23 27.54 -7.25
CA TYR A 562 40.78 26.38 -6.52
C TYR A 562 41.48 26.21 -5.18
N ALA A 563 40.75 26.39 -4.08
CA ALA A 563 41.34 26.30 -2.75
C ALA A 563 40.32 25.93 -1.69
N PRO A 564 39.83 24.68 -1.74
CA PRO A 564 38.84 24.19 -0.81
C PRO A 564 39.30 24.35 0.62
N GLN A 565 38.41 24.79 1.50
CA GLN A 565 38.74 24.89 2.91
C GLN A 565 37.48 24.66 3.75
N ALA A 566 37.66 24.42 5.05
CA ALA A 566 36.52 24.27 5.96
C ALA A 566 36.81 24.91 7.33
N ASP A 567 37.51 26.04 7.33
CA ASP A 567 37.77 26.74 8.58
C ASP A 567 36.78 27.87 8.79
N LYS A 568 36.40 28.53 7.70
CA LYS A 568 35.44 29.64 7.76
C LYS A 568 34.24 29.35 6.85
N PRO A 569 33.16 30.13 7.01
CA PRO A 569 32.12 30.14 5.99
C PRO A 569 32.81 30.43 4.66
N GLY A 570 32.11 30.24 3.54
CA GLY A 570 32.76 30.44 2.25
C GLY A 570 32.25 29.55 1.14
N LEU A 571 31.48 30.16 0.25
CA LEU A 571 30.92 29.49 -0.92
C LEU A 571 31.73 29.94 -2.12
N HIS A 572 32.40 29.01 -2.78
CA HIS A 572 33.16 29.38 -3.97
C HIS A 572 32.62 28.69 -5.22
N LEU A 573 32.17 29.48 -6.19
CA LEU A 573 31.68 28.97 -7.46
C LEU A 573 32.73 29.13 -8.56
N ILE A 574 33.25 28.02 -9.05
CA ILE A 574 34.24 28.04 -10.10
C ILE A 574 33.65 27.44 -11.39
N GLU A 575 33.35 28.29 -12.36
CA GLU A 575 32.63 27.84 -13.55
C GLU A 575 33.57 27.47 -14.68
N ILE A 576 33.39 26.28 -15.24
CA ILE A 576 34.15 25.85 -16.42
C ILE A 576 33.20 25.72 -17.60
N LYS A 577 33.44 26.47 -18.67
CA LYS A 577 32.58 26.43 -19.84
C LYS A 577 33.10 25.41 -20.85
N THR A 578 32.29 24.41 -21.17
CA THR A 578 32.72 23.34 -22.07
C THR A 578 31.75 23.18 -23.24
N ASP A 579 32.13 22.43 -24.26
CA ASP A 579 31.34 22.33 -25.50
C ASP A 579 30.80 20.92 -25.74
N ARG A 580 29.50 20.73 -25.51
CA ARG A 580 28.94 19.38 -25.56
C ARG A 580 28.72 18.89 -26.97
N GLN A 581 28.69 19.81 -27.93
CA GLN A 581 28.49 19.45 -29.32
C GLN A 581 29.68 18.68 -29.88
N SER A 582 30.90 19.05 -29.47
CA SER A 582 32.08 18.39 -29.99
C SER A 582 32.72 17.40 -29.01
N ARG A 583 32.22 17.36 -27.79
CA ARG A 583 32.79 16.51 -26.74
CA ARG A 583 32.85 16.54 -26.77
C ARG A 583 32.92 15.05 -27.13
N VAL A 584 31.82 14.48 -27.60
CA VAL A 584 31.80 13.04 -27.84
C VAL A 584 32.94 12.55 -28.73
N GLN A 585 33.18 13.26 -29.84
CA GLN A 585 34.17 12.82 -30.82
C GLN A 585 35.56 12.97 -30.25
N LEU A 586 35.83 14.09 -29.60
CA LEU A 586 37.11 14.30 -28.94
C LEU A 586 37.35 13.21 -27.90
N HIS A 587 36.33 12.96 -27.07
CA HIS A 587 36.38 11.91 -26.07
C HIS A 587 36.71 10.54 -26.66
N ARG A 588 35.89 10.09 -27.60
CA ARG A 588 36.08 8.77 -28.21
C ARG A 588 37.40 8.60 -28.95
N ASP A 589 37.85 9.67 -29.62
CA ASP A 589 39.11 9.67 -30.38
C ASP A 589 40.26 9.45 -29.41
N MET A 590 40.27 10.29 -28.39
CA MET A 590 41.26 10.25 -27.34
C MET A 590 41.42 8.87 -26.70
N LEU A 591 40.31 8.23 -26.34
CA LEU A 591 40.36 6.91 -25.69
C LEU A 591 40.66 5.78 -26.65
N ASN A 592 40.14 5.86 -27.87
CA ASN A 592 40.43 4.82 -28.87
C ASN A 592 41.90 4.85 -29.26
N GLU A 593 42.45 6.05 -29.33
CA GLU A 593 43.87 6.22 -29.58
C GLU A 593 44.66 5.41 -28.55
N ALA A 594 44.37 5.64 -27.27
CA ALA A 594 45.05 4.92 -26.18
C ALA A 594 44.84 3.40 -26.28
N VAL A 595 43.62 2.98 -26.55
CA VAL A 595 43.34 1.55 -26.71
C VAL A 595 44.21 0.95 -27.81
N ARG A 596 44.29 1.63 -28.94
CA ARG A 596 45.06 1.10 -30.07
C ARG A 596 46.55 0.99 -29.76
N GLU A 597 47.08 1.99 -29.06
CA GLU A 597 48.45 1.89 -28.58
C GLU A 597 48.65 0.62 -27.74
N VAL A 598 47.68 0.30 -26.89
CA VAL A 598 47.73 -0.91 -26.05
C VAL A 598 47.98 -2.15 -26.89
N LYS A 599 47.17 -2.35 -27.93
CA LYS A 599 47.27 -3.54 -28.78
C LYS A 599 48.62 -3.63 -29.50
N LYS A 600 49.09 -2.49 -29.99
CA LYS A 600 50.41 -2.39 -30.59
C LYS A 600 51.45 -2.89 -29.58
N GLN A 601 51.58 -2.18 -28.45
CA GLN A 601 52.50 -2.57 -27.38
C GLN A 601 52.45 -4.05 -27.04
N TRP A 602 51.24 -4.59 -27.00
CA TRP A 602 51.01 -5.97 -26.62
C TRP A 602 51.70 -6.95 -27.58
N GLU A 603 51.79 -6.57 -28.85
CA GLU A 603 52.40 -7.42 -29.87
C GLU A 603 53.91 -7.50 -29.79
N LEU A 604 54.53 -6.45 -29.25
CA LEU A 604 55.95 -6.44 -28.96
C LEU A 604 56.25 -7.33 -27.74
N THR B 26 13.32 -5.86 -38.51
CA THR B 26 12.90 -5.89 -37.07
C THR B 26 12.17 -4.60 -36.62
N VAL B 27 10.86 -4.70 -36.40
CA VAL B 27 10.09 -3.56 -35.95
C VAL B 27 10.18 -3.41 -34.42
N ASN B 28 10.46 -2.19 -33.98
CA ASN B 28 10.42 -1.82 -32.60
C ASN B 28 8.98 -1.67 -32.20
N PRO B 29 8.50 -2.49 -31.23
CA PRO B 29 7.11 -2.42 -30.79
C PRO B 29 6.71 -1.03 -30.26
N ILE B 30 7.69 -0.31 -29.75
CA ILE B 30 7.49 1.00 -29.15
C ILE B 30 6.85 2.03 -30.09
N THR B 31 7.33 2.03 -31.34
CA THR B 31 6.83 2.96 -32.35
C THR B 31 5.31 3.05 -32.37
N HIS B 32 4.64 1.91 -32.54
CA HIS B 32 3.19 1.93 -32.70
C HIS B 32 2.44 1.80 -31.40
N TYR B 33 3.10 1.24 -30.40
CA TYR B 33 2.47 1.03 -29.11
C TYR B 33 2.37 2.35 -28.36
N ILE B 34 3.50 3.01 -28.19
CA ILE B 34 3.49 4.33 -27.58
C ILE B 34 2.97 5.39 -28.54
N GLY B 35 3.17 5.16 -29.84
CA GLY B 35 2.57 5.99 -30.86
C GLY B 35 1.07 6.01 -30.65
N SER B 36 0.48 4.83 -30.46
CA SER B 36 -0.96 4.73 -30.33
C SER B 36 -1.43 5.37 -29.04
N PHE B 37 -0.77 5.02 -27.93
CA PHE B 37 -0.97 5.58 -26.60
C PHE B 37 -1.07 7.08 -26.69
N ILE B 38 0.01 7.69 -27.17
CA ILE B 38 0.08 9.14 -27.23
C ILE B 38 -1.00 9.76 -28.12
N ASP B 39 -1.28 9.13 -29.27
CA ASP B 39 -2.27 9.64 -30.23
C ASP B 39 -3.66 9.65 -29.62
N GLU B 40 -3.97 8.61 -28.85
CA GLU B 40 -5.27 8.50 -28.19
C GLU B 40 -5.44 9.56 -27.11
N PHE B 41 -4.35 9.97 -26.48
CA PHE B 41 -4.48 11.08 -25.53
C PHE B 41 -4.91 12.33 -26.28
N ALA B 42 -4.28 12.58 -27.42
CA ALA B 42 -4.67 13.72 -28.24
C ALA B 42 -6.17 13.61 -28.58
N LEU B 43 -6.56 12.43 -29.07
CA LEU B 43 -7.98 12.19 -29.37
C LEU B 43 -8.91 12.38 -28.17
N SER B 44 -8.41 12.12 -26.96
CA SER B 44 -9.23 12.33 -25.76
C SER B 44 -9.34 13.80 -25.39
N GLY B 45 -8.62 14.66 -26.08
CA GLY B 45 -8.73 16.07 -25.81
C GLY B 45 -7.53 16.69 -25.13
N ILE B 46 -6.47 15.91 -24.91
CA ILE B 46 -5.24 16.44 -24.34
C ILE B 46 -4.55 17.36 -25.35
N THR B 47 -4.18 18.57 -24.95
CA THR B 47 -3.51 19.53 -25.84
C THR B 47 -2.10 19.90 -25.37
N ASP B 48 -1.80 19.58 -24.11
CA ASP B 48 -0.55 20.00 -23.49
C ASP B 48 0.15 18.88 -22.74
N ALA B 49 1.46 18.84 -22.87
CA ALA B 49 2.29 17.90 -22.15
C ALA B 49 3.46 18.63 -21.50
N VAL B 50 3.58 18.50 -20.19
CA VAL B 50 4.74 19.01 -19.45
C VAL B 50 5.77 17.88 -19.40
N VAL B 51 6.93 18.10 -19.99
CA VAL B 51 7.87 17.00 -20.17
C VAL B 51 9.19 17.29 -19.51
N CYS B 52 9.75 16.27 -18.86
CA CYS B 52 11.06 16.42 -18.20
C CYS B 52 12.07 15.49 -18.85
N PRO B 53 13.27 15.99 -19.09
CA PRO B 53 14.22 15.26 -19.93
C PRO B 53 14.66 13.92 -19.33
N GLY B 54 15.00 12.98 -20.20
CA GLY B 54 15.52 11.70 -19.75
C GLY B 54 15.66 10.72 -20.89
N SER B 55 16.52 9.75 -20.69
CA SER B 55 16.77 8.75 -21.72
C SER B 55 15.63 7.73 -21.76
N ARG B 56 15.25 7.19 -20.62
CA ARG B 56 14.22 6.15 -20.61
C ARG B 56 12.84 6.65 -21.05
N SER B 57 12.53 7.92 -20.85
CA SER B 57 11.25 8.45 -21.30
C SER B 57 11.26 8.89 -22.79
N THR B 58 12.36 8.60 -23.49
CA THR B 58 12.54 8.99 -24.90
C THR B 58 11.27 8.90 -25.75
N PRO B 59 10.72 7.69 -25.93
CA PRO B 59 9.59 7.57 -26.84
C PRO B 59 8.40 8.42 -26.42
N LEU B 60 8.26 8.73 -25.13
CA LEU B 60 7.07 9.47 -24.66
C LEU B 60 7.23 10.93 -24.98
N ALA B 61 8.45 11.42 -24.87
CA ALA B 61 8.73 12.84 -25.11
C ALA B 61 8.69 13.15 -26.61
N VAL B 62 9.44 12.35 -27.37
CA VAL B 62 9.53 12.45 -28.82
C VAL B 62 8.17 12.35 -29.53
N LEU B 63 7.37 11.34 -29.17
CA LEU B 63 6.02 11.22 -29.71
C LEU B 63 5.06 12.34 -29.29
N CYS B 64 5.18 12.87 -28.08
CA CYS B 64 4.38 14.04 -27.74
C CYS B 64 4.82 15.22 -28.58
N ALA B 65 6.13 15.29 -28.86
CA ALA B 65 6.68 16.38 -29.64
C ALA B 65 6.23 16.26 -31.11
N ALA B 66 6.27 15.04 -31.66
CA ALA B 66 5.90 14.83 -33.05
C ALA B 66 4.41 15.09 -33.30
N HIS B 67 3.58 14.89 -32.28
CA HIS B 67 2.12 14.95 -32.46
C HIS B 67 1.61 16.38 -32.56
N PRO B 68 0.90 16.69 -33.66
CA PRO B 68 0.42 18.03 -33.98
C PRO B 68 -0.56 18.57 -32.98
N ASP B 69 -1.27 17.73 -32.27
CA ASP B 69 -2.29 18.20 -31.37
C ASP B 69 -1.75 18.53 -29.96
N ILE B 70 -0.49 18.18 -29.69
CA ILE B 70 0.03 18.30 -28.33
C ILE B 70 1.23 19.23 -28.25
N SER B 71 1.07 20.34 -27.51
CA SER B 71 2.19 21.24 -27.22
C SER B 71 3.02 20.69 -26.06
N VAL B 72 4.33 20.61 -26.30
CA VAL B 72 5.26 20.13 -25.30
C VAL B 72 5.93 21.29 -24.55
N HIS B 73 5.76 21.32 -23.24
CA HIS B 73 6.45 22.29 -22.40
C HIS B 73 7.56 21.57 -21.66
N VAL B 74 8.80 21.92 -21.99
CA VAL B 74 9.91 21.23 -21.38
C VAL B 74 10.35 21.94 -20.10
N GLN B 75 10.46 21.16 -19.03
CA GLN B 75 10.91 21.70 -17.74
C GLN B 75 12.02 20.81 -17.22
N ILE B 76 13.07 21.41 -16.66
CA ILE B 76 14.21 20.68 -16.12
C ILE B 76 13.96 20.11 -14.71
N ASP B 77 13.32 20.91 -13.86
CA ASP B 77 13.04 20.55 -12.47
C ASP B 77 11.67 19.91 -12.38
N GLU B 78 11.64 18.60 -12.19
CA GLU B 78 10.40 17.88 -12.13
C GLU B 78 9.39 18.40 -11.11
N ARG B 79 9.86 18.88 -9.97
CA ARG B 79 8.97 19.38 -8.95
C ARG B 79 8.27 20.62 -9.44
N SER B 80 9.02 21.49 -10.13
CA SER B 80 8.46 22.68 -10.77
C SER B 80 7.56 22.27 -11.94
N ALA B 81 7.99 21.28 -12.72
CA ALA B 81 7.20 20.75 -13.83
C ALA B 81 5.81 20.34 -13.35
N GLY B 82 5.78 19.73 -12.16
CA GLY B 82 4.53 19.19 -11.63
C GLY B 82 3.55 20.28 -11.28
N PHE B 83 4.06 21.33 -10.67
CA PHE B 83 3.17 22.41 -10.24
C PHE B 83 2.77 23.32 -11.42
N PHE B 84 3.54 23.25 -12.50
CA PHE B 84 3.21 23.93 -13.74
C PHE B 84 2.07 23.15 -14.41
N ALA B 85 2.20 21.83 -14.48
CA ALA B 85 1.11 21.00 -14.94
C ALA B 85 -0.12 21.33 -14.13
N LEU B 86 0.05 21.41 -12.80
CA LEU B 86 -1.07 21.71 -11.91
C LEU B 86 -1.76 23.01 -12.30
N GLY B 87 -0.99 24.10 -12.39
CA GLY B 87 -1.57 25.38 -12.77
C GLY B 87 -2.27 25.32 -14.13
N LEU B 88 -1.60 24.74 -15.11
CA LEU B 88 -2.18 24.54 -16.44
C LEU B 88 -3.56 23.88 -16.36
N ALA B 89 -3.62 22.76 -15.65
CA ALA B 89 -4.86 22.01 -15.52
C ALA B 89 -5.88 22.78 -14.72
N LYS B 90 -5.41 23.49 -13.70
CA LYS B 90 -6.27 24.27 -12.83
C LYS B 90 -6.99 25.33 -13.67
N ALA B 91 -6.24 25.99 -14.54
CA ALA B 91 -6.83 27.04 -15.35
C ALA B 91 -7.94 26.48 -16.26
N LYS B 92 -7.64 25.42 -16.99
CA LYS B 92 -8.55 24.90 -18.00
C LYS B 92 -9.56 23.86 -17.50
N GLN B 93 -9.42 23.42 -16.25
CA GLN B 93 -10.33 22.44 -15.68
C GLN B 93 -10.43 21.14 -16.51
N ARG B 94 -9.35 20.81 -17.23
CA ARG B 94 -9.25 19.55 -17.97
C ARG B 94 -7.80 19.06 -17.98
N PRO B 95 -7.59 17.74 -18.10
CA PRO B 95 -6.26 17.18 -17.83
C PRO B 95 -5.14 17.65 -18.75
N VAL B 96 -3.91 17.56 -18.24
CA VAL B 96 -2.73 17.69 -19.08
C VAL B 96 -1.82 16.52 -18.78
N LEU B 97 -0.96 16.18 -19.73
CA LEU B 97 0.04 15.14 -19.54
C LEU B 97 1.28 15.67 -18.83
N LEU B 98 1.83 14.87 -17.92
CA LEU B 98 3.04 15.22 -17.15
C LEU B 98 3.94 14.02 -17.18
N ILE B 99 5.15 14.18 -17.72
CA ILE B 99 5.95 13.05 -18.11
C ILE B 99 7.37 13.13 -17.60
N CYS B 100 7.91 12.04 -17.08
CA CYS B 100 9.31 12.05 -16.70
C CYS B 100 9.92 10.68 -16.87
N THR B 101 11.24 10.63 -16.71
CA THR B 101 12.01 9.42 -16.85
C THR B 101 12.00 8.66 -15.52
N SER B 102 12.55 7.45 -15.52
CA SER B 102 12.58 6.64 -14.31
C SER B 102 13.46 7.25 -13.22
N GLY B 103 13.14 6.96 -11.96
CA GLY B 103 13.97 7.35 -10.82
C GLY B 103 13.37 8.42 -9.94
N THR B 104 14.23 9.20 -9.29
CA THR B 104 13.78 10.26 -8.39
C THR B 104 13.08 11.38 -9.14
N ALA B 105 13.22 11.40 -10.46
CA ALA B 105 12.43 12.31 -11.28
C ALA B 105 10.95 12.16 -10.94
N ALA B 106 10.47 10.92 -10.90
CA ALA B 106 9.06 10.65 -10.59
C ALA B 106 8.72 11.01 -9.14
N ALA B 107 9.65 10.76 -8.22
CA ALA B 107 9.43 11.16 -6.82
C ALA B 107 9.17 12.64 -6.67
N ASN B 108 9.83 13.45 -7.49
CA ASN B 108 9.69 14.92 -7.44
C ASN B 108 8.30 15.44 -7.82
N PHE B 109 7.45 14.57 -8.37
CA PHE B 109 6.08 14.96 -8.71
C PHE B 109 5.16 14.85 -7.51
N TYR B 110 5.64 14.18 -6.45
CA TYR B 110 4.78 13.85 -5.32
CA TYR B 110 4.79 13.86 -5.30
C TYR B 110 4.04 15.08 -4.77
N PRO B 111 4.75 16.17 -4.53
CA PRO B 111 4.09 17.35 -3.96
C PRO B 111 2.97 17.93 -4.83
N ALA B 112 3.19 18.01 -6.15
CA ALA B 112 2.13 18.49 -7.05
C ALA B 112 0.97 17.49 -7.11
N VAL B 113 1.31 16.22 -7.15
CA VAL B 113 0.29 15.18 -7.15
C VAL B 113 -0.61 15.27 -5.90
N VAL B 114 0.00 15.44 -4.73
CA VAL B 114 -0.80 15.63 -3.51
C VAL B 114 -1.75 16.82 -3.62
N GLU B 115 -1.21 17.96 -4.03
CA GLU B 115 -2.00 19.19 -4.14
C GLU B 115 -3.13 19.01 -5.18
N ALA B 116 -2.81 18.37 -6.30
CA ALA B 116 -3.79 18.08 -7.34
C ALA B 116 -4.90 17.17 -6.83
N HIS B 117 -4.54 16.20 -5.98
CA HIS B 117 -5.56 15.38 -5.32
C HIS B 117 -6.51 16.19 -4.41
N TYR B 118 -5.99 17.05 -3.54
CA TYR B 118 -6.90 17.77 -2.62
C TYR B 118 -7.58 18.94 -3.32
N SER B 119 -6.91 19.51 -4.30
CA SER B 119 -7.50 20.61 -5.07
C SER B 119 -8.43 20.10 -6.15
N ARG B 120 -8.36 18.81 -6.46
CA ARG B 120 -9.23 18.20 -7.47
C ARG B 120 -8.90 18.78 -8.85
N VAL B 121 -7.63 18.65 -9.22
CA VAL B 121 -7.14 19.08 -10.50
C VAL B 121 -6.70 17.83 -11.28
N PRO B 122 -7.18 17.69 -12.53
CA PRO B 122 -6.91 16.50 -13.34
C PRO B 122 -5.55 16.53 -14.04
N ILE B 123 -4.69 15.57 -13.72
CA ILE B 123 -3.38 15.46 -14.34
C ILE B 123 -3.11 14.00 -14.70
N ILE B 124 -2.55 13.75 -15.87
CA ILE B 124 -2.16 12.40 -16.26
C ILE B 124 -0.65 12.29 -16.16
N VAL B 125 -0.18 11.53 -15.18
CA VAL B 125 1.24 11.40 -14.93
C VAL B 125 1.73 10.12 -15.57
N LEU B 126 2.72 10.25 -16.43
CA LEU B 126 3.32 9.10 -17.10
C LEU B 126 4.76 9.05 -16.68
N THR B 127 5.19 7.93 -16.12
CA THR B 127 6.57 7.81 -15.71
C THR B 127 7.23 6.66 -16.45
N ALA B 128 8.32 6.91 -17.12
CA ALA B 128 8.98 5.82 -17.84
C ALA B 128 9.65 4.86 -16.85
N ASP B 129 9.73 3.58 -17.20
CA ASP B 129 10.36 2.61 -16.30
C ASP B 129 11.24 1.68 -17.13
N ARG B 130 12.18 1.01 -16.45
CA ARG B 130 12.88 -0.14 -17.02
C ARG B 130 11.90 -1.30 -17.20
N PRO B 131 12.24 -2.26 -18.07
CA PRO B 131 11.42 -3.48 -18.18
C PRO B 131 11.67 -4.48 -17.03
N HIS B 132 10.86 -5.51 -16.94
CA HIS B 132 10.90 -6.43 -15.81
C HIS B 132 12.34 -6.88 -15.49
N GLU B 133 13.07 -7.29 -16.52
CA GLU B 133 14.40 -7.88 -16.33
C GLU B 133 15.45 -6.88 -15.81
N LEU B 134 15.04 -5.62 -15.65
CA LEU B 134 15.92 -4.61 -15.08
C LEU B 134 15.31 -3.96 -13.84
N ARG B 135 14.26 -4.57 -13.29
CA ARG B 135 13.60 -3.96 -12.13
C ARG B 135 13.88 -4.72 -10.85
N GLU B 136 13.96 -3.99 -9.74
CA GLU B 136 14.18 -4.55 -8.39
C GLU B 136 15.53 -5.30 -8.23
N VAL B 137 16.48 -5.02 -9.11
CA VAL B 137 17.74 -5.78 -9.13
C VAL B 137 18.98 -4.87 -9.09
N GLY B 138 18.82 -3.67 -8.56
CA GLY B 138 19.92 -2.72 -8.45
C GLY B 138 20.48 -2.16 -9.76
N ALA B 139 19.62 -2.04 -10.78
CA ALA B 139 19.97 -1.42 -12.06
C ALA B 139 20.08 0.07 -11.87
N PRO B 140 20.87 0.76 -12.70
CA PRO B 140 21.03 2.22 -12.55
C PRO B 140 19.75 3.01 -12.79
N GLN B 141 19.45 3.93 -11.88
CA GLN B 141 18.34 4.88 -12.00
C GLN B 141 16.98 4.21 -11.86
N ALA B 142 16.97 2.94 -11.51
CA ALA B 142 15.72 2.17 -11.41
C ALA B 142 15.19 2.10 -9.98
N ILE B 143 13.98 2.58 -9.77
CA ILE B 143 13.33 2.50 -8.46
C ILE B 143 11.96 1.87 -8.59
N ASN B 144 11.35 1.54 -7.47
CA ASN B 144 10.03 0.95 -7.48
C ASN B 144 8.96 2.00 -7.73
N GLN B 145 8.35 1.96 -8.91
CA GLN B 145 7.39 3.01 -9.27
C GLN B 145 5.96 2.54 -9.19
N HIS B 146 5.75 1.31 -8.75
CA HIS B 146 4.40 0.75 -8.67
C HIS B 146 3.63 1.45 -7.57
N PHE B 147 2.48 2.02 -7.90
CA PHE B 147 1.69 2.71 -6.88
C PHE B 147 2.56 3.75 -6.20
N LEU B 148 3.47 4.32 -6.97
CA LEU B 148 4.32 5.38 -6.44
C LEU B 148 3.53 6.42 -5.63
N PHE B 149 2.39 6.88 -6.12
CA PHE B 149 1.72 8.00 -5.46
C PHE B 149 0.63 7.59 -4.51
N GLY B 150 0.56 6.29 -4.22
CA GLY B 150 -0.42 5.76 -3.29
C GLY B 150 -1.83 6.02 -3.77
N ASN B 151 -2.67 6.48 -2.85
CA ASN B 151 -4.06 6.81 -3.16
C ASN B 151 -4.29 8.29 -3.39
N PHE B 152 -3.26 9.09 -3.52
CA PHE B 152 -3.43 10.47 -4.02
C PHE B 152 -3.85 10.46 -5.51
N VAL B 153 -3.76 9.29 -6.10
CA VAL B 153 -4.08 9.07 -7.50
C VAL B 153 -5.25 8.08 -7.46
N LYS B 154 -6.30 8.30 -8.24
CA LYS B 154 -7.45 7.38 -8.12
C LYS B 154 -7.36 6.22 -9.11
N PHE B 155 -6.42 6.33 -10.04
CA PHE B 155 -6.19 5.25 -11.01
C PHE B 155 -4.67 5.10 -11.22
N PHE B 156 -4.19 3.87 -11.10
CA PHE B 156 -2.78 3.56 -11.38
C PHE B 156 -2.67 2.29 -12.17
N THR B 157 -1.78 2.25 -13.16
CA THR B 157 -1.41 0.96 -13.73
C THR B 157 0.00 0.93 -14.26
N ASP B 158 0.61 -0.25 -14.20
CA ASP B 158 1.91 -0.54 -14.81
C ASP B 158 1.57 -1.11 -16.21
N SER B 159 1.70 -0.31 -17.26
CA SER B 159 1.33 -0.80 -18.61
C SER B 159 2.15 -2.01 -19.06
N ALA B 160 1.56 -2.85 -19.89
CA ALA B 160 2.29 -3.98 -20.47
C ALA B 160 3.54 -3.54 -21.22
N LEU B 161 4.55 -4.40 -21.25
CA LEU B 161 5.70 -4.19 -22.14
C LEU B 161 5.19 -3.99 -23.58
N PRO B 162 5.79 -3.06 -24.33
CA PRO B 162 5.23 -2.83 -25.66
C PRO B 162 5.17 -4.08 -26.54
N GLU B 163 4.02 -4.27 -27.17
CA GLU B 163 3.87 -5.26 -28.24
C GLU B 163 3.09 -4.55 -29.33
N GLU B 164 2.98 -5.15 -30.52
CA GLU B 164 2.22 -4.45 -31.56
C GLU B 164 1.18 -5.32 -32.26
N SER B 165 0.73 -6.37 -31.59
CA SER B 165 -0.42 -7.12 -32.05
C SER B 165 -1.66 -6.23 -31.92
N PRO B 166 -2.63 -6.42 -32.83
CA PRO B 166 -3.83 -5.58 -32.84
C PRO B 166 -4.50 -5.48 -31.46
N GLN B 167 -4.55 -6.59 -30.72
CA GLN B 167 -5.20 -6.62 -29.41
C GLN B 167 -4.42 -5.75 -28.39
N MET B 168 -3.09 -5.82 -28.41
CA MET B 168 -2.31 -4.94 -27.53
C MET B 168 -2.41 -3.44 -27.90
N LEU B 169 -2.63 -3.13 -29.18
CA LEU B 169 -2.87 -1.74 -29.60
C LEU B 169 -4.25 -1.24 -29.20
N ARG B 170 -5.22 -2.14 -29.14
CA ARG B 170 -6.53 -1.78 -28.60
C ARG B 170 -6.46 -1.55 -27.09
N TYR B 171 -5.64 -2.36 -26.42
CA TYR B 171 -5.43 -2.26 -24.98
C TYR B 171 -4.83 -0.90 -24.61
N ILE B 172 -3.84 -0.47 -25.38
CA ILE B 172 -3.08 0.73 -25.06
C ILE B 172 -3.86 2.02 -25.40
N ARG B 173 -4.64 1.98 -26.48
CA ARG B 173 -5.52 3.11 -26.81
C ARG B 173 -6.62 3.22 -25.76
N THR B 174 -7.15 2.07 -25.36
CA THR B 174 -8.17 2.05 -24.32
C THR B 174 -7.63 2.58 -22.98
N LEU B 175 -6.38 2.22 -22.66
CA LEU B 175 -5.72 2.67 -21.44
C LEU B 175 -5.57 4.21 -21.44
N ALA B 176 -5.13 4.77 -22.56
CA ALA B 176 -4.99 6.21 -22.65
C ALA B 176 -6.33 6.88 -22.37
N SER B 177 -7.39 6.43 -23.05
CA SER B 177 -8.71 7.09 -22.92
C SER B 177 -9.24 6.93 -21.52
N ARG B 178 -8.96 5.77 -20.95
CA ARG B 178 -9.37 5.47 -19.58
C ARG B 178 -8.63 6.33 -18.53
N ALA B 179 -7.31 6.46 -18.67
CA ALA B 179 -6.54 7.36 -17.82
C ALA B 179 -7.11 8.76 -17.90
N ALA B 180 -7.31 9.24 -19.12
CA ALA B 180 -7.89 10.57 -19.30
C ALA B 180 -9.23 10.65 -18.61
N GLY B 181 -10.05 9.61 -18.82
CA GLY B 181 -11.38 9.56 -18.25
C GLY B 181 -11.41 9.53 -16.73
N GLU B 182 -10.51 8.78 -16.11
CA GLU B 182 -10.44 8.73 -14.65
C GLU B 182 -10.01 10.07 -14.08
N ALA B 183 -9.04 10.73 -14.71
CA ALA B 183 -8.65 12.07 -14.29
C ALA B 183 -9.85 13.04 -14.25
N GLN B 184 -10.68 12.99 -15.30
CA GLN B 184 -11.87 13.85 -15.41
C GLN B 184 -13.09 13.38 -14.60
N LYS B 185 -13.13 12.11 -14.20
CA LYS B 185 -14.24 11.60 -13.40
C LYS B 185 -14.25 12.31 -12.02
N ARG B 186 -15.43 12.66 -11.51
CA ARG B 186 -15.51 13.51 -10.30
C ARG B 186 -14.93 12.90 -9.02
N PRO B 187 -14.55 13.76 -8.08
CA PRO B 187 -13.23 14.08 -7.61
C PRO B 187 -12.29 13.99 -8.80
N MET B 188 -12.23 15.05 -9.62
CA MET B 188 -11.16 15.16 -10.61
C MET B 188 -9.87 15.04 -9.83
N GLY B 189 -8.87 14.41 -10.43
CA GLY B 189 -7.58 14.26 -9.75
C GLY B 189 -6.48 13.73 -10.63
N PRO B 190 -5.29 13.54 -10.02
CA PRO B 190 -4.22 12.99 -10.82
C PRO B 190 -4.41 11.49 -11.01
N VAL B 191 -3.83 10.94 -12.06
CA VAL B 191 -3.79 9.50 -12.25
C VAL B 191 -2.39 9.19 -12.71
N HIS B 192 -2.01 7.93 -12.68
CA HIS B 192 -0.62 7.58 -12.91
C HIS B 192 -0.50 6.34 -13.77
N VAL B 193 0.23 6.44 -14.88
CA VAL B 193 0.53 5.23 -15.65
C VAL B 193 2.05 5.05 -15.64
N ASN B 194 2.50 3.91 -15.14
CA ASN B 194 3.91 3.63 -15.10
C ASN B 194 4.22 2.86 -16.37
N VAL B 195 5.20 3.34 -17.15
CA VAL B 195 5.38 2.82 -18.52
C VAL B 195 6.75 2.17 -18.72
N PRO B 196 6.80 0.84 -18.54
CA PRO B 196 8.07 0.15 -18.73
C PRO B 196 8.37 0.01 -20.21
N LEU B 197 9.64 0.20 -20.56
CA LEU B 197 10.05 0.37 -21.93
C LEU B 197 11.37 -0.34 -22.15
N ARG B 198 11.39 -1.22 -23.13
CA ARG B 198 12.56 -2.00 -23.41
C ARG B 198 13.43 -1.31 -24.45
N GLU B 199 14.72 -1.48 -24.29
CA GLU B 199 15.66 -0.77 -25.12
C GLU B 199 15.85 -1.36 -26.49
N PRO B 200 15.39 -0.61 -27.48
CA PRO B 200 15.93 0.41 -28.32
C PRO B 200 14.74 1.35 -28.10
N LEU B 201 14.98 2.56 -27.61
CA LEU B 201 13.91 3.42 -27.14
C LEU B 201 13.38 4.40 -28.20
N MET B 202 14.17 4.62 -29.25
CA MET B 202 13.79 5.64 -30.23
C MET B 202 12.71 5.09 -31.13
N PRO B 203 11.54 5.73 -31.15
CA PRO B 203 10.52 5.26 -32.05
C PRO B 203 10.85 5.66 -33.49
N ASP B 204 10.41 4.88 -34.47
CA ASP B 204 10.63 5.24 -35.87
C ASP B 204 9.52 6.17 -36.39
N LEU B 205 9.85 7.45 -36.49
CA LEU B 205 8.92 8.51 -36.85
C LEU B 205 8.44 8.51 -38.30
N SER B 206 9.07 7.72 -39.15
CA SER B 206 8.68 7.67 -40.57
C SER B 206 7.82 6.45 -40.87
N ASP B 207 7.37 5.76 -39.82
CA ASP B 207 6.50 4.61 -39.99
C ASP B 207 5.13 4.87 -39.37
N GLU B 208 4.65 6.11 -39.52
CA GLU B 208 3.38 6.55 -38.95
C GLU B 208 3.09 5.92 -37.57
N PRO B 209 3.78 6.40 -36.52
CA PRO B 209 3.56 5.91 -35.16
C PRO B 209 2.11 6.08 -34.69
N PHE B 210 1.42 7.10 -35.21
CA PHE B 210 0.06 7.45 -34.75
C PHE B 210 -1.08 6.73 -35.50
N GLY B 211 -0.74 5.84 -36.42
CA GLY B 211 -1.77 5.15 -37.20
C GLY B 211 -2.89 4.55 -36.37
N ARG B 212 -4.15 4.82 -36.75
CA ARG B 212 -5.32 4.30 -36.04
C ARG B 212 -5.94 3.09 -36.72
N MET B 213 -6.86 2.45 -36.03
CA MET B 213 -7.65 1.33 -36.56
C MET B 213 -9.09 1.80 -36.82
N ARG B 214 -9.41 3.01 -36.36
CA ARG B 214 -10.74 3.62 -36.46
C ARG B 214 -10.59 5.06 -36.91
N THR B 215 -11.68 5.64 -37.40
CA THR B 215 -11.74 7.06 -37.62
C THR B 215 -12.15 7.72 -36.30
N GLY B 216 -11.32 8.63 -35.79
CA GLY B 216 -11.61 9.25 -34.51
C GLY B 216 -11.22 8.43 -33.28
N ARG B 217 -11.84 8.76 -32.15
CA ARG B 217 -11.55 8.12 -30.87
C ARG B 217 -11.74 6.62 -30.92
N HIS B 218 -10.91 5.89 -30.19
CA HIS B 218 -11.14 4.47 -30.01
C HIS B 218 -12.30 4.24 -29.06
N VAL B 219 -12.30 4.95 -27.93
CA VAL B 219 -13.42 4.94 -26.99
C VAL B 219 -13.61 6.36 -26.57
N SER B 220 -14.84 6.85 -26.63
CA SER B 220 -15.12 8.15 -26.06
C SER B 220 -15.75 7.94 -24.69
N VAL B 221 -15.43 8.82 -23.75
CA VAL B 221 -15.88 8.66 -22.37
C VAL B 221 -16.72 9.85 -21.94
N LYS B 222 -17.99 9.59 -21.63
CA LYS B 222 -18.88 10.66 -21.22
C LYS B 222 -19.12 10.59 -19.72
N THR B 223 -18.49 11.50 -18.97
CA THR B 223 -18.73 11.56 -17.53
C THR B 223 -20.00 12.37 -17.31
N GLY B 224 -20.66 12.15 -16.17
CA GLY B 224 -21.95 12.80 -15.91
C GLY B 224 -21.96 13.62 -14.64
N THR B 225 -22.93 14.51 -14.52
CA THR B 225 -23.11 15.34 -13.34
C THR B 225 -24.01 14.63 -12.31
N GLN B 226 -23.84 14.94 -11.02
CA GLN B 226 -24.62 14.24 -10.00
C GLN B 226 -25.88 15.00 -9.59
N SER B 227 -26.97 14.25 -9.43
CA SER B 227 -28.27 14.83 -9.08
C SER B 227 -28.82 14.24 -7.79
N VAL B 228 -29.54 15.06 -7.06
CA VAL B 228 -30.41 14.57 -5.99
C VAL B 228 -31.79 15.11 -6.32
N ASP B 229 -32.82 14.29 -6.09
CA ASP B 229 -34.19 14.61 -6.52
C ASP B 229 -35.01 15.33 -5.44
N ARG B 230 -36.17 15.83 -5.86
CA ARG B 230 -37.02 16.63 -5.00
C ARG B 230 -37.31 15.97 -3.65
N GLU B 231 -37.76 14.71 -3.68
CA GLU B 231 -38.28 14.04 -2.50
C GLU B 231 -37.24 13.81 -1.40
N SER B 232 -36.02 13.47 -1.79
CA SER B 232 -34.96 13.25 -0.81
C SER B 232 -34.32 14.57 -0.39
N LEU B 233 -34.80 15.67 -0.99
CA LEU B 233 -34.30 17.01 -0.72
C LEU B 233 -35.23 17.75 0.25
N SER B 234 -36.45 17.23 0.38
CA SER B 234 -37.50 17.89 1.17
C SER B 234 -37.06 18.42 2.53
N ASP B 235 -36.52 17.55 3.37
CA ASP B 235 -36.05 17.94 4.70
C ASP B 235 -35.31 19.27 4.68
N VAL B 236 -34.32 19.35 3.80
CA VAL B 236 -33.50 20.55 3.65
C VAL B 236 -34.36 21.69 3.12
N ALA B 237 -35.14 21.41 2.08
CA ALA B 237 -36.04 22.39 1.48
C ALA B 237 -36.96 23.00 2.54
N GLU B 238 -37.48 22.15 3.41
CA GLU B 238 -38.38 22.60 4.46
C GLU B 238 -37.67 23.42 5.55
N MET B 239 -36.52 22.96 6.04
CA MET B 239 -35.83 23.71 7.09
C MET B 239 -35.30 25.05 6.56
N LEU B 240 -35.16 25.14 5.25
CA LEU B 240 -34.73 26.40 4.62
C LEU B 240 -35.89 27.37 4.47
N ALA B 241 -37.05 26.86 4.07
CA ALA B 241 -38.24 27.69 3.94
C ALA B 241 -38.64 28.27 5.31
N GLU B 242 -38.59 27.43 6.33
CA GLU B 242 -38.97 27.83 7.68
C GLU B 242 -37.97 28.76 8.37
N ALA B 243 -36.69 28.62 8.04
CA ALA B 243 -35.65 29.40 8.73
C ALA B 243 -35.42 30.77 8.11
N GLU B 244 -35.51 31.81 8.92
CA GLU B 244 -35.23 33.17 8.47
C GLU B 244 -33.74 33.44 8.54
N LYS B 245 -33.15 32.99 9.65
CA LYS B 245 -31.76 33.26 9.95
C LYS B 245 -30.85 32.21 9.29
N GLY B 246 -30.41 32.51 8.08
CA GLY B 246 -29.56 31.60 7.33
C GLY B 246 -28.41 32.37 6.71
N MET B 247 -27.32 31.68 6.45
CA MET B 247 -26.20 32.28 5.74
C MET B 247 -25.54 31.25 4.82
N ILE B 248 -25.03 31.73 3.70
CA ILE B 248 -24.37 30.87 2.76
C ILE B 248 -22.88 31.08 2.91
N VAL B 249 -22.15 29.97 3.04
CA VAL B 249 -20.70 30.03 3.12
C VAL B 249 -20.16 29.39 1.86
N CYS B 250 -19.34 30.14 1.14
CA CYS B 250 -19.02 29.75 -0.20
C CYS B 250 -17.52 29.77 -0.40
N GLY B 251 -16.92 28.58 -0.53
CA GLY B 251 -15.50 28.48 -0.80
C GLY B 251 -15.21 28.54 -2.28
N GLU B 252 -14.09 27.96 -2.68
CA GLU B 252 -13.67 27.95 -4.08
C GLU B 252 -14.74 27.44 -5.04
N LEU B 253 -15.02 28.21 -6.09
CA LEU B 253 -15.95 27.82 -7.15
C LEU B 253 -15.29 27.99 -8.50
N HIS B 254 -15.72 27.22 -9.50
CA HIS B 254 -15.19 27.39 -10.86
C HIS B 254 -16.28 27.52 -11.89
N SER B 255 -17.43 26.91 -11.64
CA SER B 255 -18.55 26.96 -12.58
C SER B 255 -19.20 28.34 -12.60
N ASP B 256 -19.43 28.87 -13.80
CA ASP B 256 -20.17 30.11 -13.93
C ASP B 256 -21.64 29.92 -13.58
N ALA B 257 -22.21 28.82 -14.04
CA ALA B 257 -23.57 28.43 -13.64
C ALA B 257 -23.73 28.50 -12.13
N ASP B 258 -22.86 27.78 -11.41
CA ASP B 258 -22.93 27.70 -9.95
C ASP B 258 -22.93 29.08 -9.29
N LYS B 259 -22.04 29.95 -9.73
CA LYS B 259 -21.98 31.32 -9.24
C LYS B 259 -23.33 32.02 -9.39
N GLU B 260 -23.85 32.10 -10.62
CA GLU B 260 -25.14 32.75 -10.86
C GLU B 260 -26.25 32.09 -10.05
N ASN B 261 -26.21 30.77 -9.95
CA ASN B 261 -27.27 30.05 -9.23
C ASN B 261 -27.19 30.21 -7.72
N ILE B 262 -25.97 30.28 -7.18
CA ILE B 262 -25.79 30.45 -5.74
C ILE B 262 -26.25 31.84 -5.35
N ILE B 263 -25.99 32.79 -6.25
CA ILE B 263 -26.45 34.15 -6.08
C ILE B 263 -27.97 34.21 -6.06
N ALA B 264 -28.58 33.73 -7.14
CA ALA B 264 -30.04 33.59 -7.21
C ALA B 264 -30.60 32.98 -5.92
N LEU B 265 -29.97 31.94 -5.40
CA LEU B 265 -30.44 31.28 -4.17
C LEU B 265 -30.35 32.16 -2.92
N SER B 266 -29.32 33.01 -2.83
CA SER B 266 -29.23 33.95 -1.73
C SER B 266 -30.31 35.03 -1.83
N LYS B 267 -30.57 35.52 -3.04
CA LYS B 267 -31.67 36.47 -3.28
C LYS B 267 -33.01 35.84 -2.91
N ALA B 268 -33.28 34.65 -3.44
CA ALA B 268 -34.50 33.92 -3.13
C ALA B 268 -34.72 33.74 -1.62
N LEU B 269 -33.65 33.39 -0.91
CA LEU B 269 -33.74 33.12 0.53
C LEU B 269 -33.51 34.36 1.38
N GLN B 270 -32.87 35.37 0.78
CA GLN B 270 -32.40 36.55 1.51
C GLN B 270 -31.39 36.13 2.59
N TYR B 271 -30.42 35.30 2.19
CA TYR B 271 -29.30 34.97 3.07
C TYR B 271 -28.08 35.71 2.59
N PRO B 272 -27.24 36.20 3.52
CA PRO B 272 -25.92 36.72 3.13
C PRO B 272 -25.03 35.59 2.60
N ILE B 273 -24.07 35.92 1.76
CA ILE B 273 -23.10 34.95 1.31
C ILE B 273 -21.77 35.37 1.89
N LEU B 274 -21.22 34.54 2.78
CA LEU B 274 -19.85 34.79 3.19
C LEU B 274 -19.04 34.30 2.00
N ALA B 275 -18.47 35.26 1.26
CA ALA B 275 -17.76 34.94 0.02
C ALA B 275 -16.25 34.87 0.20
N ASP B 276 -15.71 33.66 0.02
CA ASP B 276 -14.28 33.43 0.12
C ASP B 276 -13.63 34.02 -1.10
N PRO B 277 -12.46 34.65 -0.92
CA PRO B 277 -11.74 35.21 -2.04
C PRO B 277 -11.80 34.29 -3.25
N LEU B 278 -11.69 32.99 -3.01
CA LEU B 278 -11.61 32.00 -4.07
C LEU B 278 -12.94 31.66 -4.72
N SER B 279 -14.03 32.12 -4.14
CA SER B 279 -15.34 31.98 -4.77
C SER B 279 -15.41 32.93 -5.95
N ASN B 280 -14.57 33.97 -5.89
CA ASN B 280 -14.57 35.07 -6.84
C ASN B 280 -15.91 35.81 -6.96
N LEU B 281 -16.66 35.84 -5.86
CA LEU B 281 -17.94 36.53 -5.78
C LEU B 281 -17.79 37.96 -5.29
N ARG B 282 -16.56 38.31 -4.91
CA ARG B 282 -16.28 39.67 -4.48
C ARG B 282 -15.95 40.54 -5.69
N ASN B 283 -15.58 39.90 -6.80
CA ASN B 283 -15.07 40.61 -7.96
C ASN B 283 -15.71 40.17 -9.28
N GLY B 284 -16.80 40.83 -9.68
CA GLY B 284 -17.49 40.49 -10.92
C GLY B 284 -18.73 41.34 -11.15
N VAL B 285 -19.37 41.16 -12.31
CA VAL B 285 -20.51 42.02 -12.69
C VAL B 285 -21.84 41.57 -12.09
N HIS B 286 -21.85 40.33 -11.59
CA HIS B 286 -22.99 39.75 -10.89
C HIS B 286 -23.51 40.64 -9.74
N ASP B 287 -24.74 40.40 -9.31
CA ASP B 287 -25.32 41.15 -8.20
C ASP B 287 -24.61 40.84 -6.88
N LYS B 288 -23.98 41.86 -6.30
CA LYS B 288 -23.25 41.66 -5.04
C LYS B 288 -23.98 42.17 -3.80
N SER B 289 -25.25 42.54 -3.96
CA SER B 289 -25.98 43.09 -2.81
C SER B 289 -25.97 42.09 -1.65
N THR B 290 -25.93 40.80 -2.00
CA THR B 290 -25.98 39.73 -1.01
C THR B 290 -24.60 39.36 -0.41
N VAL B 291 -23.53 39.77 -1.10
CA VAL B 291 -22.19 39.34 -0.76
C VAL B 291 -21.64 40.02 0.49
N ILE B 292 -21.14 39.22 1.43
CA ILE B 292 -20.47 39.72 2.62
C ILE B 292 -18.97 39.45 2.47
N ASP B 293 -18.16 40.49 2.61
CA ASP B 293 -16.71 40.35 2.41
C ASP B 293 -15.82 40.53 3.66
N ALA B 294 -16.36 41.05 4.75
CA ALA B 294 -15.55 41.37 5.94
C ALA B 294 -15.70 40.39 7.10
N TYR B 295 -16.44 39.32 6.85
CA TYR B 295 -16.74 38.32 7.87
C TYR B 295 -15.51 37.80 8.65
N ASP B 296 -14.40 37.53 7.97
CA ASP B 296 -13.23 36.98 8.67
C ASP B 296 -12.81 37.86 9.83
N SER B 297 -12.88 39.17 9.64
CA SER B 297 -12.51 40.14 10.67
C SER B 297 -13.55 40.27 11.78
N PHE B 298 -14.80 40.56 11.42
CA PHE B 298 -15.80 40.90 12.43
C PHE B 298 -16.40 39.70 13.16
N LEU B 299 -16.18 38.50 12.63
CA LEU B 299 -16.63 37.29 13.31
C LEU B 299 -15.61 36.82 14.37
N LYS B 300 -14.53 37.58 14.53
CA LYS B 300 -13.60 37.35 15.64
C LYS B 300 -14.14 37.95 16.93
N ASP B 301 -15.36 38.45 16.89
CA ASP B 301 -15.96 39.08 18.05
C ASP B 301 -17.12 38.25 18.56
N ASP B 302 -17.09 37.95 19.85
CA ASP B 302 -18.14 37.13 20.47
C ASP B 302 -19.51 37.80 20.41
N GLU B 303 -19.54 39.11 20.61
CA GLU B 303 -20.81 39.83 20.61
C GLU B 303 -21.42 39.86 19.20
N LEU B 304 -20.59 40.19 18.20
CA LEU B 304 -21.07 40.20 16.82
C LEU B 304 -21.52 38.81 16.39
N LYS B 305 -20.82 37.80 16.88
CA LYS B 305 -21.12 36.43 16.54
C LYS B 305 -22.49 36.05 17.09
N ARG B 306 -22.72 36.42 18.36
CA ARG B 306 -23.99 36.19 19.03
C ARG B 306 -25.16 36.81 18.27
N LYS B 307 -25.01 38.05 17.81
CA LYS B 307 -26.10 38.72 17.11
C LYS B 307 -26.30 38.18 15.69
N LEU B 308 -25.23 37.69 15.09
CA LEU B 308 -25.29 37.24 13.71
C LEU B 308 -25.42 35.70 13.58
N ARG B 309 -25.68 35.02 14.69
CA ARG B 309 -25.83 33.57 14.68
C ARG B 309 -26.98 33.10 13.79
N PRO B 310 -26.68 32.25 12.79
CA PRO B 310 -27.72 31.72 11.92
C PRO B 310 -28.22 30.37 12.44
N ASP B 311 -29.50 30.10 12.24
CA ASP B 311 -30.05 28.80 12.59
C ASP B 311 -29.56 27.75 11.59
N VAL B 312 -29.54 28.11 10.30
CA VAL B 312 -28.99 27.22 9.28
C VAL B 312 -27.83 27.82 8.52
N VAL B 313 -26.92 26.96 8.07
CA VAL B 313 -25.84 27.35 7.19
C VAL B 313 -25.82 26.46 5.95
N ILE B 314 -25.61 27.06 4.79
CA ILE B 314 -25.39 26.29 3.57
C ILE B 314 -23.96 26.51 3.11
N ARG B 315 -23.25 25.40 2.88
CA ARG B 315 -21.86 25.48 2.40
C ARG B 315 -21.73 25.04 0.96
N PHE B 316 -20.99 25.81 0.17
CA PHE B 316 -20.61 25.40 -1.17
C PHE B 316 -19.09 25.39 -1.32
N GLY B 317 -18.59 24.34 -1.98
CA GLY B 317 -17.15 24.17 -2.20
C GLY B 317 -16.39 23.84 -0.91
N PRO B 318 -15.06 23.82 -0.99
CA PRO B 318 -14.28 23.47 0.21
C PRO B 318 -14.42 24.53 1.30
N MET B 319 -13.95 24.18 2.50
CA MET B 319 -13.89 25.12 3.60
C MET B 319 -13.27 26.43 3.13
N PRO B 320 -13.85 27.56 3.55
CA PRO B 320 -13.27 28.84 3.19
C PRO B 320 -11.95 28.98 3.91
N VAL B 321 -11.14 29.97 3.53
CA VAL B 321 -9.89 30.22 4.22
C VAL B 321 -10.09 30.66 5.68
N SER B 322 -11.27 31.18 6.00
CA SER B 322 -11.50 31.83 7.29
C SER B 322 -11.51 30.91 8.50
N LYS B 323 -10.49 31.05 9.35
CA LYS B 323 -10.43 30.31 10.62
C LYS B 323 -11.60 30.61 11.57
N PRO B 324 -11.96 31.90 11.72
CA PRO B 324 -13.12 32.26 12.54
C PRO B 324 -14.43 31.60 12.09
N VAL B 325 -14.64 31.49 10.79
CA VAL B 325 -15.86 30.82 10.33
C VAL B 325 -15.82 29.35 10.76
N PHE B 326 -14.65 28.74 10.62
CA PHE B 326 -14.45 27.35 11.01
C PHE B 326 -14.69 27.20 12.50
N LEU B 327 -14.05 28.07 13.29
CA LEU B 327 -14.15 27.98 14.75
C LEU B 327 -15.60 28.17 15.19
N TRP B 328 -16.29 29.08 14.54
CA TRP B 328 -17.67 29.35 14.88
C TRP B 328 -18.55 28.10 14.73
N LEU B 329 -18.49 27.47 13.55
CA LEU B 329 -19.32 26.31 13.25
C LEU B 329 -18.94 25.12 14.12
N LYS B 330 -17.66 25.04 14.45
CA LYS B 330 -17.18 23.95 15.25
C LYS B 330 -17.68 24.10 16.67
N ASP B 331 -17.51 25.30 17.23
CA ASP B 331 -17.75 25.50 18.65
C ASP B 331 -19.20 25.76 19.02
N ASP B 332 -20.06 25.87 18.00
CA ASP B 332 -21.48 25.99 18.19
C ASP B 332 -22.15 25.00 17.26
N PRO B 333 -22.15 23.73 17.65
CA PRO B 333 -22.67 22.67 16.78
C PRO B 333 -24.21 22.59 16.74
N THR B 334 -24.91 23.58 17.29
CA THR B 334 -26.37 23.65 17.18
C THR B 334 -26.75 24.37 15.91
N ILE B 335 -25.79 25.11 15.36
CA ILE B 335 -25.95 25.70 14.04
C ILE B 335 -26.01 24.58 13.00
N GLN B 336 -27.16 24.48 12.33
CA GLN B 336 -27.42 23.40 11.40
C GLN B 336 -26.76 23.65 10.06
N GLN B 337 -25.72 22.86 9.74
CA GLN B 337 -24.95 23.03 8.50
C GLN B 337 -25.46 22.10 7.40
N ILE B 338 -25.59 22.62 6.19
CA ILE B 338 -25.93 21.82 5.04
C ILE B 338 -24.78 21.94 4.05
N VAL B 339 -23.99 20.88 3.90
CA VAL B 339 -22.80 20.93 3.05
C VAL B 339 -23.08 20.33 1.67
N ILE B 340 -22.78 21.08 0.61
CA ILE B 340 -23.06 20.60 -0.75
C ILE B 340 -21.76 20.33 -1.53
N ASP B 341 -21.63 19.10 -2.02
CA ASP B 341 -20.41 18.64 -2.68
C ASP B 341 -20.73 17.62 -3.77
N GLU B 342 -20.90 18.12 -4.99
CA GLU B 342 -21.09 17.28 -6.18
C GLU B 342 -20.19 16.03 -6.26
N ASP B 343 -18.92 16.15 -5.88
CA ASP B 343 -17.99 15.04 -6.09
C ASP B 343 -18.14 13.90 -5.06
N GLY B 344 -18.93 14.14 -4.02
CA GLY B 344 -19.22 13.11 -3.04
C GLY B 344 -18.11 12.93 -2.02
N GLY B 345 -17.22 13.92 -1.94
CA GLY B 345 -16.15 13.91 -0.95
C GLY B 345 -16.67 14.22 0.45
N TRP B 346 -15.74 14.47 1.37
CA TRP B 346 -16.10 14.78 2.74
C TRP B 346 -15.24 15.91 3.28
N ARG B 347 -15.65 17.13 3.01
CA ARG B 347 -14.94 18.29 3.48
C ARG B 347 -15.72 18.97 4.59
N ASP B 348 -15.29 18.73 5.82
CA ASP B 348 -15.84 19.42 6.99
C ASP B 348 -15.05 19.09 8.26
N PRO B 349 -14.01 19.87 8.52
CA PRO B 349 -13.21 19.61 9.71
C PRO B 349 -13.92 19.98 11.02
N THR B 350 -15.17 20.43 10.99
CA THR B 350 -15.83 20.74 12.27
C THR B 350 -16.37 19.49 12.95
N GLN B 351 -16.59 18.44 12.16
CA GLN B 351 -17.30 17.22 12.60
C GLN B 351 -18.74 17.53 13.01
N ALA B 352 -19.26 18.68 12.62
CA ALA B 352 -20.55 19.12 13.11
C ALA B 352 -21.62 19.30 12.02
N SER B 353 -21.29 19.02 10.77
CA SER B 353 -22.27 19.20 9.71
C SER B 353 -23.48 18.29 9.93
N ALA B 354 -24.65 18.75 9.52
CA ALA B 354 -25.85 17.96 9.77
C ALA B 354 -26.34 17.32 8.48
N HIS B 355 -25.91 17.84 7.34
CA HIS B 355 -26.30 17.31 6.03
C HIS B 355 -25.14 17.38 5.03
N MET B 356 -24.78 16.22 4.48
CA MET B 356 -23.84 16.15 3.38
C MET B 356 -24.61 15.72 2.15
N ILE B 357 -24.82 16.64 1.23
CA ILE B 357 -25.60 16.37 0.02
C ILE B 357 -24.70 16.21 -1.22
N HIS B 358 -24.68 15.03 -1.83
CA HIS B 358 -23.82 14.83 -3.00
C HIS B 358 -24.51 15.23 -4.30
N CYS B 359 -24.49 16.53 -4.59
CA CYS B 359 -25.34 17.08 -5.63
C CYS B 359 -24.71 18.30 -6.29
N ASN B 360 -24.86 18.38 -7.61
CA ASN B 360 -24.41 19.54 -8.33
C ASN B 360 -25.02 20.81 -7.72
N ALA B 361 -24.20 21.84 -7.56
CA ALA B 361 -24.58 23.06 -6.88
C ALA B 361 -25.76 23.76 -7.57
N SER B 362 -25.73 23.82 -8.90
CA SER B 362 -26.78 24.46 -9.68
C SER B 362 -28.13 23.76 -9.47
N VAL B 363 -28.12 22.43 -9.60
CA VAL B 363 -29.33 21.66 -9.40
C VAL B 363 -29.87 21.85 -8.00
N PHE B 364 -29.01 21.73 -7.00
CA PHE B 364 -29.46 21.92 -5.63
C PHE B 364 -30.15 23.29 -5.47
N ALA B 365 -29.51 24.33 -5.98
CA ALA B 365 -30.09 25.68 -5.94
C ALA B 365 -31.46 25.71 -6.59
N GLU B 366 -31.51 25.29 -7.84
CA GLU B 366 -32.77 25.22 -8.58
C GLU B 366 -33.87 24.53 -7.78
N GLU B 367 -33.63 23.29 -7.37
CA GLU B 367 -34.64 22.54 -6.61
C GLU B 367 -35.20 23.36 -5.45
N ILE B 368 -34.32 23.92 -4.63
CA ILE B 368 -34.75 24.69 -3.46
C ILE B 368 -35.61 25.88 -3.86
N MET B 369 -35.18 26.57 -4.91
CA MET B 369 -35.87 27.76 -5.38
C MET B 369 -37.28 27.43 -5.87
N ALA B 370 -37.40 26.33 -6.61
CA ALA B 370 -38.69 25.87 -7.12
C ALA B 370 -39.65 25.55 -5.98
N GLY B 371 -39.12 25.17 -4.83
CA GLY B 371 -39.94 24.77 -3.69
C GLY B 371 -40.29 25.93 -2.77
N LEU B 372 -39.86 27.13 -3.15
CA LEU B 372 -40.18 28.33 -2.38
C LEU B 372 -41.53 28.90 -2.80
N THR B 373 -42.20 29.59 -1.88
CA THR B 373 -43.54 30.13 -2.13
C THR B 373 -43.52 31.63 -2.36
N ALA B 374 -43.55 32.03 -3.63
CA ALA B 374 -43.37 33.42 -4.10
C ALA B 374 -43.75 34.60 -3.17
N ALA B 375 -43.95 34.34 -1.87
CA ALA B 375 -44.25 35.42 -0.90
C ALA B 375 -43.07 36.38 -0.64
N THR B 376 -42.32 36.68 -1.71
CA THR B 376 -41.09 37.51 -1.69
C THR B 376 -40.01 37.15 -0.63
N ARG B 377 -40.32 37.36 0.65
CA ARG B 377 -39.38 37.11 1.77
C ARG B 377 -38.79 38.38 2.37
N SER B 378 -38.78 38.44 3.70
CA SER B 378 -38.22 39.58 4.42
C SER B 378 -36.71 39.71 4.21
N SER B 379 -36.25 40.96 4.06
CA SER B 379 -34.83 41.23 3.88
C SER B 379 -34.21 41.80 5.15
N GLU B 380 -34.94 41.71 6.25
CA GLU B 380 -34.48 42.25 7.54
C GLU B 380 -33.20 41.56 8.04
N TRP B 381 -33.12 40.24 7.88
CA TRP B 381 -31.94 39.48 8.27
C TRP B 381 -30.71 39.89 7.45
N LEU B 382 -30.81 39.76 6.13
CA LEU B 382 -29.73 40.17 5.25
C LEU B 382 -29.22 41.54 5.66
N GLU B 383 -30.14 42.44 6.01
CA GLU B 383 -29.80 43.83 6.30
C GLU B 383 -28.92 44.05 7.54
N LYS B 384 -29.09 43.23 8.57
CA LYS B 384 -28.17 43.25 9.71
C LYS B 384 -26.73 42.98 9.26
N TRP B 385 -26.59 42.02 8.35
CA TRP B 385 -25.27 41.62 7.84
C TRP B 385 -24.64 42.72 7.00
N GLN B 386 -25.43 43.31 6.10
CA GLN B 386 -24.97 44.40 5.25
C GLN B 386 -24.52 45.58 6.11
N PHE B 387 -25.25 45.82 7.19
CA PHE B 387 -24.93 46.96 8.04
C PHE B 387 -23.61 46.74 8.78
N VAL B 388 -23.42 45.56 9.33
CA VAL B 388 -22.17 45.26 10.03
C VAL B 388 -21.02 45.32 9.05
N ASN B 389 -21.24 44.77 7.85
CA ASN B 389 -20.18 44.73 6.86
C ASN B 389 -19.86 46.12 6.35
N GLY B 390 -20.91 46.90 6.08
CA GLY B 390 -20.78 48.24 5.54
C GLY B 390 -20.10 49.19 6.51
N ARG B 391 -20.52 49.21 7.76
CA ARG B 391 -19.85 50.09 8.71
C ARG B 391 -18.42 49.65 9.04
N PHE B 392 -18.18 48.35 9.17
CA PHE B 392 -16.81 47.87 9.36
C PHE B 392 -15.89 48.41 8.25
N ARG B 393 -16.38 48.37 7.02
CA ARG B 393 -15.59 48.84 5.88
C ARG B 393 -15.47 50.38 5.84
N GLU B 394 -16.55 51.06 6.20
CA GLU B 394 -16.56 52.53 6.28
C GLU B 394 -15.48 52.97 7.23
N HIS B 395 -15.44 52.35 8.41
CA HIS B 395 -14.44 52.75 9.38
C HIS B 395 -13.01 52.39 8.99
N LEU B 396 -12.81 51.33 8.22
CA LEU B 396 -11.48 51.02 7.69
C LEU B 396 -10.99 52.12 6.74
N GLN B 397 -11.90 52.77 6.03
CA GLN B 397 -11.54 53.89 5.14
C GLN B 397 -10.83 55.03 5.89
N THR B 398 -11.30 55.34 7.09
CA THR B 398 -10.70 56.41 7.90
C THR B 398 -9.23 56.15 8.27
N ILE B 399 -8.83 54.89 8.23
CA ILE B 399 -7.47 54.50 8.61
C ILE B 399 -6.53 54.53 7.40
N SER B 400 -5.34 55.07 7.61
CA SER B 400 -4.41 55.35 6.51
C SER B 400 -3.75 54.12 5.89
N SER B 401 -3.76 54.07 4.56
CA SER B 401 -3.13 52.98 3.84
C SER B 401 -1.75 53.36 3.29
N GLU B 402 -1.21 54.48 3.76
CA GLU B 402 0.03 55.03 3.21
C GLU B 402 1.27 54.18 3.45
N ASP B 403 1.41 53.64 4.66
CA ASP B 403 2.68 53.01 5.02
C ASP B 403 2.93 51.70 4.27
N VAL B 404 3.94 51.76 3.40
CA VAL B 404 4.35 50.63 2.57
C VAL B 404 4.95 49.49 3.38
N SER B 405 5.42 49.81 4.58
CA SER B 405 6.07 48.81 5.43
C SER B 405 5.03 47.94 6.14
N PHE B 406 3.78 48.39 6.25
CA PHE B 406 2.75 47.54 6.85
C PHE B 406 2.10 46.63 5.80
N GLU B 407 2.24 45.34 6.01
CA GLU B 407 1.85 44.35 5.01
C GLU B 407 0.40 44.49 4.53
N GLY B 408 -0.52 44.81 5.44
CA GLY B 408 -1.94 44.88 5.07
C GLY B 408 -2.24 45.84 3.93
N ASN B 409 -1.48 46.92 3.85
CA ASN B 409 -1.73 47.93 2.86
C ASN B 409 -1.59 47.45 1.42
N LEU B 410 -0.64 46.56 1.16
CA LEU B 410 -0.46 46.06 -0.17
C LEU B 410 -1.82 45.61 -0.71
N TYR B 411 -2.62 44.99 0.15
CA TYR B 411 -3.88 44.36 -0.29
C TYR B 411 -5.05 45.37 -0.39
N ARG B 412 -5.03 46.40 0.45
CA ARG B 412 -6.04 47.47 0.37
C ARG B 412 -5.87 48.27 -0.92
N ILE B 413 -4.64 48.32 -1.42
CA ILE B 413 -4.32 49.07 -2.63
C ILE B 413 -4.43 48.20 -3.89
N LEU B 414 -4.00 46.94 -3.80
CA LEU B 414 -3.89 46.08 -4.96
C LEU B 414 -5.26 45.67 -5.47
N GLN B 415 -6.24 45.60 -4.58
CA GLN B 415 -7.59 45.21 -4.98
C GLN B 415 -8.15 46.05 -6.15
N HIS B 416 -7.73 47.30 -6.22
CA HIS B 416 -8.26 48.24 -7.20
C HIS B 416 -7.47 48.24 -8.47
N LEU B 417 -6.27 47.67 -8.46
CA LEU B 417 -5.36 47.78 -9.59
C LEU B 417 -5.27 46.53 -10.46
N VAL B 418 -5.74 45.39 -9.96
CA VAL B 418 -5.63 44.16 -10.73
C VAL B 418 -6.43 44.34 -12.01
N PRO B 419 -5.77 44.20 -13.17
CA PRO B 419 -6.40 44.47 -14.47
C PRO B 419 -7.66 43.62 -14.71
N GLU B 420 -8.64 44.21 -15.41
CA GLU B 420 -9.86 43.49 -15.71
C GLU B 420 -9.56 42.25 -16.57
N ASN B 421 -10.17 41.12 -16.17
CA ASN B 421 -10.01 39.82 -16.86
C ASN B 421 -8.61 39.21 -16.84
N SER B 422 -7.80 39.59 -15.86
CA SER B 422 -6.52 38.93 -15.68
C SER B 422 -6.67 37.95 -14.52
N SER B 423 -5.59 37.26 -14.15
CA SER B 423 -5.66 36.39 -13.00
C SER B 423 -4.76 36.89 -11.88
N LEU B 424 -5.20 36.70 -10.65
CA LEU B 424 -4.35 36.92 -9.48
C LEU B 424 -4.06 35.60 -8.76
N PHE B 425 -2.84 35.10 -8.89
CA PHE B 425 -2.46 33.94 -8.08
C PHE B 425 -2.00 34.38 -6.70
N VAL B 426 -2.55 33.78 -5.66
CA VAL B 426 -2.22 34.21 -4.31
C VAL B 426 -1.49 33.13 -3.54
N GLY B 427 -0.28 33.47 -3.10
CA GLY B 427 0.52 32.52 -2.33
C GLY B 427 -0.14 32.14 -1.02
N ASN B 428 0.28 31.00 -0.48
CA ASN B 428 -0.17 30.56 0.84
C ASN B 428 0.54 31.36 1.95
N SER B 429 0.32 31.00 3.21
CA SER B 429 0.75 31.84 4.33
C SER B 429 -0.11 33.11 4.43
N MET B 430 0.48 34.28 4.65
CA MET B 430 -0.35 35.49 4.89
C MET B 430 -1.09 36.11 3.67
N PRO B 431 -0.50 36.06 2.46
CA PRO B 431 -1.15 36.63 1.28
C PRO B 431 -2.61 36.23 1.18
N ILE B 432 -2.88 34.94 1.21
CA ILE B 432 -4.26 34.50 1.09
C ILE B 432 -5.15 34.99 2.25
N ARG B 433 -4.61 35.04 3.46
CA ARG B 433 -5.39 35.56 4.59
C ARG B 433 -5.57 37.07 4.46
N ASP B 434 -4.57 37.74 3.91
CA ASP B 434 -4.66 39.17 3.72
C ASP B 434 -5.64 39.56 2.61
N VAL B 435 -5.62 38.79 1.51
CA VAL B 435 -6.63 38.98 0.49
C VAL B 435 -8.01 38.80 1.12
N ASP B 436 -8.15 37.77 1.93
CA ASP B 436 -9.41 37.52 2.62
C ASP B 436 -9.81 38.69 3.52
N THR B 437 -8.84 39.26 4.22
CA THR B 437 -9.15 40.33 5.13
C THR B 437 -9.53 41.60 4.38
N PHE B 438 -8.79 41.91 3.32
CA PHE B 438 -8.81 43.25 2.76
C PHE B 438 -9.48 43.46 1.39
N PHE B 439 -9.64 42.41 0.59
CA PHE B 439 -10.29 42.58 -0.72
C PHE B 439 -11.77 42.76 -0.50
N GLU B 440 -12.31 43.90 -0.92
CA GLU B 440 -13.74 44.14 -0.73
C GLU B 440 -14.46 43.87 -2.04
N LYS B 441 -15.78 43.76 -1.99
CA LYS B 441 -16.55 43.55 -3.21
C LYS B 441 -16.43 44.74 -4.17
N GLN B 442 -16.45 44.45 -5.46
CA GLN B 442 -16.21 45.46 -6.48
C GLN B 442 -16.65 44.95 -7.85
N ASP B 443 -17.09 45.88 -8.70
CA ASP B 443 -17.64 45.50 -10.00
C ASP B 443 -16.60 44.95 -10.99
N ARG B 444 -15.33 45.18 -10.73
CA ARG B 444 -14.28 44.82 -11.69
C ARG B 444 -14.03 43.30 -11.76
N PRO B 445 -14.06 42.72 -12.98
CA PRO B 445 -13.82 41.27 -13.19
C PRO B 445 -12.34 40.82 -13.25
N PHE B 446 -12.01 39.83 -12.42
CA PHE B 446 -10.73 39.11 -12.48
C PHE B 446 -10.84 37.79 -11.69
N ARG B 447 -9.92 36.86 -11.95
CA ARG B 447 -9.98 35.57 -11.25
C ARG B 447 -8.85 35.37 -10.24
N ILE B 448 -9.22 34.96 -9.03
CA ILE B 448 -8.23 34.71 -7.98
C ILE B 448 -7.97 33.23 -7.87
N TYR B 449 -6.70 32.85 -7.93
CA TYR B 449 -6.31 31.45 -7.77
C TYR B 449 -5.36 31.29 -6.58
N SER B 450 -5.33 30.06 -6.04
CA SER B 450 -4.49 29.73 -4.90
C SER B 450 -4.39 28.21 -4.73
N ASN B 451 -3.25 27.73 -4.26
CA ASN B 451 -3.10 26.31 -3.95
C ASN B 451 -3.63 25.94 -2.57
N ARG B 452 -4.97 25.86 -2.45
CA ARG B 452 -5.64 25.64 -1.18
C ARG B 452 -5.96 24.18 -0.88
N GLY B 453 -5.55 23.27 -1.76
CA GLY B 453 -5.72 21.85 -1.48
C GLY B 453 -4.90 21.44 -0.25
N ALA B 454 -3.63 21.80 -0.23
CA ALA B 454 -2.78 21.41 0.87
C ALA B 454 -2.10 22.62 1.50
N ASN B 455 -2.34 23.79 0.93
CA ASN B 455 -1.83 25.04 1.50
C ASN B 455 -0.32 25.08 1.55
N GLY B 456 0.34 24.44 0.59
CA GLY B 456 1.77 24.39 0.61
C GLY B 456 2.40 25.63 0.04
N ILE B 457 3.53 26.03 0.63
CA ILE B 457 4.31 27.13 0.10
C ILE B 457 5.26 26.65 -1.02
N ASP B 458 5.22 25.38 -1.34
CA ASP B 458 6.02 24.87 -2.46
C ASP B 458 5.29 25.02 -3.80
N GLY B 459 6.06 25.24 -4.87
CA GLY B 459 5.54 25.23 -6.23
C GLY B 459 4.65 26.39 -6.66
N VAL B 460 4.49 27.39 -5.79
CA VAL B 460 3.60 28.52 -6.07
C VAL B 460 3.94 29.29 -7.35
N VAL B 461 5.21 29.57 -7.58
CA VAL B 461 5.67 30.27 -8.77
C VAL B 461 5.28 29.48 -10.04
N SER B 462 5.68 28.21 -10.10
CA SER B 462 5.34 27.31 -11.18
C SER B 462 3.84 27.18 -11.37
N SER B 463 3.07 27.24 -10.30
CA SER B 463 1.62 27.16 -10.42
C SER B 463 1.06 28.38 -11.15
N ALA B 464 1.55 29.56 -10.79
CA ALA B 464 1.11 30.77 -11.45
C ALA B 464 1.54 30.77 -12.92
N MET B 465 2.75 30.30 -13.22
CA MET B 465 3.19 30.14 -14.60
C MET B 465 2.22 29.24 -15.34
N GLY B 466 1.89 28.10 -14.73
CA GLY B 466 0.93 27.18 -15.31
C GLY B 466 -0.38 27.87 -15.66
N VAL B 467 -0.92 28.63 -14.71
CA VAL B 467 -2.18 29.35 -14.92
C VAL B 467 -2.06 30.34 -16.09
N CYS B 468 -0.92 31.02 -16.18
CA CYS B 468 -0.69 31.93 -17.29
C CYS B 468 -0.68 31.21 -18.64
N GLU B 469 0.13 30.15 -18.79
CA GLU B 469 0.07 29.35 -20.02
C GLU B 469 -1.36 28.93 -20.32
N GLY B 470 -2.10 28.62 -19.26
CA GLY B 470 -3.42 28.05 -19.39
C GLY B 470 -4.51 29.04 -19.77
N THR B 471 -4.38 30.29 -19.29
CA THR B 471 -5.37 31.33 -19.54
C THR B 471 -4.99 32.23 -20.71
N LYS B 472 -3.71 32.26 -21.03
CA LYS B 472 -3.19 33.17 -22.05
C LYS B 472 -3.58 34.62 -21.81
N ALA B 473 -4.03 34.93 -20.60
CA ALA B 473 -4.26 36.31 -20.17
C ALA B 473 -3.22 36.60 -19.09
N PRO B 474 -3.09 37.87 -18.65
CA PRO B 474 -2.02 38.21 -17.67
C PRO B 474 -2.23 37.61 -16.28
N VAL B 475 -1.13 37.39 -15.58
CA VAL B 475 -1.19 36.87 -14.21
C VAL B 475 -0.27 37.64 -13.27
N THR B 476 -0.84 38.03 -12.14
CA THR B 476 -0.10 38.65 -11.06
C THR B 476 0.07 37.64 -9.92
N LEU B 477 1.31 37.38 -9.52
CA LEU B 477 1.55 36.46 -8.42
C LEU B 477 1.89 37.24 -7.18
N VAL B 478 1.02 37.16 -6.18
CA VAL B 478 1.37 37.74 -4.88
C VAL B 478 1.89 36.65 -3.94
N ILE B 479 3.10 36.83 -3.44
CA ILE B 479 3.79 35.76 -2.75
C ILE B 479 4.81 36.26 -1.71
N GLY B 480 4.92 35.54 -0.60
CA GLY B 480 5.90 35.88 0.44
C GLY B 480 7.28 35.34 0.12
N ASP B 481 8.27 35.78 0.89
CA ASP B 481 9.67 35.51 0.55
C ASP B 481 10.10 34.07 0.73
N LEU B 482 9.61 33.40 1.77
CA LEU B 482 10.02 32.02 1.97
C LEU B 482 9.47 31.16 0.83
N SER B 483 8.20 31.38 0.50
CA SER B 483 7.53 30.66 -0.57
C SER B 483 8.19 30.93 -1.92
N PHE B 484 8.58 32.18 -2.13
CA PHE B 484 9.19 32.60 -3.39
C PHE B 484 10.51 31.91 -3.55
N TYR B 485 11.29 31.90 -2.46
CA TYR B 485 12.55 31.17 -2.44
C TYR B 485 12.34 29.69 -2.76
N HIS B 486 11.30 29.11 -2.16
CA HIS B 486 11.00 27.69 -2.28
C HIS B 486 10.96 27.26 -3.76
N ASP B 487 10.24 28.02 -4.59
CA ASP B 487 10.16 27.70 -6.02
C ASP B 487 10.87 28.71 -6.96
N LEU B 488 11.99 29.28 -6.54
CA LEU B 488 12.79 30.11 -7.43
C LEU B 488 13.00 29.44 -8.81
N ASN B 489 13.14 28.12 -8.81
CA ASN B 489 13.40 27.35 -10.01
C ASN B 489 12.28 27.48 -11.05
N GLY B 490 11.07 27.78 -10.57
CA GLY B 490 9.93 27.96 -11.44
C GLY B 490 10.05 29.17 -12.33
N LEU B 491 10.92 30.10 -11.96
CA LEU B 491 11.15 31.30 -12.76
C LEU B 491 11.75 30.95 -14.12
N LEU B 492 12.42 29.80 -14.19
CA LEU B 492 13.03 29.39 -15.45
C LEU B 492 12.01 29.37 -16.59
N ALA B 493 10.74 29.23 -16.24
CA ALA B 493 9.69 29.11 -17.23
C ALA B 493 9.51 30.42 -18.01
N ALA B 494 9.77 31.54 -17.34
CA ALA B 494 9.65 32.85 -17.96
C ALA B 494 10.46 32.94 -19.27
N LYS B 495 11.79 32.90 -19.16
CA LYS B 495 12.62 32.96 -20.36
C LYS B 495 12.44 31.71 -21.26
N LYS B 496 12.65 30.52 -20.68
CA LYS B 496 12.66 29.27 -21.43
C LYS B 496 11.36 28.96 -22.20
N LEU B 497 10.21 29.27 -21.61
CA LEU B 497 8.95 29.02 -22.31
C LEU B 497 8.24 30.32 -22.70
N GLY B 498 8.94 31.44 -22.60
CA GLY B 498 8.36 32.74 -22.92
C GLY B 498 7.09 33.07 -22.18
N ILE B 499 6.98 32.68 -20.91
CA ILE B 499 5.76 32.94 -20.16
C ILE B 499 5.86 34.19 -19.30
N PRO B 500 4.97 35.18 -19.54
CA PRO B 500 4.99 36.45 -18.83
C PRO B 500 4.39 36.37 -17.42
N LEU B 501 5.03 37.00 -16.46
CA LEU B 501 4.55 36.98 -15.09
C LEU B 501 4.96 38.21 -14.32
N THR B 502 3.99 38.83 -13.66
CA THR B 502 4.27 39.90 -12.72
C THR B 502 4.29 39.32 -11.30
N VAL B 503 5.43 39.43 -10.62
CA VAL B 503 5.54 38.90 -9.28
C VAL B 503 5.55 40.02 -8.25
N ILE B 504 4.56 40.03 -7.37
CA ILE B 504 4.57 40.97 -6.26
C ILE B 504 5.17 40.30 -5.01
N LEU B 505 6.44 40.53 -4.79
CA LEU B 505 7.13 39.86 -3.72
C LEU B 505 6.90 40.60 -2.40
N VAL B 506 6.18 39.99 -1.49
CA VAL B 506 5.99 40.58 -0.18
C VAL B 506 7.12 40.07 0.69
N ASN B 507 8.16 40.87 0.84
CA ASN B 507 9.34 40.43 1.56
C ASN B 507 9.49 41.01 2.96
N ASN B 508 9.10 40.21 3.96
CA ASN B 508 9.26 40.56 5.36
C ASN B 508 10.42 39.77 6.00
N ASP B 509 11.32 39.28 5.15
CA ASP B 509 12.48 38.47 5.55
C ASP B 509 12.14 37.44 6.65
N GLY B 510 11.40 36.41 6.26
CA GLY B 510 11.06 35.33 7.17
C GLY B 510 9.63 34.85 7.00
N GLY B 511 9.14 34.08 7.96
CA GLY B 511 7.76 33.63 7.94
C GLY B 511 6.93 34.48 8.87
N GLY B 512 6.42 35.58 8.32
CA GLY B 512 5.63 36.55 9.08
C GLY B 512 4.40 35.99 9.77
N ILE B 513 3.84 34.93 9.19
CA ILE B 513 2.60 34.35 9.74
C ILE B 513 2.78 33.85 11.19
N PHE B 514 3.99 33.41 11.52
CA PHE B 514 4.24 32.83 12.84
C PHE B 514 4.20 33.86 13.99
N SER B 515 4.37 35.14 13.66
CA SER B 515 4.17 36.24 14.61
C SER B 515 2.76 36.25 15.18
N PHE B 516 1.81 35.66 14.45
CA PHE B 516 0.43 35.59 14.95
C PHE B 516 0.25 34.57 16.09
N LEU B 517 1.23 33.68 16.27
CA LEU B 517 1.13 32.60 17.26
C LEU B 517 1.50 33.07 18.65
N PRO B 518 0.90 32.46 19.68
CA PRO B 518 1.25 32.78 21.08
C PRO B 518 2.75 32.56 21.36
N GLN B 519 3.33 31.53 20.74
CA GLN B 519 4.75 31.19 20.89
C GLN B 519 5.69 32.28 20.38
N ALA B 520 5.15 33.32 19.73
CA ALA B 520 5.98 34.42 19.21
C ALA B 520 6.71 35.18 20.32
N SER B 521 6.14 35.18 21.53
CA SER B 521 6.71 35.90 22.66
C SER B 521 7.74 35.07 23.45
N GLU B 522 7.96 33.83 23.04
CA GLU B 522 9.04 33.01 23.60
C GLU B 522 10.24 33.15 22.67
N LYS B 523 11.04 34.19 22.89
CA LYS B 523 12.07 34.58 21.92
C LYS B 523 13.35 33.72 21.91
N THR B 524 13.50 32.81 22.86
CA THR B 524 14.70 31.97 22.87
C THR B 524 14.83 31.15 21.57
N HIS B 525 13.72 30.58 21.11
CA HIS B 525 13.73 29.75 19.90
C HIS B 525 12.93 30.30 18.67
N PHE B 526 12.10 31.32 18.89
CA PHE B 526 11.18 31.78 17.86
C PHE B 526 11.81 32.14 16.54
N GLU B 527 12.80 33.01 16.60
CA GLU B 527 13.49 33.43 15.40
C GLU B 527 14.17 32.25 14.67
N ASP B 528 14.88 31.41 15.41
CA ASP B 528 15.58 30.26 14.81
C ASP B 528 14.69 29.27 14.09
N LEU B 529 13.57 28.90 14.71
CA LEU B 529 12.75 27.80 14.22
C LEU B 529 11.51 28.24 13.45
N PHE B 530 11.08 29.50 13.61
CA PHE B 530 9.83 29.95 12.99
C PHE B 530 10.02 31.17 12.11
N GLY B 531 10.75 32.16 12.63
CA GLY B 531 11.06 33.37 11.88
C GLY B 531 11.85 32.99 10.65
N THR B 532 12.88 32.19 10.87
CA THR B 532 13.81 31.70 9.82
C THR B 532 14.02 32.67 8.67
N PRO B 533 14.73 33.79 8.92
CA PRO B 533 15.08 34.70 7.83
C PRO B 533 16.05 34.05 6.84
N THR B 534 16.13 34.58 5.62
CA THR B 534 17.12 34.08 4.66
C THR B 534 18.18 35.15 4.34
N GLY B 535 17.81 36.41 4.54
CA GLY B 535 18.69 37.53 4.24
C GLY B 535 18.92 37.72 2.75
N LEU B 536 18.25 36.90 1.95
CA LEU B 536 18.41 36.90 0.49
C LEU B 536 18.05 38.23 -0.16
N ASP B 537 18.88 38.62 -1.13
CA ASP B 537 18.57 39.77 -1.97
C ASP B 537 18.00 39.32 -3.32
N PHE B 538 16.69 39.45 -3.49
CA PHE B 538 16.00 38.82 -4.60
C PHE B 538 16.17 39.48 -5.96
N LYS B 539 16.79 40.65 -6.00
CA LYS B 539 17.08 41.27 -7.30
C LYS B 539 18.03 40.36 -8.08
N HIS B 540 18.85 39.60 -7.37
CA HIS B 540 19.77 38.67 -8.03
C HIS B 540 19.04 37.51 -8.71
N ALA B 541 17.92 37.10 -8.11
CA ALA B 541 17.11 36.03 -8.67
C ALA B 541 16.39 36.55 -9.90
N ALA B 542 15.82 37.75 -9.79
CA ALA B 542 15.29 38.45 -10.95
C ALA B 542 16.30 38.51 -12.09
N ALA B 543 17.53 38.89 -11.77
CA ALA B 543 18.56 39.02 -12.78
C ALA B 543 18.92 37.65 -13.32
N LEU B 544 18.92 36.64 -12.44
CA LEU B 544 19.24 35.28 -12.86
C LEU B 544 18.27 34.75 -13.92
N TYR B 545 17.00 35.11 -13.78
CA TYR B 545 16.00 34.62 -14.71
C TYR B 545 15.56 35.64 -15.78
N GLY B 546 16.39 36.67 -15.98
CA GLY B 546 16.16 37.65 -17.04
C GLY B 546 14.97 38.53 -16.79
N GLY B 547 14.63 38.75 -15.53
CA GLY B 547 13.49 39.57 -15.19
C GLY B 547 13.90 41.00 -14.88
N THR B 548 12.91 41.89 -14.85
CA THR B 548 13.16 43.27 -14.46
C THR B 548 12.73 43.44 -13.00
N TYR B 549 13.12 44.54 -12.37
CA TYR B 549 13.00 44.66 -10.92
C TYR B 549 12.69 46.07 -10.47
N SER B 550 11.65 46.22 -9.66
CA SER B 550 11.36 47.47 -8.97
C SER B 550 11.37 47.19 -7.48
N CYS B 551 11.72 48.18 -6.68
CA CYS B 551 11.50 48.09 -5.24
C CYS B 551 10.83 49.37 -4.71
N PRO B 552 9.56 49.59 -5.10
CA PRO B 552 8.80 50.81 -4.79
C PRO B 552 8.74 51.13 -3.30
N ALA B 553 8.81 52.42 -2.98
CA ALA B 553 8.85 52.88 -1.60
C ALA B 553 7.56 53.60 -1.26
N SER B 554 6.69 53.73 -2.26
CA SER B 554 5.40 54.38 -2.07
C SER B 554 4.39 53.76 -3.02
N TRP B 555 3.10 53.99 -2.75
CA TRP B 555 2.06 53.38 -3.55
C TRP B 555 2.00 53.99 -4.94
N ASP B 556 2.50 55.23 -5.04
CA ASP B 556 2.56 55.92 -6.33
C ASP B 556 3.60 55.28 -7.24
N GLU B 557 4.78 54.98 -6.72
CA GLU B 557 5.75 54.31 -7.56
C GLU B 557 5.45 52.81 -7.75
N PHE B 558 4.67 52.24 -6.84
CA PHE B 558 4.14 50.91 -7.09
C PHE B 558 3.22 50.98 -8.31
N LYS B 559 2.20 51.83 -8.24
CA LYS B 559 1.25 51.99 -9.35
C LYS B 559 1.95 52.21 -10.68
N THR B 560 3.04 52.95 -10.65
CA THR B 560 3.89 53.15 -11.83
C THR B 560 4.48 51.83 -12.35
N ALA B 561 5.10 51.06 -11.47
CA ALA B 561 5.81 49.86 -11.88
C ALA B 561 4.89 48.70 -12.25
N TYR B 562 3.70 48.67 -11.67
CA TYR B 562 2.77 47.55 -11.82
C TYR B 562 1.96 47.58 -13.12
N ALA B 563 2.43 46.85 -14.13
CA ALA B 563 1.77 46.79 -15.44
C ALA B 563 1.78 45.37 -16.02
N PRO B 564 0.91 44.51 -15.52
CA PRO B 564 0.77 43.13 -15.97
C PRO B 564 0.27 43.03 -17.41
N GLN B 565 0.70 41.99 -18.12
CA GLN B 565 0.42 41.85 -19.54
C GLN B 565 0.77 40.43 -20.02
N ALA B 566 -0.01 39.90 -20.95
CA ALA B 566 0.27 38.56 -21.49
C ALA B 566 0.59 38.57 -22.98
N ASP B 567 0.91 39.74 -23.52
CA ASP B 567 1.13 39.88 -24.97
C ASP B 567 2.46 39.34 -25.45
N LYS B 568 3.48 39.41 -24.60
CA LYS B 568 4.80 38.86 -24.94
C LYS B 568 5.59 38.51 -23.67
N PRO B 569 6.73 37.81 -23.84
CA PRO B 569 7.58 37.48 -22.69
C PRO B 569 7.84 38.69 -21.79
N GLY B 570 8.16 38.41 -20.53
CA GLY B 570 8.39 39.47 -19.56
C GLY B 570 8.12 39.03 -18.13
N LEU B 571 9.19 38.70 -17.42
CA LEU B 571 9.14 38.49 -15.99
C LEU B 571 9.38 39.85 -15.30
N HIS B 572 8.43 40.29 -14.49
CA HIS B 572 8.65 41.51 -13.74
C HIS B 572 8.51 41.28 -12.23
N LEU B 573 9.63 41.42 -11.50
CA LEU B 573 9.61 41.27 -10.04
C LEU B 573 9.49 42.62 -9.31
N ILE B 574 8.40 42.78 -8.57
CA ILE B 574 8.14 43.97 -7.77
C ILE B 574 8.23 43.65 -6.28
N GLU B 575 9.33 44.03 -5.65
CA GLU B 575 9.54 43.71 -4.24
C GLU B 575 9.05 44.80 -3.30
N ILE B 576 8.20 44.40 -2.35
CA ILE B 576 7.67 45.27 -1.31
C ILE B 576 8.25 44.84 0.04
N LYS B 577 9.05 45.69 0.68
CA LYS B 577 9.58 45.35 2.00
C LYS B 577 8.62 45.71 3.12
N THR B 578 8.45 44.79 4.06
CA THR B 578 7.50 44.97 5.15
C THR B 578 8.10 44.44 6.45
N ASP B 579 7.50 44.83 7.56
CA ASP B 579 8.07 44.57 8.88
C ASP B 579 7.18 43.60 9.63
N ARG B 580 7.64 42.37 9.81
CA ARG B 580 6.81 41.35 10.46
C ARG B 580 6.87 41.47 11.98
N GLN B 581 7.92 42.11 12.49
CA GLN B 581 8.08 42.33 13.94
C GLN B 581 7.01 43.27 14.52
N SER B 582 6.51 44.20 13.70
CA SER B 582 5.49 45.13 14.17
C SER B 582 4.13 44.91 13.52
N ARG B 583 4.05 44.01 12.55
CA ARG B 583 2.81 43.79 11.80
C ARG B 583 1.60 43.40 12.65
N VAL B 584 1.80 42.48 13.59
CA VAL B 584 0.68 41.88 14.29
C VAL B 584 -0.15 42.90 15.08
N GLN B 585 0.52 43.80 15.80
CA GLN B 585 -0.21 44.75 16.63
C GLN B 585 -0.94 45.76 15.74
N LEU B 586 -0.25 46.27 14.72
CA LEU B 586 -0.88 47.17 13.76
C LEU B 586 -2.11 46.54 13.12
N HIS B 587 -1.93 45.32 12.60
CA HIS B 587 -3.04 44.56 12.04
C HIS B 587 -4.21 44.44 13.01
N ARG B 588 -3.96 43.93 14.21
CA ARG B 588 -5.02 43.73 15.21
C ARG B 588 -5.73 44.99 15.66
N ASP B 589 -4.98 46.06 15.85
CA ASP B 589 -5.54 47.33 16.34
C ASP B 589 -6.42 47.97 15.26
N MET B 590 -5.86 48.06 14.07
CA MET B 590 -6.63 48.41 12.90
C MET B 590 -7.99 47.72 12.88
N LEU B 591 -8.02 46.40 13.02
CA LEU B 591 -9.26 45.64 12.90
C LEU B 591 -10.17 45.78 14.11
N ASN B 592 -9.58 45.76 15.30
CA ASN B 592 -10.34 45.87 16.54
C ASN B 592 -11.16 47.16 16.55
N GLU B 593 -10.48 48.25 16.23
CA GLU B 593 -11.09 49.57 16.21
C GLU B 593 -12.30 49.62 15.30
N ALA B 594 -12.20 49.02 14.13
CA ALA B 594 -13.29 49.00 13.16
C ALA B 594 -14.47 48.16 13.68
N VAL B 595 -14.14 47.10 14.43
CA VAL B 595 -15.15 46.27 15.06
C VAL B 595 -15.82 47.01 16.21
N ARG B 596 -15.04 47.84 16.90
CA ARG B 596 -15.56 48.66 17.98
C ARG B 596 -16.51 49.72 17.42
N GLU B 597 -16.16 50.25 16.26
CA GLU B 597 -17.02 51.21 15.59
C GLU B 597 -18.39 50.61 15.32
N VAL B 598 -18.42 49.33 14.91
CA VAL B 598 -19.66 48.62 14.62
C VAL B 598 -20.50 48.34 15.89
N LYS B 599 -19.83 48.01 16.99
CA LYS B 599 -20.53 47.66 18.23
C LYS B 599 -21.24 48.85 18.89
N LYS B 600 -20.82 50.07 18.55
CA LYS B 600 -21.41 51.28 19.12
C LYS B 600 -22.91 51.40 18.80
N GLN B 601 -23.30 50.98 17.61
CA GLN B 601 -24.68 51.08 17.17
C GLN B 601 -25.60 50.27 18.08
N TRP B 602 -25.02 49.67 19.12
CA TRP B 602 -25.80 48.97 20.15
C TRP B 602 -25.48 49.51 21.53
N GLU B 603 -24.56 50.45 21.60
CA GLU B 603 -24.24 51.13 22.86
C GLU B 603 -25.40 52.08 23.19
N LEU B 604 -25.47 52.50 24.45
CA LEU B 604 -26.51 53.44 24.86
C LEU B 604 -26.17 54.88 24.47
N THR C 26 -15.42 6.75 37.66
CA THR C 26 -14.25 6.40 36.79
C THR C 26 -14.70 5.81 35.43
N VAL C 27 -15.33 6.66 34.61
CA VAL C 27 -15.97 6.18 33.38
C VAL C 27 -15.02 5.39 32.47
N ASN C 28 -15.55 4.36 31.84
CA ASN C 28 -14.90 3.76 30.69
C ASN C 28 -15.30 4.55 29.45
N PRO C 29 -14.31 5.10 28.73
CA PRO C 29 -14.60 5.90 27.55
C PRO C 29 -15.25 5.04 26.44
N ILE C 30 -15.01 3.74 26.50
CA ILE C 30 -15.60 2.85 25.50
C ILE C 30 -17.13 2.91 25.51
N THR C 31 -17.70 3.10 26.69
CA THR C 31 -19.15 3.06 26.88
C THR C 31 -19.90 3.99 25.92
N HIS C 32 -19.51 5.26 25.92
CA HIS C 32 -20.19 6.25 25.11
C HIS C 32 -19.57 6.46 23.74
N TYR C 33 -18.26 6.18 23.64
CA TYR C 33 -17.56 6.32 22.37
C TYR C 33 -18.04 5.25 21.42
N ILE C 34 -17.96 3.99 21.84
CA ILE C 34 -18.47 2.92 21.01
C ILE C 34 -20.01 2.91 21.00
N GLY C 35 -20.62 3.30 22.11
CA GLY C 35 -22.09 3.43 22.17
C GLY C 35 -22.59 4.37 21.09
N SER C 36 -21.99 5.55 21.03
CA SER C 36 -22.28 6.54 20.00
C SER C 36 -21.97 6.04 18.60
N PHE C 37 -20.87 5.29 18.46
CA PHE C 37 -20.48 4.71 17.18
C PHE C 37 -21.57 3.74 16.69
N ILE C 38 -21.93 2.79 17.52
CA ILE C 38 -22.95 1.82 17.15
C ILE C 38 -24.31 2.49 16.98
N ASP C 39 -24.64 3.41 17.88
CA ASP C 39 -25.94 4.07 17.81
C ASP C 39 -26.13 4.82 16.49
N GLU C 40 -25.06 5.44 16.02
CA GLU C 40 -25.12 6.21 14.79
C GLU C 40 -25.33 5.29 13.60
N PHE C 41 -24.70 4.12 13.61
CA PHE C 41 -24.96 3.18 12.53
C PHE C 41 -26.45 2.93 12.46
N ALA C 42 -27.08 2.71 13.62
CA ALA C 42 -28.52 2.49 13.65
C ALA C 42 -29.30 3.67 13.06
N LEU C 43 -28.82 4.88 13.34
CA LEU C 43 -29.46 6.08 12.83
C LEU C 43 -29.32 6.24 11.32
N SER C 44 -28.32 5.57 10.76
CA SER C 44 -28.06 5.61 9.33
C SER C 44 -28.91 4.60 8.57
N GLY C 45 -29.58 3.73 9.31
CA GLY C 45 -30.43 2.72 8.71
C GLY C 45 -29.85 1.32 8.80
N ILE C 46 -28.74 1.14 9.50
CA ILE C 46 -28.21 -0.20 9.69
C ILE C 46 -29.18 -1.00 10.57
N THR C 47 -29.57 -2.19 10.13
CA THR C 47 -30.54 -3.01 10.86
C THR C 47 -30.00 -4.42 11.19
N ASP C 48 -28.86 -4.78 10.60
CA ASP C 48 -28.30 -6.09 10.81
C ASP C 48 -26.78 -6.01 11.05
N ALA C 49 -26.31 -6.78 12.03
CA ALA C 49 -24.89 -6.90 12.32
C ALA C 49 -24.51 -8.37 12.33
N VAL C 50 -23.51 -8.72 11.54
CA VAL C 50 -23.00 -10.08 11.55
C VAL C 50 -21.76 -10.10 12.40
N VAL C 51 -21.78 -10.93 13.44
CA VAL C 51 -20.81 -10.78 14.51
C VAL C 51 -20.07 -12.08 14.76
N CYS C 52 -18.74 -12.00 14.79
CA CYS C 52 -17.93 -13.17 15.11
C CYS C 52 -17.29 -12.99 16.47
N PRO C 53 -17.26 -14.05 17.27
CA PRO C 53 -16.87 -13.97 18.68
C PRO C 53 -15.40 -13.64 18.87
N GLY C 54 -15.12 -12.99 20.00
CA GLY C 54 -13.77 -12.62 20.36
C GLY C 54 -13.79 -11.64 21.52
N SER C 55 -12.68 -11.59 22.21
CA SER C 55 -12.50 -10.77 23.41
C SER C 55 -12.39 -9.27 23.10
N ARG C 56 -11.52 -8.91 22.16
CA ARG C 56 -11.21 -7.51 21.92
C ARG C 56 -12.37 -6.76 21.29
N SER C 57 -13.25 -7.48 20.61
CA SER C 57 -14.39 -6.86 19.93
C SER C 57 -15.61 -6.77 20.87
N THR C 58 -15.39 -7.04 22.15
CA THR C 58 -16.47 -7.08 23.16
C THR C 58 -17.47 -5.93 23.06
N PRO C 59 -16.98 -4.68 23.06
CA PRO C 59 -17.93 -3.56 23.10
C PRO C 59 -18.71 -3.48 21.81
N LEU C 60 -18.03 -3.74 20.69
CA LEU C 60 -18.68 -3.73 19.39
C LEU C 60 -19.87 -4.71 19.38
N ALA C 61 -19.63 -5.93 19.84
CA ALA C 61 -20.65 -7.00 19.83
C ALA C 61 -21.74 -6.79 20.86
N VAL C 62 -21.35 -6.49 22.11
CA VAL C 62 -22.31 -6.22 23.17
C VAL C 62 -23.24 -5.06 22.82
N LEU C 63 -22.68 -3.99 22.28
CA LEU C 63 -23.48 -2.81 21.95
C LEU C 63 -24.42 -3.04 20.76
N CYS C 64 -23.95 -3.75 19.74
CA CYS C 64 -24.84 -4.15 18.65
C CYS C 64 -25.98 -4.98 19.23
N ALA C 65 -25.66 -5.95 20.08
CA ALA C 65 -26.68 -6.78 20.71
C ALA C 65 -27.66 -5.92 21.51
N ALA C 66 -27.15 -4.99 22.31
CA ALA C 66 -28.02 -4.21 23.20
C ALA C 66 -28.89 -3.21 22.46
N HIS C 67 -28.43 -2.76 21.30
CA HIS C 67 -29.15 -1.71 20.59
C HIS C 67 -30.46 -2.26 19.99
N PRO C 68 -31.58 -1.58 20.25
CA PRO C 68 -32.88 -2.16 19.87
C PRO C 68 -33.13 -2.24 18.36
N ASP C 69 -32.31 -1.57 17.54
CA ASP C 69 -32.57 -1.47 16.10
C ASP C 69 -31.72 -2.41 15.24
N ILE C 70 -30.71 -3.02 15.85
CA ILE C 70 -29.77 -3.83 15.11
C ILE C 70 -29.92 -5.28 15.49
N SER C 71 -30.28 -6.12 14.52
CA SER C 71 -30.36 -7.55 14.76
C SER C 71 -28.96 -8.13 14.63
N VAL C 72 -28.59 -9.01 15.55
CA VAL C 72 -27.26 -9.57 15.54
C VAL C 72 -27.33 -10.97 15.03
N HIS C 73 -26.43 -11.31 14.10
CA HIS C 73 -26.34 -12.64 13.59
C HIS C 73 -24.98 -13.17 13.95
N VAL C 74 -24.92 -14.12 14.88
CA VAL C 74 -23.64 -14.63 15.31
C VAL C 74 -23.15 -15.75 14.40
N GLN C 75 -21.98 -15.54 13.81
CA GLN C 75 -21.34 -16.56 12.97
C GLN C 75 -20.00 -16.95 13.60
N ILE C 76 -19.67 -18.23 13.62
CA ILE C 76 -18.42 -18.69 14.19
C ILE C 76 -17.29 -18.58 13.17
N ASP C 77 -17.56 -19.00 11.93
CA ASP C 77 -16.53 -19.03 10.90
C ASP C 77 -16.57 -17.70 10.16
N GLU C 78 -15.50 -16.91 10.33
CA GLU C 78 -15.44 -15.56 9.79
C GLU C 78 -15.50 -15.57 8.26
N ARG C 79 -14.93 -16.57 7.60
CA ARG C 79 -15.01 -16.58 6.15
C ARG C 79 -16.48 -16.68 5.70
N SER C 80 -17.21 -17.64 6.29
CA SER C 80 -18.66 -17.76 6.15
C SER C 80 -19.39 -16.48 6.52
N ALA C 81 -19.06 -15.90 7.68
CA ALA C 81 -19.68 -14.67 8.15
C ALA C 81 -19.66 -13.59 7.10
N GLY C 82 -18.51 -13.49 6.41
CA GLY C 82 -18.33 -12.43 5.42
C GLY C 82 -19.27 -12.61 4.25
N PHE C 83 -19.37 -13.84 3.77
CA PHE C 83 -20.27 -14.12 2.65
C PHE C 83 -21.74 -14.05 3.11
N PHE C 84 -21.99 -14.36 4.39
CA PHE C 84 -23.34 -14.23 4.94
C PHE C 84 -23.76 -12.76 4.90
N ALA C 85 -22.86 -11.88 5.34
CA ALA C 85 -23.09 -10.44 5.25
C ALA C 85 -23.22 -9.99 3.78
N LEU C 86 -22.36 -10.53 2.92
CA LEU C 86 -22.45 -10.27 1.49
C LEU C 86 -23.87 -10.53 0.99
N GLY C 87 -24.39 -11.72 1.27
CA GLY C 87 -25.74 -12.10 0.82
C GLY C 87 -26.86 -11.25 1.37
N LEU C 88 -26.75 -10.91 2.66
CA LEU C 88 -27.66 -9.99 3.32
C LEU C 88 -27.73 -8.63 2.62
N ALA C 89 -26.57 -8.06 2.29
CA ALA C 89 -26.52 -6.74 1.69
C ALA C 89 -26.82 -6.81 0.19
N LYS C 90 -26.61 -7.98 -0.41
CA LYS C 90 -26.86 -8.16 -1.82
C LYS C 90 -28.37 -8.19 -2.01
N ALA C 91 -29.05 -8.81 -1.05
CA ALA C 91 -30.50 -8.92 -1.10
C ALA C 91 -31.17 -7.57 -0.88
N LYS C 92 -30.59 -6.71 -0.05
CA LYS C 92 -31.28 -5.47 0.31
C LYS C 92 -30.69 -4.24 -0.34
N GLN C 93 -29.52 -4.39 -0.95
CA GLN C 93 -28.86 -3.27 -1.58
C GLN C 93 -28.66 -2.12 -0.58
N ARG C 94 -28.33 -2.48 0.65
CA ARG C 94 -27.90 -1.51 1.64
C ARG C 94 -27.01 -2.17 2.70
N PRO C 95 -26.07 -1.40 3.28
CA PRO C 95 -25.01 -1.96 4.09
C PRO C 95 -25.49 -2.71 5.32
N VAL C 96 -24.78 -3.79 5.66
CA VAL C 96 -24.84 -4.38 6.98
C VAL C 96 -23.48 -4.21 7.68
N LEU C 97 -23.48 -4.30 9.00
CA LEU C 97 -22.23 -4.39 9.77
C LEU C 97 -21.64 -5.81 9.71
N LEU C 98 -20.33 -5.91 9.59
CA LEU C 98 -19.67 -7.20 9.70
C LEU C 98 -18.57 -6.98 10.71
N ILE C 99 -18.60 -7.73 11.81
CA ILE C 99 -17.71 -7.43 12.92
C ILE C 99 -16.88 -8.64 13.33
N CYS C 100 -15.61 -8.42 13.60
CA CYS C 100 -14.81 -9.47 14.21
C CYS C 100 -13.75 -8.90 15.12
N THR C 101 -13.10 -9.78 15.88
CA THR C 101 -12.05 -9.39 16.79
C THR C 101 -10.70 -9.33 16.05
N SER C 102 -9.65 -8.98 16.77
CA SER C 102 -8.32 -8.79 16.20
C SER C 102 -7.66 -10.11 15.76
N GLY C 103 -6.78 -10.04 14.77
CA GLY C 103 -6.05 -11.22 14.30
C GLY C 103 -6.50 -11.82 12.97
N THR C 104 -6.24 -13.10 12.78
CA THR C 104 -6.51 -13.79 11.51
C THR C 104 -7.99 -13.80 11.20
N ALA C 105 -8.82 -13.51 12.20
CA ALA C 105 -10.26 -13.30 12.03
C ALA C 105 -10.53 -12.32 10.89
N ALA C 106 -9.99 -11.11 10.99
CA ALA C 106 -10.12 -10.11 9.93
C ALA C 106 -9.63 -10.60 8.55
N ALA C 107 -8.57 -11.40 8.54
CA ALA C 107 -8.05 -11.89 7.25
C ALA C 107 -9.03 -12.81 6.55
N ASN C 108 -9.84 -13.51 7.35
CA ASN C 108 -10.86 -14.41 6.85
C ASN C 108 -11.98 -13.66 6.12
N PHE C 109 -12.10 -12.35 6.35
CA PHE C 109 -13.08 -11.54 5.61
C PHE C 109 -12.61 -11.20 4.19
N TYR C 110 -11.34 -11.43 3.89
CA TYR C 110 -10.79 -11.01 2.62
CA TYR C 110 -10.77 -11.02 2.61
C TYR C 110 -11.56 -11.55 1.39
N PRO C 111 -11.86 -12.85 1.36
CA PRO C 111 -12.56 -13.34 0.17
C PRO C 111 -13.92 -12.66 -0.06
N ALA C 112 -14.67 -12.44 1.00
CA ALA C 112 -15.96 -11.82 0.86
C ALA C 112 -15.82 -10.36 0.52
N VAL C 113 -14.81 -9.72 1.07
CA VAL C 113 -14.61 -8.30 0.80
C VAL C 113 -14.30 -8.08 -0.68
N VAL C 114 -13.50 -8.99 -1.25
CA VAL C 114 -13.17 -8.96 -2.68
C VAL C 114 -14.43 -9.09 -3.55
N GLU C 115 -15.28 -10.07 -3.24
CA GLU C 115 -16.52 -10.29 -3.97
C GLU C 115 -17.46 -9.09 -3.84
N ALA C 116 -17.57 -8.53 -2.64
CA ALA C 116 -18.39 -7.32 -2.43
C ALA C 116 -17.85 -6.18 -3.26
N HIS C 117 -16.54 -6.13 -3.44
CA HIS C 117 -15.94 -5.04 -4.17
C HIS C 117 -16.35 -5.10 -5.64
N TYR C 118 -16.25 -6.28 -6.23
CA TYR C 118 -16.49 -6.40 -7.67
C TYR C 118 -17.98 -6.51 -7.97
N SER C 119 -18.75 -7.03 -7.01
CA SER C 119 -20.20 -7.11 -7.19
C SER C 119 -20.85 -5.81 -6.81
N ARG C 120 -20.10 -4.91 -6.18
CA ARG C 120 -20.61 -3.62 -5.78
C ARG C 120 -21.68 -3.84 -4.70
N VAL C 121 -21.27 -4.53 -3.64
CA VAL C 121 -22.16 -4.82 -2.52
C VAL C 121 -21.68 -4.03 -1.32
N PRO C 122 -22.56 -3.26 -0.70
CA PRO C 122 -22.15 -2.40 0.41
C PRO C 122 -22.05 -3.15 1.72
N ILE C 123 -20.87 -3.13 2.34
CA ILE C 123 -20.64 -3.80 3.62
C ILE C 123 -19.74 -2.91 4.48
N ILE C 124 -20.05 -2.79 5.77
CA ILE C 124 -19.24 -2.00 6.70
C ILE C 124 -18.50 -2.96 7.63
N VAL C 125 -17.19 -3.13 7.39
CA VAL C 125 -16.38 -4.06 8.19
C VAL C 125 -15.77 -3.34 9.40
N LEU C 126 -16.08 -3.81 10.60
CA LEU C 126 -15.40 -3.28 11.79
C LEU C 126 -14.50 -4.37 12.35
N THR C 127 -13.20 -4.09 12.44
CA THR C 127 -12.27 -5.01 13.07
C THR C 127 -11.69 -4.43 14.37
N ALA C 128 -11.98 -5.10 15.47
CA ALA C 128 -11.39 -4.73 16.76
C ALA C 128 -9.87 -4.82 16.69
N ASP C 129 -9.19 -3.87 17.32
CA ASP C 129 -7.74 -3.95 17.41
C ASP C 129 -7.24 -3.65 18.84
N ARG C 130 -6.00 -4.00 19.11
CA ARG C 130 -5.34 -3.56 20.33
C ARG C 130 -5.03 -2.08 20.18
N PRO C 131 -4.69 -1.41 21.29
CA PRO C 131 -4.24 -0.02 21.25
C PRO C 131 -2.74 0.07 20.87
N HIS C 132 -2.28 1.27 20.57
CA HIS C 132 -0.92 1.50 20.08
C HIS C 132 0.20 0.81 20.88
N GLU C 133 0.14 0.92 22.20
CA GLU C 133 1.21 0.37 23.01
C GLU C 133 1.23 -1.16 22.94
N LEU C 134 0.28 -1.74 22.22
CA LEU C 134 0.28 -3.20 22.10
C LEU C 134 0.38 -3.66 20.65
N ARG C 135 0.67 -2.72 19.74
CA ARG C 135 0.72 -3.07 18.32
C ARG C 135 2.13 -3.13 17.78
N GLU C 136 2.36 -4.01 16.79
CA GLU C 136 3.67 -4.14 16.19
C GLU C 136 4.76 -4.56 17.18
N VAL C 137 4.40 -5.23 18.27
CA VAL C 137 5.37 -5.57 19.33
C VAL C 137 5.29 -7.03 19.79
N GLY C 138 4.69 -7.88 18.96
CA GLY C 138 4.57 -9.30 19.28
C GLY C 138 3.48 -9.71 20.28
N ALA C 139 2.46 -8.89 20.45
CA ALA C 139 1.42 -9.18 21.42
C ALA C 139 0.53 -10.32 20.92
N PRO C 140 -0.05 -11.09 21.85
CA PRO C 140 -0.94 -12.19 21.47
C PRO C 140 -2.03 -11.71 20.53
N GLN C 141 -2.23 -12.43 19.44
CA GLN C 141 -3.39 -12.28 18.57
C GLN C 141 -3.47 -10.94 17.86
N ALA C 142 -2.34 -10.25 17.77
CA ALA C 142 -2.31 -8.90 17.21
C ALA C 142 -1.59 -8.91 15.86
N ILE C 143 -2.23 -8.33 14.85
CA ILE C 143 -1.64 -8.29 13.52
C ILE C 143 -1.78 -6.89 12.95
N ASN C 144 -1.03 -6.61 11.90
CA ASN C 144 -1.13 -5.32 11.26
C ASN C 144 -2.44 -5.23 10.50
N GLN C 145 -3.38 -4.45 11.04
CA GLN C 145 -4.69 -4.33 10.43
C GLN C 145 -4.93 -3.07 9.60
N HIS C 146 -3.89 -2.25 9.44
CA HIS C 146 -3.99 -0.99 8.70
C HIS C 146 -4.08 -1.27 7.21
N PHE C 147 -5.10 -0.71 6.55
CA PHE C 147 -5.26 -0.95 5.10
C PHE C 147 -5.25 -2.45 4.80
N LEU C 148 -5.83 -3.22 5.72
CA LEU C 148 -5.85 -4.68 5.60
C LEU C 148 -6.36 -5.17 4.24
N PHE C 149 -7.38 -4.52 3.72
CA PHE C 149 -8.03 -4.98 2.51
C PHE C 149 -7.59 -4.24 1.26
N GLY C 150 -6.57 -3.38 1.42
CA GLY C 150 -6.02 -2.63 0.32
C GLY C 150 -7.09 -1.77 -0.30
N ASN C 151 -7.13 -1.77 -1.63
CA ASN C 151 -8.09 -0.95 -2.35
C ASN C 151 -9.35 -1.71 -2.69
N PHE C 152 -9.55 -2.88 -2.11
CA PHE C 152 -10.83 -3.57 -2.29
C PHE C 152 -11.91 -2.83 -1.51
N VAL C 153 -11.43 -1.96 -0.64
CA VAL C 153 -12.25 -1.12 0.21
C VAL C 153 -12.07 0.35 -0.27
N LYS C 154 -13.15 1.11 -0.40
CA LYS C 154 -12.95 2.48 -0.90
C LYS C 154 -12.70 3.46 0.22
N PHE C 155 -12.93 3.00 1.46
CA PHE C 155 -12.74 3.82 2.63
C PHE C 155 -12.16 3.00 3.76
N PHE C 156 -11.06 3.48 4.33
CA PHE C 156 -10.48 2.86 5.50
C PHE C 156 -10.09 3.94 6.46
N THR C 157 -10.27 3.68 7.76
CA THR C 157 -9.58 4.49 8.77
C THR C 157 -9.28 3.71 10.05
N ASP C 158 -8.24 4.14 10.74
CA ASP C 158 -7.89 3.63 12.08
C ASP C 158 -8.47 4.61 13.09
N SER C 159 -9.61 4.24 13.69
CA SER C 159 -10.33 5.19 14.53
C SER C 159 -9.55 5.52 15.80
N ALA C 160 -9.80 6.68 16.37
CA ALA C 160 -9.06 7.12 17.55
C ALA C 160 -9.30 6.22 18.75
N LEU C 161 -8.30 6.08 19.60
CA LEU C 161 -8.51 5.47 20.91
C LEU C 161 -9.73 6.13 21.58
N PRO C 162 -10.62 5.34 22.15
CA PRO C 162 -11.81 5.95 22.75
C PRO C 162 -11.50 7.15 23.68
N GLU C 163 -12.31 8.19 23.57
CA GLU C 163 -12.32 9.35 24.45
C GLU C 163 -13.80 9.77 24.57
N GLU C 164 -14.17 10.36 25.71
CA GLU C 164 -15.58 10.66 25.93
C GLU C 164 -15.95 12.15 25.86
N SER C 165 -15.06 12.99 25.35
CA SER C 165 -15.35 14.43 25.27
C SER C 165 -16.37 14.69 24.16
N PRO C 166 -17.17 15.78 24.29
CA PRO C 166 -18.15 16.13 23.27
C PRO C 166 -17.57 16.11 21.85
N GLN C 167 -16.38 16.70 21.70
CA GLN C 167 -15.78 16.81 20.39
C GLN C 167 -15.52 15.42 19.79
N MET C 168 -14.96 14.51 20.61
CA MET C 168 -14.66 13.17 20.10
C MET C 168 -15.91 12.30 19.90
N LEU C 169 -16.97 12.56 20.67
CA LEU C 169 -18.24 11.88 20.38
C LEU C 169 -18.82 12.37 19.04
N ARG C 170 -18.67 13.65 18.75
CA ARG C 170 -19.07 14.15 17.45
C ARG C 170 -18.27 13.48 16.33
N TYR C 171 -16.96 13.37 16.54
CA TYR C 171 -16.05 12.71 15.61
C TYR C 171 -16.48 11.26 15.37
N ILE C 172 -16.83 10.55 16.44
CA ILE C 172 -17.12 9.14 16.28
C ILE C 172 -18.48 8.91 15.60
N ARG C 173 -19.46 9.78 15.88
CA ARG C 173 -20.75 9.68 15.19
C ARG C 173 -20.59 10.02 13.70
N THR C 174 -19.81 11.07 13.43
CA THR C 174 -19.49 11.45 12.08
C THR C 174 -18.78 10.34 11.31
N LEU C 175 -17.90 9.61 11.99
CA LEU C 175 -17.19 8.51 11.33
C LEU C 175 -18.15 7.38 10.95
N ALA C 176 -19.07 7.04 11.83
CA ALA C 176 -20.06 6.00 11.49
C ALA C 176 -20.87 6.38 10.24
N SER C 177 -21.41 7.59 10.23
CA SER C 177 -22.20 8.05 9.11
C SER C 177 -21.39 8.02 7.85
N ARG C 178 -20.17 8.50 7.95
CA ARG C 178 -19.32 8.53 6.79
C ARG C 178 -19.03 7.13 6.29
N ALA C 179 -18.62 6.23 7.18
CA ALA C 179 -18.46 4.83 6.79
C ALA C 179 -19.72 4.32 6.06
N ALA C 180 -20.88 4.55 6.68
CA ALA C 180 -22.16 4.15 6.08
C ALA C 180 -22.38 4.79 4.71
N GLY C 181 -22.10 6.09 4.61
CA GLY C 181 -22.31 6.82 3.38
C GLY C 181 -21.40 6.33 2.29
N GLU C 182 -20.15 6.05 2.65
CA GLU C 182 -19.16 5.58 1.68
C GLU C 182 -19.53 4.22 1.09
N ALA C 183 -20.02 3.30 1.92
CA ALA C 183 -20.39 1.97 1.43
C ALA C 183 -21.52 2.06 0.41
N GLN C 184 -22.39 3.06 0.60
CA GLN C 184 -23.52 3.30 -0.29
C GLN C 184 -23.26 4.28 -1.44
N LYS C 185 -22.20 5.07 -1.34
CA LYS C 185 -21.84 5.91 -2.47
C LYS C 185 -21.50 5.01 -3.65
N ARG C 186 -21.95 5.38 -4.85
CA ARG C 186 -21.77 4.52 -6.03
C ARG C 186 -20.31 4.19 -6.35
N PRO C 187 -20.12 3.16 -7.16
CA PRO C 187 -19.63 1.84 -6.89
C PRO C 187 -19.89 1.56 -5.41
N MET C 188 -21.07 1.05 -5.08
CA MET C 188 -21.29 0.55 -3.71
C MET C 188 -20.24 -0.51 -3.42
N GLY C 189 -19.91 -0.69 -2.14
CA GLY C 189 -18.90 -1.66 -1.80
C GLY C 189 -18.54 -1.65 -0.32
N PRO C 190 -17.57 -2.47 0.04
CA PRO C 190 -17.10 -2.63 1.41
C PRO C 190 -16.26 -1.44 1.88
N VAL C 191 -16.35 -1.14 3.18
CA VAL C 191 -15.52 -0.14 3.80
C VAL C 191 -14.98 -0.73 5.09
N HIS C 192 -13.90 -0.16 5.61
CA HIS C 192 -13.24 -0.78 6.73
C HIS C 192 -12.83 0.23 7.80
N VAL C 193 -13.33 0.05 9.01
CA VAL C 193 -12.88 0.81 10.14
C VAL C 193 -12.23 -0.15 11.11
N ASN C 194 -10.94 0.06 11.37
CA ASN C 194 -10.18 -0.68 12.39
C ASN C 194 -10.35 0.04 13.70
N VAL C 195 -10.74 -0.69 14.74
CA VAL C 195 -11.13 -0.04 15.99
C VAL C 195 -10.25 -0.50 17.14
N PRO C 196 -9.19 0.26 17.42
CA PRO C 196 -8.32 -0.06 18.54
C PRO C 196 -9.06 0.18 19.86
N LEU C 197 -8.95 -0.77 20.77
CA LEU C 197 -9.65 -0.72 22.03
C LEU C 197 -8.77 -1.10 23.22
N ARG C 198 -8.88 -0.30 24.28
CA ARG C 198 -8.03 -0.47 25.44
C ARG C 198 -8.83 -1.11 26.56
N GLU C 199 -8.20 -2.02 27.29
CA GLU C 199 -8.84 -2.65 28.43
C GLU C 199 -9.46 -1.67 29.43
N PRO C 200 -10.27 -2.22 30.33
CA PRO C 200 -11.70 -2.20 30.52
C PRO C 200 -12.37 -2.26 29.14
N LEU C 201 -12.73 -3.46 28.69
CA LEU C 201 -13.41 -3.63 27.39
C LEU C 201 -14.94 -3.59 27.46
N MET C 202 -15.50 -4.00 28.59
CA MET C 202 -16.94 -4.16 28.72
C MET C 202 -17.68 -2.84 28.93
N PRO C 203 -18.51 -2.43 27.97
CA PRO C 203 -19.16 -1.12 28.12
C PRO C 203 -20.23 -1.17 29.20
N ASP C 204 -20.48 -0.05 29.86
CA ASP C 204 -21.49 -0.02 30.94
C ASP C 204 -22.87 0.22 30.35
N LEU C 205 -23.67 -0.84 30.25
CA LEU C 205 -24.97 -0.79 29.60
C LEU C 205 -26.02 0.06 30.34
N SER C 206 -25.78 0.28 31.63
CA SER C 206 -26.73 0.96 32.50
C SER C 206 -26.44 2.45 32.58
N ASP C 207 -25.66 2.95 31.63
CA ASP C 207 -25.25 4.35 31.67
C ASP C 207 -25.53 5.01 30.34
N GLU C 208 -26.66 4.69 29.73
CA GLU C 208 -27.09 5.32 28.48
C GLU C 208 -25.97 5.36 27.42
N PRO C 209 -25.44 4.19 27.03
CA PRO C 209 -24.32 4.20 26.08
C PRO C 209 -24.71 4.88 24.77
N PHE C 210 -26.00 4.86 24.45
CA PHE C 210 -26.47 5.33 23.16
C PHE C 210 -26.88 6.80 23.13
N GLY C 211 -26.75 7.48 24.26
CA GLY C 211 -27.14 8.88 24.38
C GLY C 211 -26.58 9.78 23.30
N ARG C 212 -27.40 10.72 22.83
CA ARG C 212 -27.02 11.66 21.76
C ARG C 212 -27.19 13.12 22.18
N MET C 213 -26.84 14.03 21.27
CA MET C 213 -27.12 15.45 21.42
C MET C 213 -28.15 15.95 20.41
N ARG C 214 -28.18 15.35 19.22
CA ARG C 214 -29.16 15.71 18.20
C ARG C 214 -30.33 14.74 18.19
N THR C 215 -31.48 15.17 17.71
CA THR C 215 -32.68 14.32 17.76
C THR C 215 -32.59 13.11 16.84
N GLY C 216 -32.06 13.31 15.63
CA GLY C 216 -31.92 12.20 14.69
C GLY C 216 -30.46 11.95 14.34
N ARG C 217 -30.21 11.63 13.08
CA ARG C 217 -28.86 11.40 12.58
C ARG C 217 -27.97 12.61 12.88
N HIS C 218 -26.73 12.34 13.28
CA HIS C 218 -25.74 13.39 13.43
C HIS C 218 -25.53 14.12 12.10
N VAL C 219 -25.32 13.33 11.04
CA VAL C 219 -25.13 13.84 9.69
C VAL C 219 -25.91 12.93 8.76
N SER C 220 -26.89 13.46 8.04
CA SER C 220 -27.50 12.62 7.02
C SER C 220 -26.78 12.81 5.70
N VAL C 221 -26.43 11.69 5.08
CA VAL C 221 -25.73 11.68 3.81
C VAL C 221 -26.74 11.39 2.72
N LYS C 222 -26.84 12.28 1.75
CA LYS C 222 -27.74 12.07 0.62
C LYS C 222 -26.92 11.89 -0.65
N THR C 223 -26.76 10.65 -1.09
CA THR C 223 -26.05 10.41 -2.36
C THR C 223 -27.06 10.54 -3.51
N GLY C 224 -26.57 10.79 -4.70
CA GLY C 224 -27.47 11.02 -5.82
C GLY C 224 -27.21 10.20 -7.05
N THR C 225 -28.14 10.31 -8.01
CA THR C 225 -28.04 9.66 -9.30
C THR C 225 -27.14 10.46 -10.27
N GLN C 226 -26.46 9.77 -11.18
CA GLN C 226 -25.59 10.43 -12.15
C GLN C 226 -26.26 10.54 -13.54
N SER C 227 -26.04 11.67 -14.22
CA SER C 227 -26.70 11.95 -15.50
C SER C 227 -25.78 12.53 -16.55
N VAL C 228 -25.94 12.07 -17.79
CA VAL C 228 -25.34 12.70 -18.96
C VAL C 228 -26.47 13.37 -19.75
N ASP C 229 -26.24 14.61 -20.18
CA ASP C 229 -27.30 15.43 -20.78
C ASP C 229 -27.54 15.18 -22.27
N ARG C 230 -28.65 15.72 -22.75
CA ARG C 230 -29.04 15.66 -24.16
C ARG C 230 -27.85 15.74 -25.12
N GLU C 231 -27.20 16.90 -25.14
CA GLU C 231 -26.09 17.18 -26.05
C GLU C 231 -25.03 16.08 -26.11
N SER C 232 -24.51 15.69 -24.95
CA SER C 232 -23.39 14.77 -24.90
C SER C 232 -23.79 13.39 -25.41
N LEU C 233 -25.10 13.16 -25.49
CA LEU C 233 -25.63 11.90 -26.00
C LEU C 233 -25.98 11.95 -27.50
N SER C 234 -25.66 13.06 -28.16
CA SER C 234 -26.03 13.26 -29.57
C SER C 234 -25.54 12.17 -30.47
N ASP C 235 -24.22 12.05 -30.58
CA ASP C 235 -23.57 11.05 -31.42
C ASP C 235 -24.10 9.66 -31.18
N VAL C 236 -24.38 9.33 -29.93
CA VAL C 236 -24.92 8.03 -29.58
C VAL C 236 -26.38 7.88 -30.03
N ALA C 237 -27.23 8.85 -29.69
CA ALA C 237 -28.64 8.79 -30.06
C ALA C 237 -28.83 8.85 -31.59
N GLU C 238 -27.86 9.41 -32.28
CA GLU C 238 -27.90 9.48 -33.74
C GLU C 238 -27.64 8.12 -34.31
N MET C 239 -26.61 7.44 -33.80
CA MET C 239 -26.21 6.15 -34.35
C MET C 239 -27.28 5.08 -34.09
N LEU C 240 -27.96 5.18 -32.95
CA LEU C 240 -29.06 4.25 -32.62
C LEU C 240 -30.27 4.48 -33.55
N ALA C 241 -30.67 5.75 -33.69
CA ALA C 241 -31.72 6.13 -34.64
C ALA C 241 -31.43 5.61 -36.04
N GLU C 242 -30.19 5.76 -36.49
CA GLU C 242 -29.83 5.43 -37.87
C GLU C 242 -29.31 3.99 -38.07
N ALA C 243 -29.43 3.15 -37.05
CA ALA C 243 -28.97 1.76 -37.17
C ALA C 243 -30.12 0.79 -36.94
N GLU C 244 -30.39 -0.03 -37.95
CA GLU C 244 -31.49 -0.98 -37.91
C GLU C 244 -31.07 -2.20 -37.11
N LYS C 245 -29.79 -2.55 -37.22
CA LYS C 245 -29.26 -3.78 -36.66
C LYS C 245 -28.51 -3.58 -35.34
N GLY C 246 -29.26 -3.41 -34.26
CA GLY C 246 -28.68 -3.31 -32.93
C GLY C 246 -29.14 -4.43 -32.01
N MET C 247 -28.30 -4.79 -31.05
CA MET C 247 -28.75 -5.64 -29.95
C MET C 247 -28.43 -4.97 -28.62
N ILE C 248 -29.16 -5.33 -27.58
CA ILE C 248 -28.89 -4.85 -26.24
C ILE C 248 -28.41 -6.04 -25.44
N VAL C 249 -27.25 -5.89 -24.80
CA VAL C 249 -26.77 -6.96 -23.91
C VAL C 249 -26.95 -6.53 -22.46
N CYS C 250 -27.66 -7.36 -21.71
CA CYS C 250 -28.06 -6.98 -20.37
C CYS C 250 -27.67 -8.05 -19.35
N GLY C 251 -26.67 -7.74 -18.54
CA GLY C 251 -26.27 -8.61 -17.42
C GLY C 251 -26.98 -8.18 -16.16
N GLU C 252 -26.46 -8.64 -15.01
CA GLU C 252 -27.07 -8.40 -13.69
C GLU C 252 -27.71 -7.01 -13.55
N LEU C 253 -28.94 -6.97 -13.08
CA LEU C 253 -29.64 -5.72 -12.77
C LEU C 253 -30.34 -5.88 -11.45
N HIS C 254 -30.51 -4.77 -10.71
CA HIS C 254 -31.21 -4.82 -9.41
C HIS C 254 -32.29 -3.74 -9.30
N SER C 255 -32.40 -2.90 -10.33
CA SER C 255 -33.36 -1.80 -10.32
C SER C 255 -34.61 -2.17 -11.08
N ASP C 256 -35.77 -2.00 -10.43
CA ASP C 256 -37.05 -2.18 -11.11
C ASP C 256 -37.22 -1.18 -12.25
N ALA C 257 -36.92 0.08 -11.97
CA ALA C 257 -37.02 1.12 -12.97
C ALA C 257 -36.13 0.86 -14.17
N ASP C 258 -34.87 0.50 -13.92
CA ASP C 258 -33.94 0.23 -15.01
C ASP C 258 -34.44 -0.92 -15.88
N LYS C 259 -34.98 -1.96 -15.26
CA LYS C 259 -35.54 -3.08 -16.01
C LYS C 259 -36.67 -2.64 -16.93
N GLU C 260 -37.64 -1.91 -16.39
CA GLU C 260 -38.74 -1.41 -17.21
C GLU C 260 -38.22 -0.59 -18.37
N ASN C 261 -37.35 0.38 -18.08
CA ASN C 261 -36.89 1.28 -19.12
C ASN C 261 -36.04 0.62 -20.19
N ILE C 262 -35.19 -0.32 -19.81
CA ILE C 262 -34.39 -1.05 -20.77
C ILE C 262 -35.31 -1.79 -21.73
N ILE C 263 -36.46 -2.23 -21.23
CA ILE C 263 -37.43 -2.93 -22.05
C ILE C 263 -38.12 -1.94 -22.98
N ALA C 264 -38.75 -0.93 -22.39
CA ALA C 264 -39.29 0.17 -23.15
C ALA C 264 -38.33 0.46 -24.29
N LEU C 265 -37.09 0.83 -23.93
CA LEU C 265 -36.08 1.20 -24.91
C LEU C 265 -35.99 0.20 -26.07
N SER C 266 -35.91 -1.09 -25.76
CA SER C 266 -35.72 -2.08 -26.83
C SER C 266 -36.96 -2.26 -27.72
N LYS C 267 -38.15 -1.93 -27.20
CA LYS C 267 -39.37 -1.84 -28.01
C LYS C 267 -39.29 -0.67 -29.00
N ALA C 268 -38.96 0.50 -28.47
CA ALA C 268 -38.81 1.71 -29.29
C ALA C 268 -37.82 1.52 -30.45
N LEU C 269 -36.78 0.72 -30.24
CA LEU C 269 -35.78 0.53 -31.28
C LEU C 269 -35.98 -0.77 -32.00
N GLN C 270 -36.69 -1.70 -31.37
CA GLN C 270 -36.90 -3.02 -31.93
C GLN C 270 -35.56 -3.75 -32.02
N TYR C 271 -34.81 -3.69 -30.92
CA TYR C 271 -33.59 -4.46 -30.78
C TYR C 271 -33.91 -5.65 -29.89
N PRO C 272 -33.29 -6.80 -30.18
CA PRO C 272 -33.46 -7.87 -29.23
C PRO C 272 -32.66 -7.55 -27.95
N ILE C 273 -33.04 -8.19 -26.85
CA ILE C 273 -32.31 -8.05 -25.62
C ILE C 273 -31.72 -9.39 -25.30
N LEU C 274 -30.40 -9.52 -25.36
CA LEU C 274 -29.78 -10.74 -24.88
C LEU C 274 -29.79 -10.67 -23.36
N ALA C 275 -30.68 -11.44 -22.75
CA ALA C 275 -30.86 -11.37 -21.30
C ALA C 275 -30.05 -12.43 -20.56
N ASP C 276 -29.02 -11.97 -19.85
CA ASP C 276 -28.30 -12.81 -18.92
C ASP C 276 -29.27 -13.21 -17.82
N PRO C 277 -29.14 -14.44 -17.30
CA PRO C 277 -30.01 -14.92 -16.21
C PRO C 277 -30.03 -13.93 -15.05
N LEU C 278 -28.91 -13.25 -14.82
CA LEU C 278 -28.83 -12.31 -13.70
C LEU C 278 -29.52 -10.99 -13.97
N SER C 279 -29.86 -10.73 -15.23
CA SER C 279 -30.70 -9.57 -15.55
C SER C 279 -32.05 -9.79 -14.93
N ASN C 280 -32.41 -11.07 -14.79
CA ASN C 280 -33.75 -11.46 -14.37
C ASN C 280 -34.87 -11.04 -15.33
N LEU C 281 -34.53 -10.81 -16.60
CA LEU C 281 -35.52 -10.42 -17.61
C LEU C 281 -36.17 -11.64 -18.26
N ARG C 282 -35.70 -12.83 -17.90
CA ARG C 282 -36.27 -14.09 -18.36
C ARG C 282 -37.36 -14.63 -17.42
N ASN C 283 -37.71 -13.90 -16.38
CA ASN C 283 -38.71 -14.40 -15.44
C ASN C 283 -39.38 -13.32 -14.60
N GLY C 284 -40.43 -12.74 -15.19
CA GLY C 284 -41.21 -11.69 -14.55
C GLY C 284 -42.43 -11.39 -15.40
N VAL C 285 -43.28 -10.50 -14.91
CA VAL C 285 -44.55 -10.20 -15.58
C VAL C 285 -44.41 -9.21 -16.74
N HIS C 286 -43.28 -8.50 -16.77
CA HIS C 286 -42.95 -7.59 -17.84
C HIS C 286 -43.03 -8.26 -19.22
N ASP C 287 -43.18 -7.45 -20.26
CA ASP C 287 -43.27 -7.95 -21.62
C ASP C 287 -41.94 -8.53 -22.10
N LYS C 288 -41.98 -9.69 -22.74
CA LYS C 288 -40.75 -10.41 -23.07
C LYS C 288 -40.57 -10.71 -24.55
N SER C 289 -41.41 -10.13 -25.40
CA SER C 289 -41.33 -10.37 -26.84
C SER C 289 -39.92 -10.09 -27.37
N THR C 290 -39.34 -9.02 -26.83
CA THR C 290 -38.00 -8.57 -27.19
C THR C 290 -36.87 -9.38 -26.55
N VAL C 291 -37.18 -10.13 -25.50
CA VAL C 291 -36.16 -10.88 -24.73
C VAL C 291 -35.62 -12.12 -25.47
N ILE C 292 -34.29 -12.25 -25.56
CA ILE C 292 -33.63 -13.41 -26.18
C ILE C 292 -32.86 -14.18 -25.12
N ASP C 293 -33.07 -15.51 -25.07
CA ASP C 293 -32.54 -16.32 -23.98
C ASP C 293 -31.61 -17.46 -24.40
N ALA C 294 -31.58 -17.75 -25.70
CA ALA C 294 -30.81 -18.90 -26.21
C ALA C 294 -29.49 -18.51 -26.88
N TYR C 295 -29.23 -17.21 -26.93
CA TYR C 295 -28.06 -16.67 -27.61
C TYR C 295 -26.76 -17.38 -27.23
N ASP C 296 -26.60 -17.78 -25.96
CA ASP C 296 -25.33 -18.36 -25.56
C ASP C 296 -25.12 -19.66 -26.31
N SER C 297 -26.23 -20.30 -26.66
CA SER C 297 -26.16 -21.57 -27.35
C SER C 297 -25.97 -21.37 -28.85
N PHE C 298 -26.84 -20.59 -29.48
CA PHE C 298 -26.79 -20.52 -30.93
C PHE C 298 -25.68 -19.64 -31.51
N LEU C 299 -25.25 -18.64 -30.76
CA LEU C 299 -24.14 -17.81 -31.22
C LEU C 299 -22.82 -18.56 -31.27
N LYS C 300 -22.85 -19.87 -31.01
CA LYS C 300 -21.63 -20.66 -31.12
C LYS C 300 -21.36 -21.04 -32.58
N ASP C 301 -22.38 -20.86 -33.42
CA ASP C 301 -22.27 -21.14 -34.85
C ASP C 301 -21.88 -19.89 -35.66
N ASP C 302 -20.86 -20.02 -36.49
CA ASP C 302 -20.37 -18.92 -37.33
C ASP C 302 -21.45 -18.35 -38.23
N GLU C 303 -22.21 -19.25 -38.86
CA GLU C 303 -23.21 -18.88 -39.84
C GLU C 303 -24.38 -18.09 -39.24
N LEU C 304 -24.86 -18.51 -38.08
CA LEU C 304 -25.93 -17.76 -37.38
C LEU C 304 -25.43 -16.41 -36.90
N LYS C 305 -24.14 -16.36 -36.58
CA LYS C 305 -23.54 -15.13 -36.13
C LYS C 305 -23.46 -14.10 -37.26
N ARG C 306 -23.01 -14.53 -38.44
CA ARG C 306 -23.00 -13.64 -39.61
C ARG C 306 -24.41 -13.12 -39.94
N LYS C 307 -25.41 -14.00 -39.90
CA LYS C 307 -26.78 -13.58 -40.17
C LYS C 307 -27.22 -12.52 -39.18
N LEU C 308 -26.94 -12.76 -37.90
CA LEU C 308 -27.37 -11.85 -36.83
C LEU C 308 -26.32 -10.82 -36.39
N ARG C 309 -25.25 -10.64 -37.17
CA ARG C 309 -24.25 -9.62 -36.82
C ARG C 309 -24.86 -8.23 -36.80
N PRO C 310 -24.79 -7.56 -35.63
CA PRO C 310 -25.33 -6.21 -35.50
C PRO C 310 -24.30 -5.12 -35.76
N ASP C 311 -24.78 -3.91 -36.02
CA ASP C 311 -23.88 -2.78 -36.25
C ASP C 311 -23.53 -2.13 -34.90
N VAL C 312 -24.52 -2.10 -34.01
CA VAL C 312 -24.35 -1.46 -32.71
C VAL C 312 -24.80 -2.36 -31.58
N VAL C 313 -24.14 -2.24 -30.44
CA VAL C 313 -24.46 -2.99 -29.23
C VAL C 313 -24.58 -2.03 -28.07
N ILE C 314 -25.70 -2.06 -27.35
CA ILE C 314 -25.79 -1.31 -26.12
C ILE C 314 -25.68 -2.29 -24.95
N ARG C 315 -24.81 -2.00 -23.98
CA ARG C 315 -24.66 -2.87 -22.81
C ARG C 315 -25.10 -2.20 -21.52
N PHE C 316 -25.88 -2.91 -20.73
CA PHE C 316 -26.23 -2.50 -19.40
C PHE C 316 -25.70 -3.58 -18.45
N GLY C 317 -25.42 -3.20 -17.21
CA GLY C 317 -24.85 -4.14 -16.25
C GLY C 317 -23.43 -4.60 -16.61
N PRO C 318 -22.86 -5.47 -15.77
CA PRO C 318 -21.53 -6.00 -16.10
C PRO C 318 -21.66 -7.02 -17.22
N MET C 319 -20.51 -7.59 -17.63
CA MET C 319 -20.48 -8.62 -18.66
C MET C 319 -21.47 -9.73 -18.34
N PRO C 320 -22.16 -10.24 -19.37
CA PRO C 320 -23.04 -11.36 -19.12
C PRO C 320 -22.19 -12.58 -18.87
N VAL C 321 -22.82 -13.63 -18.38
CA VAL C 321 -22.13 -14.89 -18.17
C VAL C 321 -21.52 -15.46 -19.45
N SER C 322 -22.19 -15.26 -20.59
CA SER C 322 -21.83 -15.88 -21.87
C SER C 322 -20.44 -15.59 -22.43
N LYS C 323 -19.59 -16.61 -22.46
CA LYS C 323 -18.29 -16.49 -23.09
C LYS C 323 -18.40 -16.19 -24.61
N PRO C 324 -19.29 -16.90 -25.32
CA PRO C 324 -19.49 -16.63 -26.75
C PRO C 324 -19.85 -15.18 -27.10
N VAL C 325 -20.55 -14.47 -26.22
CA VAL C 325 -20.90 -13.07 -26.46
C VAL C 325 -19.64 -12.21 -26.34
N PHE C 326 -18.83 -12.54 -25.33
CA PHE C 326 -17.56 -11.86 -25.10
C PHE C 326 -16.66 -12.02 -26.31
N LEU C 327 -16.46 -13.27 -26.72
CA LEU C 327 -15.62 -13.58 -27.88
C LEU C 327 -16.14 -12.94 -29.15
N TRP C 328 -17.45 -12.75 -29.24
CA TRP C 328 -18.05 -12.11 -30.40
C TRP C 328 -17.59 -10.65 -30.51
N LEU C 329 -17.78 -9.89 -29.44
CA LEU C 329 -17.44 -8.46 -29.46
C LEU C 329 -15.93 -8.23 -29.57
N LYS C 330 -15.17 -9.17 -29.03
CA LYS C 330 -13.72 -9.08 -29.01
C LYS C 330 -13.10 -9.44 -30.37
N ASP C 331 -13.64 -10.44 -31.04
CA ASP C 331 -13.05 -10.88 -32.31
C ASP C 331 -13.66 -10.18 -33.53
N ASP C 332 -14.69 -9.37 -33.30
CA ASP C 332 -15.23 -8.51 -34.34
C ASP C 332 -15.32 -7.09 -33.78
N PRO C 333 -14.15 -6.42 -33.67
CA PRO C 333 -14.04 -5.10 -33.04
C PRO C 333 -14.78 -4.01 -33.81
N THR C 334 -15.10 -4.26 -35.08
CA THR C 334 -15.84 -3.27 -35.88
C THR C 334 -17.32 -3.16 -35.53
N ILE C 335 -17.82 -4.08 -34.70
CA ILE C 335 -19.15 -3.90 -34.09
C ILE C 335 -19.06 -2.78 -33.04
N GLN C 336 -19.88 -1.75 -33.17
CA GLN C 336 -19.81 -0.61 -32.26
C GLN C 336 -20.46 -0.89 -30.93
N GLN C 337 -19.70 -0.84 -29.84
CA GLN C 337 -20.30 -1.02 -28.51
C GLN C 337 -20.50 0.27 -27.75
N ILE C 338 -21.65 0.36 -27.12
CA ILE C 338 -21.98 1.45 -26.25
C ILE C 338 -22.20 0.81 -24.89
N VAL C 339 -21.33 1.13 -23.93
CA VAL C 339 -21.41 0.55 -22.58
C VAL C 339 -21.98 1.57 -21.60
N ILE C 340 -23.07 1.24 -20.92
CA ILE C 340 -23.67 2.16 -19.95
C ILE C 340 -23.32 1.69 -18.53
N ASP C 341 -22.74 2.58 -17.73
CA ASP C 341 -22.36 2.26 -16.35
C ASP C 341 -22.47 3.49 -15.46
N GLU C 342 -23.52 3.56 -14.67
CA GLU C 342 -23.75 4.73 -13.82
C GLU C 342 -22.63 4.92 -12.79
N ASP C 343 -21.95 3.84 -12.42
CA ASP C 343 -20.92 3.92 -11.39
C ASP C 343 -19.58 4.41 -11.92
N GLY C 344 -19.45 4.51 -13.24
CA GLY C 344 -18.24 5.05 -13.82
C GLY C 344 -17.08 4.07 -13.79
N GLY C 345 -17.40 2.79 -13.67
CA GLY C 345 -16.36 1.78 -13.64
C GLY C 345 -15.92 1.53 -15.06
N TRP C 346 -15.11 0.51 -15.25
CA TRP C 346 -14.68 0.16 -16.58
C TRP C 346 -14.76 -1.34 -16.80
N ARG C 347 -15.96 -1.83 -17.04
CA ARG C 347 -16.13 -3.25 -17.26
C ARG C 347 -16.26 -3.54 -18.75
N ASP C 348 -15.16 -3.99 -19.34
CA ASP C 348 -15.15 -4.35 -20.75
C ASP C 348 -13.83 -5.00 -21.11
N PRO C 349 -13.76 -6.31 -20.93
CA PRO C 349 -12.51 -6.99 -21.24
C PRO C 349 -12.29 -7.22 -22.74
N THR C 350 -13.17 -6.73 -23.61
CA THR C 350 -12.89 -6.82 -25.05
C THR C 350 -11.87 -5.79 -25.47
N GLN C 351 -11.67 -4.74 -24.66
CA GLN C 351 -10.83 -3.60 -25.06
C GLN C 351 -11.35 -2.94 -26.34
N ALA C 352 -12.58 -3.25 -26.77
CA ALA C 352 -13.05 -2.75 -28.06
C ALA C 352 -14.32 -1.91 -28.03
N SER C 353 -14.86 -1.64 -26.85
CA SER C 353 -16.09 -0.87 -26.82
C SER C 353 -15.73 0.54 -27.27
N ALA C 354 -16.72 1.28 -27.77
CA ALA C 354 -16.44 2.55 -28.44
C ALA C 354 -17.00 3.74 -27.66
N HIS C 355 -17.95 3.48 -26.77
CA HIS C 355 -18.50 4.51 -25.91
C HIS C 355 -18.71 3.97 -24.52
N MET C 356 -18.08 4.62 -23.55
CA MET C 356 -18.33 4.32 -22.15
C MET C 356 -19.10 5.49 -21.59
N ILE C 357 -20.33 5.23 -21.18
CA ILE C 357 -21.25 6.28 -20.74
C ILE C 357 -21.58 6.11 -19.27
N HIS C 358 -21.17 7.07 -18.45
CA HIS C 358 -21.44 6.98 -17.02
C HIS C 358 -22.70 7.72 -16.67
N CYS C 359 -23.81 7.03 -16.89
CA CYS C 359 -25.10 7.62 -16.70
C CYS C 359 -26.03 6.53 -16.22
N ASN C 360 -26.98 6.93 -15.36
CA ASN C 360 -28.03 6.05 -14.88
C ASN C 360 -28.74 5.38 -16.06
N ALA C 361 -29.03 4.10 -15.92
CA ALA C 361 -29.61 3.34 -17.03
C ALA C 361 -30.98 3.88 -17.45
N SER C 362 -31.82 4.25 -16.49
CA SER C 362 -33.15 4.76 -16.81
C SER C 362 -33.06 6.13 -17.47
N VAL C 363 -32.16 6.97 -16.99
CA VAL C 363 -32.00 8.30 -17.58
C VAL C 363 -31.53 8.18 -19.03
N PHE C 364 -30.58 7.27 -19.28
CA PHE C 364 -30.08 7.04 -20.64
C PHE C 364 -31.19 6.57 -21.57
N ALA C 365 -31.88 5.50 -21.17
CA ALA C 365 -32.97 4.93 -21.93
C ALA C 365 -33.96 6.02 -22.34
N GLU C 366 -34.47 6.76 -21.36
CA GLU C 366 -35.44 7.80 -21.62
C GLU C 366 -34.94 8.87 -22.58
N GLU C 367 -33.70 9.32 -22.40
CA GLU C 367 -33.16 10.35 -23.28
C GLU C 367 -33.03 9.84 -24.70
N ILE C 368 -32.74 8.55 -24.86
CA ILE C 368 -32.65 7.99 -26.20
C ILE C 368 -34.04 7.94 -26.83
N MET C 369 -35.04 7.59 -26.03
CA MET C 369 -36.38 7.42 -26.52
C MET C 369 -37.04 8.76 -26.89
N ALA C 370 -36.82 9.77 -26.06
CA ALA C 370 -37.42 11.07 -26.29
C ALA C 370 -36.88 11.73 -27.55
N GLY C 371 -35.80 11.18 -28.09
CA GLY C 371 -35.13 11.77 -29.25
C GLY C 371 -35.40 10.98 -30.52
N LEU C 372 -36.07 9.85 -30.37
CA LEU C 372 -36.55 9.07 -31.51
C LEU C 372 -37.79 9.72 -32.12
N THR C 373 -37.90 9.65 -33.45
CA THR C 373 -39.06 10.19 -34.14
C THR C 373 -40.29 9.31 -33.94
N ALA C 374 -41.44 9.77 -34.46
CA ALA C 374 -42.67 8.99 -34.45
C ALA C 374 -42.64 7.86 -35.51
N ALA C 375 -41.65 7.91 -36.39
CA ALA C 375 -41.46 6.88 -37.40
C ALA C 375 -41.44 5.49 -36.77
N THR C 376 -42.63 4.89 -36.63
CA THR C 376 -42.76 3.50 -36.17
C THR C 376 -41.72 2.61 -36.86
N ARG C 377 -40.95 1.88 -36.05
CA ARG C 377 -39.76 1.16 -36.53
C ARG C 377 -40.01 -0.19 -37.15
N SER C 378 -39.20 -0.54 -38.13
CA SER C 378 -39.24 -1.85 -38.76
C SER C 378 -38.81 -2.94 -37.78
N SER C 379 -39.50 -4.08 -37.81
CA SER C 379 -39.20 -5.14 -36.87
C SER C 379 -38.72 -6.43 -37.51
N GLU C 380 -38.28 -6.35 -38.76
CA GLU C 380 -37.71 -7.52 -39.43
C GLU C 380 -36.47 -8.05 -38.70
N TRP C 381 -35.58 -7.13 -38.33
CA TRP C 381 -34.32 -7.49 -37.65
C TRP C 381 -34.64 -8.19 -36.33
N LEU C 382 -35.50 -7.56 -35.53
CA LEU C 382 -35.97 -8.17 -34.31
C LEU C 382 -36.47 -9.58 -34.62
N GLU C 383 -37.28 -9.69 -35.67
CA GLU C 383 -37.94 -10.95 -36.01
C GLU C 383 -36.97 -12.07 -36.38
N LYS C 384 -35.85 -11.72 -37.01
CA LYS C 384 -34.79 -12.70 -37.28
C LYS C 384 -34.30 -13.33 -35.97
N TRP C 385 -34.15 -12.51 -34.93
CA TRP C 385 -33.72 -13.02 -33.63
C TRP C 385 -34.77 -13.95 -33.01
N GLN C 386 -35.99 -13.46 -32.94
CA GLN C 386 -37.11 -14.24 -32.43
C GLN C 386 -37.23 -15.58 -33.17
N PHE C 387 -37.15 -15.54 -34.50
CA PHE C 387 -37.18 -16.77 -35.29
C PHE C 387 -36.13 -17.75 -34.76
N VAL C 388 -34.87 -17.31 -34.73
CA VAL C 388 -33.78 -18.18 -34.29
C VAL C 388 -34.00 -18.73 -32.88
N ASN C 389 -34.49 -17.88 -31.99
CA ASN C 389 -34.76 -18.29 -30.61
C ASN C 389 -35.92 -19.27 -30.48
N GLY C 390 -37.03 -18.98 -31.17
CA GLY C 390 -38.18 -19.89 -31.22
C GLY C 390 -37.79 -21.27 -31.74
N ARG C 391 -37.08 -21.31 -32.86
CA ARG C 391 -36.69 -22.58 -33.46
C ARG C 391 -35.70 -23.39 -32.63
N PHE C 392 -34.83 -22.69 -31.91
CA PHE C 392 -33.86 -23.37 -31.07
C PHE C 392 -34.58 -24.04 -29.91
N ARG C 393 -35.39 -23.25 -29.22
CA ARG C 393 -36.15 -23.72 -28.06
C ARG C 393 -37.09 -24.87 -28.44
N GLU C 394 -37.81 -24.68 -29.55
CA GLU C 394 -38.80 -25.65 -30.00
C GLU C 394 -38.19 -27.01 -30.32
N HIS C 395 -37.08 -27.02 -31.04
CA HIS C 395 -36.44 -28.30 -31.27
C HIS C 395 -35.94 -28.96 -29.99
N LEU C 396 -35.30 -28.18 -29.12
CA LEU C 396 -34.73 -28.72 -27.88
C LEU C 396 -35.81 -29.37 -27.03
N GLN C 397 -36.97 -28.74 -26.99
CA GLN C 397 -38.14 -29.29 -26.32
C GLN C 397 -38.44 -30.74 -26.75
N THR C 398 -38.25 -31.03 -28.04
CA THR C 398 -38.46 -32.41 -28.52
C THR C 398 -37.39 -33.38 -28.02
N ILE C 399 -36.35 -32.87 -27.39
CA ILE C 399 -35.33 -33.75 -26.86
C ILE C 399 -35.63 -34.19 -25.42
N SER C 400 -35.51 -35.50 -25.21
CA SER C 400 -35.75 -36.11 -23.90
C SER C 400 -34.98 -35.43 -22.77
N SER C 401 -35.65 -35.26 -21.64
CA SER C 401 -35.03 -34.66 -20.47
C SER C 401 -35.06 -35.60 -19.25
N GLU C 402 -35.50 -36.83 -19.45
CA GLU C 402 -35.75 -37.76 -18.35
C GLU C 402 -34.50 -38.13 -17.56
N ASP C 403 -33.40 -38.41 -18.26
CA ASP C 403 -32.16 -38.87 -17.62
C ASP C 403 -31.62 -37.90 -16.55
N VAL C 404 -31.78 -38.27 -15.28
CA VAL C 404 -31.35 -37.45 -14.16
C VAL C 404 -29.84 -37.33 -14.13
N SER C 405 -29.16 -38.31 -14.72
CA SER C 405 -27.70 -38.32 -14.72
C SER C 405 -27.07 -37.34 -15.71
N PHE C 406 -27.88 -36.76 -16.61
CA PHE C 406 -27.33 -35.69 -17.46
C PHE C 406 -27.63 -34.32 -16.86
N GLU C 407 -26.54 -33.65 -16.50
CA GLU C 407 -26.56 -32.46 -15.65
C GLU C 407 -27.50 -31.36 -16.17
N GLY C 408 -27.47 -31.16 -17.47
CA GLY C 408 -28.29 -30.15 -18.11
C GLY C 408 -29.77 -30.29 -17.84
N ASN C 409 -30.26 -31.52 -17.74
CA ASN C 409 -31.70 -31.75 -17.54
C ASN C 409 -32.26 -31.10 -16.26
N LEU C 410 -31.44 -31.10 -15.20
CA LEU C 410 -31.82 -30.48 -13.95
C LEU C 410 -32.44 -29.13 -14.21
N TYR C 411 -31.69 -28.30 -14.91
CA TYR C 411 -32.07 -26.91 -15.11
C TYR C 411 -33.26 -26.82 -16.06
N ARG C 412 -33.35 -27.78 -16.97
CA ARG C 412 -34.48 -27.84 -17.90
C ARG C 412 -35.79 -28.15 -17.17
N ILE C 413 -35.69 -28.89 -16.06
CA ILE C 413 -36.88 -29.13 -15.23
C ILE C 413 -37.06 -28.08 -14.12
N LEU C 414 -35.96 -27.64 -13.52
CA LEU C 414 -36.04 -26.82 -12.33
C LEU C 414 -36.61 -25.43 -12.63
N GLN C 415 -36.45 -24.99 -13.87
CA GLN C 415 -36.94 -23.68 -14.28
C GLN C 415 -38.42 -23.50 -14.00
N HIS C 416 -39.21 -24.53 -14.24
CA HIS C 416 -40.65 -24.42 -14.06
C HIS C 416 -41.09 -24.62 -12.62
N LEU C 417 -40.16 -25.09 -11.77
CA LEU C 417 -40.50 -25.47 -10.40
C LEU C 417 -40.20 -24.42 -9.35
N VAL C 418 -39.23 -23.55 -9.61
CA VAL C 418 -38.89 -22.49 -8.66
C VAL C 418 -40.10 -21.65 -8.27
N PRO C 419 -40.52 -21.74 -7.00
CA PRO C 419 -41.65 -21.00 -6.45
C PRO C 419 -41.66 -19.51 -6.80
N GLU C 420 -42.85 -18.98 -7.08
CA GLU C 420 -43.00 -17.56 -7.38
C GLU C 420 -42.62 -16.71 -6.19
N ASN C 421 -42.00 -15.56 -6.46
CA ASN C 421 -41.51 -14.66 -5.43
C ASN C 421 -40.48 -15.30 -4.48
N SER C 422 -39.76 -16.30 -4.98
CA SER C 422 -38.65 -16.83 -4.22
C SER C 422 -37.34 -16.46 -4.90
N SER C 423 -36.23 -16.94 -4.38
CA SER C 423 -34.95 -16.66 -4.96
C SER C 423 -34.25 -17.96 -5.28
N LEU C 424 -33.56 -17.96 -6.40
CA LEU C 424 -32.69 -19.05 -6.75
C LEU C 424 -31.25 -18.50 -6.67
N PHE C 425 -30.44 -19.11 -5.82
CA PHE C 425 -29.05 -18.73 -5.74
C PHE C 425 -28.26 -19.73 -6.56
N VAL C 426 -27.46 -19.23 -7.48
CA VAL C 426 -26.79 -20.12 -8.42
C VAL C 426 -25.28 -20.14 -8.25
N GLY C 427 -24.75 -21.33 -8.03
CA GLY C 427 -23.33 -21.48 -7.80
C GLY C 427 -22.53 -21.13 -9.04
N ASN C 428 -21.25 -20.89 -8.87
CA ASN C 428 -20.37 -20.64 -9.99
C ASN C 428 -19.91 -21.96 -10.61
N SER C 429 -19.00 -21.90 -11.58
CA SER C 429 -18.70 -23.10 -12.39
C SER C 429 -19.92 -23.42 -13.28
N MET C 430 -20.21 -24.69 -13.56
CA MET C 430 -21.25 -25.01 -14.55
C MET C 430 -22.71 -24.58 -14.24
N PRO C 431 -23.12 -24.54 -12.95
CA PRO C 431 -24.50 -24.17 -12.66
C PRO C 431 -24.96 -22.81 -13.20
N ILE C 432 -24.11 -21.79 -13.15
CA ILE C 432 -24.53 -20.50 -13.70
C ILE C 432 -24.55 -20.58 -15.23
N ARG C 433 -23.66 -21.39 -15.79
CA ARG C 433 -23.63 -21.61 -17.22
C ARG C 433 -24.86 -22.42 -17.71
N ASP C 434 -25.22 -23.46 -16.94
CA ASP C 434 -26.38 -24.28 -17.30
C ASP C 434 -27.66 -23.49 -17.16
N VAL C 435 -27.75 -22.63 -16.13
CA VAL C 435 -28.89 -21.73 -16.03
C VAL C 435 -28.96 -20.83 -17.25
N ASP C 436 -27.81 -20.38 -17.71
CA ASP C 436 -27.76 -19.52 -18.89
C ASP C 436 -28.31 -20.31 -20.08
N THR C 437 -27.73 -21.48 -20.31
CA THR C 437 -28.07 -22.31 -21.45
C THR C 437 -29.55 -22.68 -21.50
N PHE C 438 -30.10 -23.19 -20.39
CA PHE C 438 -31.43 -23.81 -20.38
C PHE C 438 -32.64 -23.02 -19.85
N PHE C 439 -32.42 -21.95 -19.09
CA PHE C 439 -33.57 -21.23 -18.56
C PHE C 439 -34.24 -20.44 -19.67
N GLU C 440 -35.51 -20.72 -19.92
CA GLU C 440 -36.24 -20.01 -20.95
C GLU C 440 -37.00 -18.86 -20.31
N LYS C 441 -37.36 -17.88 -21.12
CA LYS C 441 -38.19 -16.80 -20.63
C LYS C 441 -39.56 -17.35 -20.22
N GLN C 442 -40.08 -16.86 -19.10
CA GLN C 442 -41.34 -17.33 -18.56
C GLN C 442 -41.97 -16.20 -17.75
N ASP C 443 -43.24 -16.36 -17.39
CA ASP C 443 -44.00 -15.31 -16.70
C ASP C 443 -43.96 -15.44 -15.18
N ARG C 444 -43.54 -16.59 -14.69
CA ARG C 444 -43.43 -16.81 -13.24
C ARG C 444 -42.32 -15.93 -12.64
N PRO C 445 -42.69 -15.02 -11.73
CA PRO C 445 -41.69 -14.12 -11.18
C PRO C 445 -40.86 -14.77 -10.07
N PHE C 446 -39.54 -14.70 -10.21
CA PHE C 446 -38.62 -15.04 -9.13
C PHE C 446 -37.26 -14.41 -9.42
N ARG C 447 -36.42 -14.31 -8.39
CA ARG C 447 -35.10 -13.70 -8.55
C ARG C 447 -33.95 -14.71 -8.59
N ILE C 448 -33.00 -14.45 -9.47
CA ILE C 448 -31.78 -15.23 -9.57
C ILE C 448 -30.59 -14.42 -9.01
N TYR C 449 -29.82 -15.04 -8.13
CA TYR C 449 -28.65 -14.43 -7.53
C TYR C 449 -27.46 -15.32 -7.80
N SER C 450 -26.27 -14.72 -7.71
CA SER C 450 -25.02 -15.40 -8.04
C SER C 450 -23.86 -14.49 -7.62
N ASN C 451 -22.73 -15.09 -7.24
CA ASN C 451 -21.55 -14.32 -6.91
C ASN C 451 -20.69 -14.10 -8.15
N ARG C 452 -21.05 -13.09 -8.93
CA ARG C 452 -20.40 -12.93 -10.24
C ARG C 452 -19.41 -11.79 -10.25
N GLY C 453 -19.16 -11.22 -9.08
CA GLY C 453 -18.06 -10.25 -8.95
C GLY C 453 -16.74 -10.89 -9.33
N ALA C 454 -16.42 -12.04 -8.72
CA ALA C 454 -15.12 -12.71 -8.93
C ALA C 454 -15.27 -14.23 -9.18
N ASN C 455 -16.51 -14.69 -9.32
CA ASN C 455 -16.81 -16.08 -9.64
C ASN C 455 -16.19 -17.13 -8.71
N GLY C 456 -16.01 -16.79 -7.44
CA GLY C 456 -15.44 -17.77 -6.53
C GLY C 456 -16.41 -18.91 -6.25
N ILE C 457 -15.86 -20.10 -6.03
CA ILE C 457 -16.65 -21.21 -5.52
C ILE C 457 -16.69 -21.18 -3.98
N ASP C 458 -16.06 -20.18 -3.37
CA ASP C 458 -16.03 -20.07 -1.91
C ASP C 458 -17.24 -19.32 -1.35
N GLY C 459 -17.68 -19.71 -0.17
CA GLY C 459 -18.74 -18.99 0.53
C GLY C 459 -20.09 -18.89 -0.17
N VAL C 460 -20.37 -19.81 -1.08
CA VAL C 460 -21.61 -19.77 -1.84
C VAL C 460 -22.84 -20.16 -1.02
N VAL C 461 -22.69 -21.18 -0.19
CA VAL C 461 -23.75 -21.59 0.73
C VAL C 461 -24.12 -20.42 1.65
N SER C 462 -23.12 -19.77 2.23
CA SER C 462 -23.39 -18.67 3.16
C SER C 462 -24.00 -17.45 2.48
N SER C 463 -23.62 -17.21 1.23
CA SER C 463 -24.24 -16.12 0.50
C SER C 463 -25.74 -16.37 0.30
N ALA C 464 -26.10 -17.62 0.01
CA ALA C 464 -27.50 -17.99 -0.16
C ALA C 464 -28.21 -17.83 1.19
N MET C 465 -27.56 -18.31 2.23
CA MET C 465 -28.09 -18.12 3.58
C MET C 465 -28.39 -16.66 3.85
N GLY C 466 -27.48 -15.78 3.45
CA GLY C 466 -27.65 -14.33 3.63
C GLY C 466 -28.80 -13.78 2.82
N VAL C 467 -28.92 -14.26 1.58
CA VAL C 467 -30.02 -13.83 0.74
C VAL C 467 -31.36 -14.19 1.39
N CYS C 468 -31.45 -15.40 1.94
CA CYS C 468 -32.67 -15.83 2.64
C CYS C 468 -33.01 -14.89 3.81
N GLU C 469 -32.08 -14.70 4.74
CA GLU C 469 -32.27 -13.73 5.81
C GLU C 469 -32.73 -12.39 5.26
N GLY C 470 -32.11 -12.00 4.14
CA GLY C 470 -32.31 -10.67 3.58
C GLY C 470 -33.69 -10.45 2.96
N THR C 471 -34.29 -11.54 2.47
CA THR C 471 -35.54 -11.42 1.75
C THR C 471 -36.71 -11.97 2.56
N LYS C 472 -36.39 -12.72 3.61
CA LYS C 472 -37.40 -13.44 4.38
C LYS C 472 -38.38 -14.14 3.46
N ALA C 473 -37.84 -14.82 2.45
CA ALA C 473 -38.63 -15.55 1.48
C ALA C 473 -37.82 -16.78 1.12
N PRO C 474 -38.43 -17.73 0.42
CA PRO C 474 -37.73 -19.01 0.22
C PRO C 474 -36.49 -18.86 -0.66
N VAL C 475 -35.51 -19.74 -0.47
CA VAL C 475 -34.29 -19.69 -1.26
C VAL C 475 -33.88 -21.10 -1.67
N THR C 476 -33.61 -21.27 -2.97
CA THR C 476 -33.08 -22.52 -3.45
C THR C 476 -31.64 -22.25 -3.85
N LEU C 477 -30.73 -23.09 -3.40
CA LEU C 477 -29.34 -22.96 -3.80
C LEU C 477 -28.95 -24.09 -4.76
N VAL C 478 -28.45 -23.76 -5.95
CA VAL C 478 -27.97 -24.79 -6.88
C VAL C 478 -26.47 -24.71 -6.93
N ILE C 479 -25.81 -25.78 -6.53
CA ILE C 479 -24.39 -25.69 -6.27
C ILE C 479 -23.72 -27.00 -6.67
N GLY C 480 -22.54 -26.92 -7.26
CA GLY C 480 -21.74 -28.13 -7.50
C GLY C 480 -21.10 -28.68 -6.23
N ASP C 481 -20.57 -29.90 -6.30
CA ASP C 481 -20.05 -30.57 -5.10
C ASP C 481 -18.79 -29.93 -4.51
N LEU C 482 -17.85 -29.52 -5.36
CA LEU C 482 -16.63 -28.89 -4.87
C LEU C 482 -16.94 -27.58 -4.17
N SER C 483 -17.85 -26.79 -4.75
CA SER C 483 -18.28 -25.57 -4.09
C SER C 483 -19.04 -25.83 -2.79
N PHE C 484 -19.85 -26.89 -2.76
CA PHE C 484 -20.63 -27.26 -1.57
C PHE C 484 -19.66 -27.59 -0.45
N TYR C 485 -18.72 -28.49 -0.72
CA TYR C 485 -17.64 -28.76 0.22
C TYR C 485 -16.89 -27.51 0.67
N HIS C 486 -16.59 -26.61 -0.28
CA HIS C 486 -15.87 -25.38 0.04
C HIS C 486 -16.52 -24.63 1.21
N ASP C 487 -17.85 -24.51 1.22
CA ASP C 487 -18.51 -23.78 2.30
C ASP C 487 -19.51 -24.63 3.08
N LEU C 488 -19.14 -25.89 3.31
CA LEU C 488 -19.87 -26.71 4.24
C LEU C 488 -20.15 -25.96 5.55
N ASN C 489 -19.18 -25.21 6.06
CA ASN C 489 -19.38 -24.56 7.35
C ASN C 489 -20.55 -23.56 7.37
N GLY C 490 -20.97 -23.10 6.18
CA GLY C 490 -22.04 -22.12 6.06
C GLY C 490 -23.40 -22.71 6.40
N LEU C 491 -23.47 -24.03 6.45
CA LEU C 491 -24.70 -24.71 6.80
C LEU C 491 -25.06 -24.52 8.28
N LEU C 492 -24.10 -24.06 9.09
CA LEU C 492 -24.35 -23.88 10.52
C LEU C 492 -25.46 -22.85 10.74
N ALA C 493 -25.57 -21.92 9.81
CA ALA C 493 -26.59 -20.87 9.89
C ALA C 493 -27.99 -21.44 9.99
N ALA C 494 -28.22 -22.60 9.38
CA ALA C 494 -29.53 -23.25 9.42
C ALA C 494 -30.02 -23.51 10.85
N LYS C 495 -29.24 -24.26 11.63
CA LYS C 495 -29.65 -24.55 13.01
C LYS C 495 -29.38 -23.35 13.94
N LYS C 496 -28.17 -22.82 13.88
CA LYS C 496 -27.81 -21.72 14.76
C LYS C 496 -28.68 -20.47 14.55
N LEU C 497 -29.01 -20.16 13.30
CA LEU C 497 -29.83 -18.98 13.07
C LEU C 497 -31.24 -19.30 12.59
N GLY C 498 -31.55 -20.60 12.48
CA GLY C 498 -32.86 -21.01 12.00
C GLY C 498 -33.20 -20.40 10.65
N ILE C 499 -32.22 -20.36 9.76
CA ILE C 499 -32.51 -19.92 8.40
C ILE C 499 -32.82 -21.15 7.55
N PRO C 500 -34.01 -21.16 6.93
CA PRO C 500 -34.44 -22.25 6.04
C PRO C 500 -33.70 -22.19 4.71
N LEU C 501 -33.36 -23.35 4.15
CA LEU C 501 -32.71 -23.36 2.84
C LEU C 501 -32.86 -24.70 2.13
N THR C 502 -33.18 -24.63 0.85
CA THR C 502 -33.20 -25.82 0.03
C THR C 502 -31.95 -25.84 -0.84
N VAL C 503 -31.17 -26.91 -0.74
CA VAL C 503 -29.95 -27.00 -1.51
C VAL C 503 -30.11 -28.10 -2.54
N ILE C 504 -30.02 -27.73 -3.82
CA ILE C 504 -29.93 -28.74 -4.85
C ILE C 504 -28.45 -28.95 -5.12
N LEU C 505 -27.92 -30.05 -4.60
CA LEU C 505 -26.52 -30.37 -4.73
C LEU C 505 -26.27 -31.11 -6.04
N VAL C 506 -25.61 -30.45 -6.99
CA VAL C 506 -25.26 -31.13 -8.22
C VAL C 506 -23.91 -31.84 -8.04
N ASN C 507 -23.97 -33.13 -7.74
CA ASN C 507 -22.76 -33.89 -7.50
C ASN C 507 -22.30 -34.78 -8.66
N ASN C 508 -21.23 -34.34 -9.32
CA ASN C 508 -20.58 -35.11 -10.37
C ASN C 508 -19.20 -35.57 -9.87
N ASP C 509 -18.99 -35.48 -8.55
CA ASP C 509 -17.71 -35.82 -7.90
C ASP C 509 -16.47 -35.24 -8.60
N GLY C 510 -16.33 -33.93 -8.53
CA GLY C 510 -15.12 -33.31 -9.07
C GLY C 510 -15.46 -32.02 -9.79
N GLY C 511 -14.48 -31.50 -10.52
CA GLY C 511 -14.68 -30.24 -11.21
C GLY C 511 -15.15 -30.48 -12.63
N GLY C 512 -16.47 -30.61 -12.79
CA GLY C 512 -17.04 -30.97 -14.09
C GLY C 512 -16.79 -29.98 -15.22
N ILE C 513 -16.71 -28.69 -14.87
CA ILE C 513 -16.50 -27.64 -15.86
C ILE C 513 -15.22 -27.85 -16.68
N PHE C 514 -14.17 -28.36 -16.04
CA PHE C 514 -12.88 -28.53 -16.72
C PHE C 514 -12.90 -29.55 -17.85
N SER C 515 -14.01 -30.29 -17.95
CA SER C 515 -14.17 -31.28 -19.00
C SER C 515 -14.36 -30.62 -20.35
N PHE C 516 -14.78 -29.37 -20.33
CA PHE C 516 -15.01 -28.63 -21.57
C PHE C 516 -13.72 -28.15 -22.18
N LEU C 517 -12.66 -28.15 -21.38
CA LEU C 517 -11.36 -27.67 -21.84
C LEU C 517 -10.69 -28.65 -22.79
N PRO C 518 -10.10 -28.12 -23.88
CA PRO C 518 -9.38 -28.91 -24.86
C PRO C 518 -8.19 -29.64 -24.22
N GLN C 519 -7.83 -29.26 -23.00
CA GLN C 519 -6.73 -29.90 -22.28
C GLN C 519 -7.21 -31.07 -21.41
N ALA C 520 -8.52 -31.32 -21.41
CA ALA C 520 -9.08 -32.48 -20.72
C ALA C 520 -8.65 -33.79 -21.40
N SER C 521 -8.21 -33.67 -22.65
CA SER C 521 -7.73 -34.81 -23.44
C SER C 521 -6.44 -35.45 -22.87
N GLU C 522 -5.54 -34.62 -22.33
CA GLU C 522 -4.29 -35.11 -21.72
C GLU C 522 -4.58 -35.80 -20.38
N LYS C 523 -4.39 -37.11 -20.34
CA LYS C 523 -4.91 -37.90 -19.25
C LYS C 523 -4.00 -38.08 -18.03
N THR C 524 -2.68 -38.10 -18.23
CA THR C 524 -1.80 -38.40 -17.11
C THR C 524 -2.07 -37.54 -15.88
N HIS C 525 -2.44 -36.27 -16.10
CA HIS C 525 -2.61 -35.36 -14.98
C HIS C 525 -4.01 -34.84 -14.80
N PHE C 526 -4.85 -34.96 -15.82
CA PHE C 526 -6.12 -34.26 -15.82
C PHE C 526 -6.89 -34.46 -14.52
N GLU C 527 -7.12 -35.71 -14.17
CA GLU C 527 -7.93 -36.04 -13.00
C GLU C 527 -7.31 -35.49 -11.71
N ASP C 528 -6.02 -35.71 -11.52
CA ASP C 528 -5.33 -35.21 -10.33
C ASP C 528 -5.51 -33.70 -10.14
N LEU C 529 -5.28 -32.93 -11.19
CA LEU C 529 -5.12 -31.49 -11.03
C LEU C 529 -6.37 -30.68 -11.37
N PHE C 530 -7.33 -31.32 -12.04
CA PHE C 530 -8.55 -30.66 -12.49
C PHE C 530 -9.84 -31.41 -12.10
N GLY C 531 -9.88 -32.72 -12.36
CA GLY C 531 -11.04 -33.51 -11.95
C GLY C 531 -11.24 -33.37 -10.47
N THR C 532 -10.20 -33.66 -9.71
CA THR C 532 -10.18 -33.55 -8.25
C THR C 532 -11.47 -34.00 -7.54
N PRO C 533 -11.83 -35.30 -7.67
CA PRO C 533 -12.98 -35.83 -6.91
C PRO C 533 -12.71 -35.83 -5.39
N THR C 534 -13.75 -35.61 -4.59
CA THR C 534 -13.61 -35.73 -3.14
C THR C 534 -14.07 -37.11 -2.68
N GLY C 535 -14.99 -37.71 -3.42
CA GLY C 535 -15.57 -38.99 -3.04
C GLY C 535 -16.37 -38.87 -1.75
N LEU C 536 -16.63 -37.65 -1.32
CA LEU C 536 -17.43 -37.35 -0.14
C LEU C 536 -18.87 -37.87 -0.27
N ASP C 537 -19.39 -38.42 0.82
CA ASP C 537 -20.78 -38.83 0.85
C ASP C 537 -21.55 -37.76 1.62
N PHE C 538 -22.26 -36.92 0.89
CA PHE C 538 -22.82 -35.72 1.51
C PHE C 538 -23.99 -35.90 2.48
N LYS C 539 -24.57 -37.10 2.50
CA LYS C 539 -25.61 -37.39 3.49
C LYS C 539 -25.09 -37.14 4.92
N HIS C 540 -23.82 -37.44 5.15
CA HIS C 540 -23.16 -37.21 6.44
C HIS C 540 -23.09 -35.73 6.77
N ALA C 541 -22.93 -34.92 5.74
CA ALA C 541 -22.94 -33.48 5.93
C ALA C 541 -24.33 -33.03 6.32
N ALA C 542 -25.35 -33.57 5.65
CA ALA C 542 -26.72 -33.22 6.02
C ALA C 542 -27.00 -33.58 7.48
N ALA C 543 -26.52 -34.74 7.93
CA ALA C 543 -26.72 -35.14 9.31
C ALA C 543 -26.01 -34.15 10.23
N LEU C 544 -24.74 -33.92 9.96
CA LEU C 544 -23.96 -32.95 10.73
C LEU C 544 -24.71 -31.65 11.01
N TYR C 545 -25.44 -31.14 10.02
CA TYR C 545 -26.09 -29.83 10.20
C TYR C 545 -27.60 -29.94 10.33
N GLY C 546 -28.09 -31.15 10.62
CA GLY C 546 -29.51 -31.38 10.90
C GLY C 546 -30.45 -31.19 9.72
N GLY C 547 -30.00 -31.52 8.52
CA GLY C 547 -30.86 -31.37 7.36
C GLY C 547 -31.51 -32.67 6.92
N THR C 548 -32.64 -32.56 6.23
CA THR C 548 -33.27 -33.74 5.63
C THR C 548 -32.62 -34.03 4.28
N TYR C 549 -32.37 -35.30 3.97
CA TYR C 549 -31.66 -35.68 2.75
C TYR C 549 -32.57 -36.36 1.72
N SER C 550 -32.35 -36.08 0.43
CA SER C 550 -33.05 -36.78 -0.64
C SER C 550 -32.06 -37.05 -1.75
N CYS C 551 -32.28 -38.13 -2.48
CA CYS C 551 -31.44 -38.49 -3.63
C CYS C 551 -32.32 -39.08 -4.72
N PRO C 552 -33.13 -38.25 -5.38
CA PRO C 552 -34.14 -38.68 -6.37
C PRO C 552 -33.55 -39.36 -7.61
N ALA C 553 -34.16 -40.46 -8.05
CA ALA C 553 -33.67 -41.18 -9.22
C ALA C 553 -34.37 -40.70 -10.48
N SER C 554 -35.40 -39.88 -10.29
CA SER C 554 -36.24 -39.43 -11.38
C SER C 554 -36.78 -38.04 -11.07
N TRP C 555 -37.30 -37.35 -12.09
CA TRP C 555 -37.89 -36.03 -11.90
C TRP C 555 -39.19 -36.07 -11.10
N ASP C 556 -39.88 -37.20 -11.12
CA ASP C 556 -41.07 -37.35 -10.29
C ASP C 556 -40.73 -37.26 -8.81
N GLU C 557 -39.68 -37.98 -8.39
CA GLU C 557 -39.31 -37.92 -6.98
C GLU C 557 -38.53 -36.66 -6.62
N PHE C 558 -37.87 -36.05 -7.61
CA PHE C 558 -37.36 -34.71 -7.39
C PHE C 558 -38.52 -33.76 -7.06
N LYS C 559 -39.57 -33.78 -7.88
CA LYS C 559 -40.73 -32.96 -7.63
C LYS C 559 -41.29 -33.17 -6.22
N THR C 560 -41.41 -34.43 -5.81
CA THR C 560 -41.97 -34.72 -4.49
C THR C 560 -41.11 -34.15 -3.37
N ALA C 561 -39.79 -34.27 -3.55
CA ALA C 561 -38.84 -33.79 -2.55
C ALA C 561 -38.74 -32.27 -2.50
N TYR C 562 -38.80 -31.62 -3.66
CA TYR C 562 -38.52 -30.17 -3.75
C TYR C 562 -39.69 -29.29 -3.27
N ALA C 563 -39.51 -28.64 -2.12
CA ALA C 563 -40.57 -27.81 -1.56
C ALA C 563 -40.01 -26.70 -0.69
N PRO C 564 -39.35 -25.71 -1.32
CA PRO C 564 -38.75 -24.55 -0.66
C PRO C 564 -39.76 -23.74 0.14
N GLN C 565 -39.40 -23.33 1.34
CA GLN C 565 -40.29 -22.52 2.18
C GLN C 565 -39.51 -21.58 3.09
N ALA C 566 -40.20 -20.61 3.68
CA ALA C 566 -39.55 -19.62 4.53
C ALA C 566 -40.30 -19.34 5.83
N ASP C 567 -41.25 -20.21 6.19
CA ASP C 567 -42.06 -19.98 7.37
C ASP C 567 -41.41 -20.55 8.63
N LYS C 568 -40.58 -21.56 8.46
CA LYS C 568 -39.92 -22.16 9.61
C LYS C 568 -38.52 -22.65 9.27
N PRO C 569 -37.69 -22.86 10.30
CA PRO C 569 -36.40 -23.52 10.16
C PRO C 569 -36.54 -24.75 9.27
N GLY C 570 -35.46 -25.20 8.65
CA GLY C 570 -35.52 -26.37 7.78
C GLY C 570 -34.51 -26.36 6.66
N LEU C 571 -33.52 -27.24 6.76
CA LEU C 571 -32.50 -27.43 5.74
C LEU C 571 -32.80 -28.71 4.95
N HIS C 572 -32.87 -28.59 3.64
CA HIS C 572 -33.15 -29.74 2.79
C HIS C 572 -32.05 -29.87 1.77
N LEU C 573 -31.32 -30.99 1.84
CA LEU C 573 -30.27 -31.31 0.89
C LEU C 573 -30.77 -32.28 -0.17
N ILE C 574 -30.90 -31.80 -1.40
CA ILE C 574 -31.34 -32.65 -2.49
C ILE C 574 -30.19 -32.96 -3.44
N GLU C 575 -29.66 -34.17 -3.37
CA GLU C 575 -28.49 -34.53 -4.18
C GLU C 575 -28.86 -35.20 -5.53
N ILE C 576 -28.31 -34.67 -6.60
CA ILE C 576 -28.47 -35.20 -7.93
C ILE C 576 -27.09 -35.67 -8.35
N LYS C 577 -26.93 -36.98 -8.55
CA LYS C 577 -25.65 -37.50 -9.05
C LYS C 577 -25.58 -37.47 -10.57
N THR C 578 -24.53 -36.84 -11.11
CA THR C 578 -24.38 -36.76 -12.57
C THR C 578 -23.01 -37.23 -13.03
N ASP C 579 -22.86 -37.46 -14.34
CA ASP C 579 -21.64 -38.05 -14.89
C ASP C 579 -20.86 -37.06 -15.75
N ARG C 580 -19.82 -36.47 -15.17
CA ARG C 580 -19.03 -35.48 -15.88
C ARG C 580 -18.20 -36.08 -17.03
N GLN C 581 -17.92 -37.37 -16.97
CA GLN C 581 -17.09 -38.03 -17.98
C GLN C 581 -17.78 -38.10 -19.33
N SER C 582 -19.11 -38.06 -19.31
CA SER C 582 -19.87 -38.22 -20.54
C SER C 582 -20.68 -36.96 -20.83
N ARG C 583 -20.65 -36.04 -19.88
CA ARG C 583 -21.51 -34.87 -19.89
C ARG C 583 -21.31 -33.92 -21.08
N VAL C 584 -20.06 -33.63 -21.41
CA VAL C 584 -19.71 -32.67 -22.47
C VAL C 584 -20.21 -33.08 -23.87
N GLN C 585 -19.85 -34.29 -24.29
CA GLN C 585 -20.24 -34.79 -25.61
C GLN C 585 -21.76 -34.78 -25.78
N LEU C 586 -22.48 -35.22 -24.75
CA LEU C 586 -23.95 -35.20 -24.75
C LEU C 586 -24.52 -33.78 -24.76
N HIS C 587 -23.84 -32.87 -24.06
CA HIS C 587 -24.25 -31.47 -24.00
C HIS C 587 -24.13 -30.83 -25.37
N ARG C 588 -22.99 -31.04 -26.02
CA ARG C 588 -22.74 -30.48 -27.34
C ARG C 588 -23.68 -31.03 -28.43
N ASP C 589 -23.88 -32.35 -28.44
CA ASP C 589 -24.80 -32.98 -29.40
C ASP C 589 -26.17 -32.31 -29.30
N MET C 590 -26.74 -32.37 -28.11
CA MET C 590 -28.01 -31.75 -27.80
C MET C 590 -28.10 -30.36 -28.42
N LEU C 591 -27.08 -29.55 -28.22
CA LEU C 591 -27.14 -28.15 -28.66
C LEU C 591 -26.84 -27.99 -30.15
N ASN C 592 -25.78 -28.64 -30.65
CA ASN C 592 -25.40 -28.59 -32.06
C ASN C 592 -26.52 -29.10 -32.97
N GLU C 593 -27.42 -29.90 -32.38
CA GLU C 593 -28.56 -30.44 -33.10
C GLU C 593 -29.73 -29.45 -33.16
N ALA C 594 -29.94 -28.69 -32.08
CA ALA C 594 -30.98 -27.67 -32.09
C ALA C 594 -30.58 -26.46 -32.95
N VAL C 595 -29.28 -26.34 -33.20
CA VAL C 595 -28.72 -25.31 -34.07
C VAL C 595 -28.84 -25.74 -35.53
N ARG C 596 -28.45 -26.99 -35.81
CA ARG C 596 -28.62 -27.56 -37.14
C ARG C 596 -30.09 -27.39 -37.57
N GLU C 597 -31.00 -27.73 -36.65
CA GLU C 597 -32.43 -27.62 -36.90
C GLU C 597 -32.91 -26.18 -37.12
N VAL C 598 -32.16 -25.21 -36.60
CA VAL C 598 -32.50 -23.81 -36.81
C VAL C 598 -32.07 -23.39 -38.21
N LYS C 599 -30.91 -23.89 -38.63
CA LYS C 599 -30.34 -23.55 -39.93
C LYS C 599 -31.14 -24.12 -41.09
N LYS C 600 -32.01 -25.08 -40.81
CA LYS C 600 -32.84 -25.69 -41.84
C LYS C 600 -34.22 -25.04 -41.93
N GLN C 601 -34.88 -24.92 -40.79
CA GLN C 601 -36.14 -24.18 -40.71
C GLN C 601 -36.02 -22.82 -41.40
N TRP C 602 -34.79 -22.36 -41.61
CA TRP C 602 -34.54 -21.05 -42.20
C TRP C 602 -34.86 -21.05 -43.70
N THR D 26 3.77 -23.01 -33.57
CA THR D 26 4.36 -21.95 -32.71
C THR D 26 4.70 -22.49 -31.30
N VAL D 27 5.96 -22.40 -30.90
CA VAL D 27 6.30 -22.73 -29.52
C VAL D 27 5.51 -21.79 -28.62
N ASN D 28 4.93 -22.35 -27.56
CA ASN D 28 4.25 -21.59 -26.52
C ASN D 28 5.30 -21.19 -25.49
N PRO D 29 5.47 -19.87 -25.26
CA PRO D 29 6.52 -19.41 -24.35
C PRO D 29 6.39 -19.97 -22.93
N ILE D 30 5.22 -20.47 -22.57
CA ILE D 30 4.99 -20.95 -21.22
C ILE D 30 5.80 -22.20 -20.91
N THR D 31 5.96 -23.04 -21.92
CA THR D 31 6.66 -24.30 -21.76
C THR D 31 8.03 -24.14 -21.10
N HIS D 32 8.86 -23.28 -21.65
CA HIS D 32 10.20 -23.10 -21.09
C HIS D 32 10.29 -22.06 -20.00
N TYR D 33 9.40 -21.08 -20.04
CA TYR D 33 9.37 -20.02 -19.04
C TYR D 33 8.94 -20.56 -17.69
N ILE D 34 7.73 -21.10 -17.62
CA ILE D 34 7.28 -21.74 -16.41
C ILE D 34 8.08 -23.02 -16.15
N GLY D 35 8.46 -23.73 -17.22
CA GLY D 35 9.31 -24.91 -17.06
C GLY D 35 10.55 -24.54 -16.26
N SER D 36 11.23 -23.47 -16.69
CA SER D 36 12.44 -23.01 -16.04
C SER D 36 12.18 -22.54 -14.60
N PHE D 37 11.07 -21.83 -14.43
CA PHE D 37 10.65 -21.32 -13.15
C PHE D 37 10.49 -22.48 -12.17
N ILE D 38 9.63 -23.44 -12.52
CA ILE D 38 9.42 -24.60 -11.67
C ILE D 38 10.69 -25.41 -11.46
N ASP D 39 11.42 -25.66 -12.54
CA ASP D 39 12.68 -26.38 -12.39
C ASP D 39 13.65 -25.72 -11.40
N GLU D 40 13.75 -24.40 -11.45
CA GLU D 40 14.65 -23.69 -10.56
C GLU D 40 14.24 -23.80 -9.08
N PHE D 41 12.93 -23.85 -8.81
CA PHE D 41 12.47 -24.03 -7.43
C PHE D 41 12.96 -25.38 -6.93
N ALA D 42 12.84 -26.38 -7.79
CA ALA D 42 13.33 -27.73 -7.48
C ALA D 42 14.82 -27.69 -7.18
N LEU D 43 15.58 -27.04 -8.04
CA LEU D 43 17.02 -26.90 -7.83
C LEU D 43 17.34 -26.23 -6.49
N SER D 44 16.41 -25.41 -6.00
CA SER D 44 16.55 -24.68 -4.74
C SER D 44 16.31 -25.55 -3.51
N GLY D 45 15.86 -26.78 -3.69
CA GLY D 45 15.55 -27.63 -2.54
C GLY D 45 14.07 -27.83 -2.30
N ILE D 46 13.22 -27.09 -3.02
CA ILE D 46 11.79 -27.27 -2.92
C ILE D 46 11.45 -28.71 -3.32
N THR D 47 10.80 -29.44 -2.43
CA THR D 47 10.41 -30.83 -2.69
C THR D 47 8.90 -31.01 -2.65
N ASP D 48 8.17 -30.03 -2.17
CA ASP D 48 6.71 -30.14 -2.05
C ASP D 48 5.95 -28.96 -2.63
N ALA D 49 4.82 -29.24 -3.26
CA ALA D 49 3.94 -28.18 -3.75
C ALA D 49 2.51 -28.45 -3.34
N VAL D 50 1.88 -27.47 -2.71
CA VAL D 50 0.46 -27.56 -2.38
C VAL D 50 -0.29 -26.81 -3.45
N VAL D 51 -1.17 -27.52 -4.14
CA VAL D 51 -1.78 -26.99 -5.36
C VAL D 51 -3.30 -27.00 -5.29
N CYS D 52 -3.90 -25.88 -5.67
CA CYS D 52 -5.35 -25.79 -5.71
C CYS D 52 -5.84 -25.65 -7.16
N PRO D 53 -6.95 -26.30 -7.50
CA PRO D 53 -7.30 -26.40 -8.90
C PRO D 53 -7.77 -25.06 -9.48
N GLY D 54 -7.48 -24.89 -10.77
CA GLY D 54 -8.00 -23.78 -11.53
C GLY D 54 -7.54 -23.96 -12.97
N SER D 55 -8.20 -23.28 -13.89
CA SER D 55 -7.76 -23.29 -15.28
C SER D 55 -6.54 -22.38 -15.49
N ARG D 56 -6.64 -21.12 -15.04
CA ARG D 56 -5.56 -20.17 -15.24
C ARG D 56 -4.20 -20.61 -14.66
N SER D 57 -4.21 -21.41 -13.59
CA SER D 57 -2.94 -21.88 -13.01
C SER D 57 -2.43 -23.17 -13.65
N THR D 58 -3.08 -23.58 -14.73
CA THR D 58 -2.75 -24.79 -15.50
C THR D 58 -1.26 -25.15 -15.57
N PRO D 59 -0.41 -24.26 -16.10
CA PRO D 59 1.00 -24.64 -16.27
C PRO D 59 1.80 -24.80 -14.97
N LEU D 60 1.51 -23.97 -13.96
CA LEU D 60 2.17 -24.14 -12.68
C LEU D 60 1.89 -25.53 -12.12
N ALA D 61 0.60 -25.86 -12.03
CA ALA D 61 0.17 -27.15 -11.53
C ALA D 61 0.78 -28.33 -12.29
N VAL D 62 0.57 -28.35 -13.59
CA VAL D 62 1.01 -29.44 -14.44
C VAL D 62 2.50 -29.68 -14.31
N LEU D 63 3.27 -28.60 -14.31
CA LEU D 63 4.71 -28.69 -14.34
C LEU D 63 5.27 -29.05 -12.98
N CYS D 64 4.64 -28.59 -11.90
CA CYS D 64 4.98 -29.14 -10.59
C CYS D 64 4.71 -30.64 -10.58
N ALA D 65 3.57 -31.06 -11.13
CA ALA D 65 3.26 -32.49 -11.19
C ALA D 65 4.30 -33.26 -12.02
N ALA D 66 4.64 -32.73 -13.18
CA ALA D 66 5.58 -33.44 -14.08
C ALA D 66 6.95 -33.56 -13.46
N HIS D 67 7.36 -32.53 -12.72
CA HIS D 67 8.72 -32.48 -12.25
C HIS D 67 8.99 -33.60 -11.25
N PRO D 68 10.05 -34.38 -11.48
CA PRO D 68 10.32 -35.55 -10.64
C PRO D 68 10.72 -35.22 -9.19
N ASP D 69 11.21 -34.02 -8.91
CA ASP D 69 11.66 -33.73 -7.54
C ASP D 69 10.60 -33.06 -6.67
N ILE D 70 9.49 -32.64 -7.26
CA ILE D 70 8.46 -31.97 -6.48
C ILE D 70 7.25 -32.86 -6.29
N SER D 71 6.87 -33.10 -5.03
CA SER D 71 5.63 -33.84 -4.77
C SER D 71 4.45 -32.89 -4.64
N VAL D 72 3.35 -33.21 -5.32
CA VAL D 72 2.19 -32.33 -5.38
C VAL D 72 1.08 -32.80 -4.47
N HIS D 73 0.62 -31.92 -3.59
CA HIS D 73 -0.51 -32.25 -2.72
C HIS D 73 -1.69 -31.39 -3.14
N VAL D 74 -2.72 -32.03 -3.71
CA VAL D 74 -3.88 -31.28 -4.19
C VAL D 74 -4.90 -31.02 -3.08
N GLN D 75 -5.32 -29.77 -2.95
CA GLN D 75 -6.30 -29.38 -1.92
C GLN D 75 -7.39 -28.52 -2.55
N ILE D 76 -8.65 -28.83 -2.26
CA ILE D 76 -9.75 -28.10 -2.86
C ILE D 76 -9.94 -26.72 -2.22
N ASP D 77 -9.97 -26.69 -0.88
CA ASP D 77 -10.23 -25.48 -0.14
C ASP D 77 -8.92 -24.71 0.05
N GLU D 78 -8.80 -23.55 -0.59
CA GLU D 78 -7.55 -22.80 -0.59
C GLU D 78 -7.17 -22.31 0.81
N ARG D 79 -8.16 -22.04 1.65
CA ARG D 79 -7.85 -21.70 3.05
C ARG D 79 -7.13 -22.84 3.78
N SER D 80 -7.66 -24.07 3.65
CA SER D 80 -7.01 -25.25 4.22
C SER D 80 -5.65 -25.49 3.57
N ALA D 81 -5.58 -25.22 2.27
CA ALA D 81 -4.36 -25.41 1.49
C ALA D 81 -3.26 -24.55 2.09
N GLY D 82 -3.63 -23.31 2.39
CA GLY D 82 -2.71 -22.36 3.00
C GLY D 82 -2.14 -22.91 4.28
N PHE D 83 -3.00 -23.36 5.19
CA PHE D 83 -2.51 -23.80 6.51
C PHE D 83 -1.78 -25.12 6.40
N PHE D 84 -2.09 -25.87 5.33
CA PHE D 84 -1.44 -27.14 5.11
C PHE D 84 0.01 -26.89 4.72
N ALA D 85 0.24 -26.00 3.74
CA ALA D 85 1.60 -25.59 3.40
C ALA D 85 2.33 -25.06 4.63
N LEU D 86 1.65 -24.20 5.38
CA LEU D 86 2.14 -23.70 6.68
C LEU D 86 2.69 -24.84 7.55
N GLY D 87 1.84 -25.84 7.82
CA GLY D 87 2.23 -26.97 8.68
C GLY D 87 3.43 -27.76 8.15
N LEU D 88 3.41 -28.01 6.84
CA LEU D 88 4.52 -28.65 6.12
C LEU D 88 5.83 -27.90 6.27
N ALA D 89 5.79 -26.60 5.99
CA ALA D 89 6.98 -25.79 6.05
C ALA D 89 7.45 -25.61 7.50
N LYS D 90 6.47 -25.52 8.41
CA LYS D 90 6.72 -25.40 9.83
C LYS D 90 7.48 -26.64 10.33
N ALA D 91 7.12 -27.81 9.81
CA ALA D 91 7.78 -29.03 10.19
C ALA D 91 9.24 -29.10 9.71
N LYS D 92 9.48 -28.78 8.45
CA LYS D 92 10.82 -28.97 7.89
C LYS D 92 11.69 -27.72 7.96
N GLN D 93 11.10 -26.58 8.32
CA GLN D 93 11.84 -25.32 8.44
C GLN D 93 12.51 -24.93 7.11
N ARG D 94 11.93 -25.37 6.01
CA ARG D 94 12.35 -24.93 4.69
C ARG D 94 11.06 -24.78 3.88
N PRO D 95 11.08 -23.93 2.85
CA PRO D 95 9.85 -23.52 2.17
C PRO D 95 9.16 -24.59 1.35
N VAL D 96 7.86 -24.41 1.14
CA VAL D 96 7.16 -25.21 0.17
C VAL D 96 6.42 -24.27 -0.78
N LEU D 97 6.12 -24.74 -1.99
CA LEU D 97 5.32 -23.98 -2.93
C LEU D 97 3.84 -24.01 -2.56
N LEU D 98 3.15 -22.90 -2.82
CA LEU D 98 1.70 -22.86 -2.58
C LEU D 98 1.06 -22.14 -3.75
N ILE D 99 0.24 -22.86 -4.50
CA ILE D 99 -0.16 -22.42 -5.82
C ILE D 99 -1.67 -22.42 -5.93
N CYS D 100 -2.24 -21.32 -6.41
CA CYS D 100 -3.66 -21.31 -6.72
C CYS D 100 -3.94 -20.56 -8.01
N THR D 101 -5.19 -20.56 -8.44
CA THR D 101 -5.57 -19.92 -9.66
C THR D 101 -6.02 -18.50 -9.34
N SER D 102 -6.41 -17.76 -10.37
CA SER D 102 -6.75 -16.36 -10.21
C SER D 102 -8.11 -16.17 -9.54
N GLY D 103 -8.26 -15.08 -8.81
CA GLY D 103 -9.53 -14.79 -8.17
C GLY D 103 -9.48 -14.91 -6.66
N THR D 104 -10.64 -15.06 -6.03
CA THR D 104 -10.75 -15.16 -4.58
C THR D 104 -9.98 -16.36 -4.04
N ALA D 105 -9.55 -17.26 -4.92
CA ALA D 105 -8.73 -18.37 -4.44
C ALA D 105 -7.51 -17.82 -3.69
N ALA D 106 -6.82 -16.87 -4.31
CA ALA D 106 -5.65 -16.24 -3.72
C ALA D 106 -6.01 -15.54 -2.41
N ALA D 107 -7.17 -14.88 -2.38
CA ALA D 107 -7.61 -14.18 -1.16
C ALA D 107 -7.78 -15.12 0.05
N ASN D 108 -8.13 -16.37 -0.24
CA ASN D 108 -8.31 -17.39 0.77
C ASN D 108 -6.99 -17.80 1.46
N PHE D 109 -5.84 -17.47 0.85
CA PHE D 109 -4.53 -17.75 1.43
C PHE D 109 -4.16 -16.77 2.55
N TYR D 110 -4.93 -15.68 2.63
CA TYR D 110 -4.58 -14.58 3.50
CA TYR D 110 -4.58 -14.56 3.51
C TYR D 110 -4.37 -14.98 4.97
N PRO D 111 -5.29 -15.78 5.54
CA PRO D 111 -5.09 -16.18 6.95
C PRO D 111 -3.75 -16.91 7.17
N ALA D 112 -3.41 -17.85 6.28
CA ALA D 112 -2.18 -18.63 6.46
C ALA D 112 -0.92 -17.78 6.20
N VAL D 113 -0.99 -16.87 5.24
CA VAL D 113 0.12 -15.97 5.00
C VAL D 113 0.43 -15.12 6.24
N VAL D 114 -0.62 -14.60 6.88
CA VAL D 114 -0.47 -13.82 8.11
C VAL D 114 0.21 -14.64 9.21
N GLU D 115 -0.33 -15.83 9.47
CA GLU D 115 0.26 -16.72 10.46
C GLU D 115 1.70 -17.07 10.11
N ALA D 116 1.95 -17.32 8.83
CA ALA D 116 3.31 -17.63 8.40
C ALA D 116 4.24 -16.45 8.67
N HIS D 117 3.72 -15.23 8.51
CA HIS D 117 4.52 -14.04 8.71
C HIS D 117 4.95 -13.90 10.17
N TYR D 118 4.01 -14.06 11.09
CA TYR D 118 4.33 -13.88 12.51
C TYR D 118 5.09 -15.06 13.09
N SER D 119 4.77 -16.26 12.63
CA SER D 119 5.47 -17.46 13.08
C SER D 119 6.81 -17.67 12.39
N ARG D 120 7.05 -16.90 11.33
CA ARG D 120 8.30 -17.01 10.60
C ARG D 120 8.43 -18.37 9.92
N VAL D 121 7.40 -18.69 9.15
CA VAL D 121 7.39 -19.91 8.36
C VAL D 121 7.57 -19.56 6.87
N PRO D 122 8.61 -20.15 6.23
CA PRO D 122 8.93 -19.90 4.83
C PRO D 122 7.95 -20.58 3.89
N ILE D 123 7.16 -19.79 3.17
CA ILE D 123 6.19 -20.27 2.18
C ILE D 123 6.37 -19.51 0.87
N ILE D 124 6.26 -20.20 -0.26
CA ILE D 124 6.35 -19.49 -1.53
C ILE D 124 5.01 -19.60 -2.19
N VAL D 125 4.29 -18.48 -2.22
CA VAL D 125 2.95 -18.38 -2.78
C VAL D 125 3.01 -17.94 -4.23
N LEU D 126 2.43 -18.76 -5.11
CA LEU D 126 2.36 -18.43 -6.51
C LEU D 126 0.90 -18.31 -6.90
N THR D 127 0.51 -17.16 -7.43
CA THR D 127 -0.89 -17.01 -7.84
C THR D 127 -0.98 -16.75 -9.35
N ALA D 128 -1.73 -17.56 -10.06
CA ALA D 128 -1.85 -17.33 -11.50
C ALA D 128 -2.70 -16.10 -11.74
N ASP D 129 -2.44 -15.38 -12.82
CA ASP D 129 -3.21 -14.19 -13.15
C ASP D 129 -3.40 -14.10 -14.67
N ARG D 130 -4.40 -13.33 -15.10
CA ARG D 130 -4.57 -12.98 -16.51
C ARG D 130 -3.44 -12.04 -16.90
N PRO D 131 -3.17 -11.91 -18.22
CA PRO D 131 -2.22 -10.94 -18.74
C PRO D 131 -2.82 -9.54 -18.70
N HIS D 132 -2.01 -8.54 -19.02
CA HIS D 132 -2.46 -7.15 -18.87
C HIS D 132 -3.75 -6.79 -19.58
N GLU D 133 -3.94 -7.32 -20.81
CA GLU D 133 -5.09 -6.95 -21.63
C GLU D 133 -6.41 -7.43 -21.02
N LEU D 134 -6.32 -8.30 -20.01
CA LEU D 134 -7.51 -8.81 -19.34
C LEU D 134 -7.57 -8.49 -17.84
N ARG D 135 -6.80 -7.50 -17.40
CA ARG D 135 -6.79 -7.17 -15.97
C ARG D 135 -7.40 -5.81 -15.78
N GLU D 136 -8.09 -5.64 -14.67
CA GLU D 136 -8.70 -4.37 -14.27
C GLU D 136 -9.79 -3.91 -15.24
N VAL D 137 -10.41 -4.84 -15.96
CA VAL D 137 -11.43 -4.48 -16.96
C VAL D 137 -12.71 -5.33 -16.84
N GLY D 138 -12.92 -5.95 -15.68
CA GLY D 138 -14.14 -6.72 -15.48
C GLY D 138 -14.19 -8.08 -16.18
N ALA D 139 -13.02 -8.67 -16.42
CA ALA D 139 -12.95 -10.02 -16.94
C ALA D 139 -13.32 -11.01 -15.83
N PRO D 140 -13.97 -12.13 -16.20
CA PRO D 140 -14.40 -13.16 -15.25
C PRO D 140 -13.27 -13.69 -14.39
N GLN D 141 -13.54 -13.79 -13.10
CA GLN D 141 -12.62 -14.45 -12.15
C GLN D 141 -11.31 -13.68 -11.94
N ALA D 142 -11.26 -12.44 -12.36
CA ALA D 142 -10.01 -11.70 -12.29
C ALA D 142 -10.05 -10.61 -11.21
N ILE D 143 -9.05 -10.60 -10.33
CA ILE D 143 -8.98 -9.57 -9.32
C ILE D 143 -7.62 -8.89 -9.27
N ASN D 144 -7.53 -7.79 -8.55
CA ASN D 144 -6.26 -7.13 -8.39
C ASN D 144 -5.39 -7.96 -7.44
N GLN D 145 -4.36 -8.57 -7.98
CA GLN D 145 -3.49 -9.46 -7.22
C GLN D 145 -2.14 -8.83 -6.88
N HIS D 146 -1.96 -7.56 -7.24
CA HIS D 146 -0.71 -6.85 -7.01
C HIS D 146 -0.58 -6.50 -5.53
N PHE D 147 0.50 -6.93 -4.91
CA PHE D 147 0.68 -6.70 -3.47
C PHE D 147 -0.52 -7.21 -2.68
N LEU D 148 -1.12 -8.31 -3.14
CA LEU D 148 -2.30 -8.86 -2.49
C LEU D 148 -2.11 -8.98 -0.96
N PHE D 149 -0.98 -9.51 -0.53
CA PHE D 149 -0.77 -9.79 0.89
C PHE D 149 -0.05 -8.67 1.63
N GLY D 150 0.00 -7.48 1.03
CA GLY D 150 0.59 -6.30 1.70
C GLY D 150 1.99 -6.59 2.19
N ASN D 151 2.29 -6.17 3.41
CA ASN D 151 3.63 -6.40 3.97
C ASN D 151 3.76 -7.71 4.73
N PHE D 152 2.73 -8.55 4.74
CA PHE D 152 2.85 -9.85 5.40
C PHE D 152 3.84 -10.73 4.67
N VAL D 153 4.05 -10.41 3.40
CA VAL D 153 5.06 -11.05 2.59
CA VAL D 153 5.08 -11.06 2.61
C VAL D 153 6.26 -10.11 2.51
N LYS D 154 7.48 -10.64 2.56
CA LYS D 154 8.67 -9.76 2.56
C LYS D 154 9.20 -9.53 1.16
N PHE D 155 8.61 -10.23 0.20
CA PHE D 155 9.01 -10.07 -1.17
C PHE D 155 7.80 -10.29 -2.06
N PHE D 156 7.52 -9.33 -2.92
CA PHE D 156 6.47 -9.51 -3.91
C PHE D 156 6.92 -9.07 -5.29
N THR D 157 6.52 -9.82 -6.32
CA THR D 157 6.65 -9.33 -7.69
C THR D 157 5.59 -9.87 -8.65
N ASP D 158 5.31 -9.10 -9.70
CA ASP D 158 4.40 -9.52 -10.78
C ASP D 158 5.33 -9.95 -11.94
N SER D 159 5.52 -11.24 -12.15
CA SER D 159 6.46 -11.68 -13.17
C SER D 159 6.10 -11.19 -14.59
N ALA D 160 7.13 -11.04 -15.41
CA ALA D 160 6.94 -10.70 -16.81
C ALA D 160 6.04 -11.71 -17.51
N LEU D 161 5.23 -11.26 -18.45
CA LEU D 161 4.57 -12.19 -19.33
C LEU D 161 5.62 -13.16 -19.88
N PRO D 162 5.28 -14.45 -19.96
CA PRO D 162 6.23 -15.45 -20.50
C PRO D 162 6.89 -15.05 -21.84
N GLU D 163 8.18 -15.37 -21.95
CA GLU D 163 9.01 -15.10 -23.14
C GLU D 163 10.05 -16.20 -23.22
N GLU D 164 10.60 -16.44 -24.41
CA GLU D 164 11.47 -17.62 -24.62
C GLU D 164 12.97 -17.32 -24.76
N SER D 165 13.32 -16.05 -24.93
CA SER D 165 14.71 -15.66 -25.11
C SER D 165 15.60 -16.16 -23.95
N PRO D 166 16.90 -16.39 -24.25
CA PRO D 166 17.78 -16.87 -23.17
C PRO D 166 17.84 -15.88 -22.01
N GLN D 167 17.73 -14.58 -22.31
CA GLN D 167 17.82 -13.55 -21.29
C GLN D 167 16.60 -13.61 -20.36
N MET D 168 15.43 -13.91 -20.91
CA MET D 168 14.24 -13.97 -20.09
C MET D 168 14.15 -15.28 -19.28
N LEU D 169 14.74 -16.35 -19.80
CA LEU D 169 14.87 -17.59 -19.03
C LEU D 169 15.89 -17.46 -17.88
N ARG D 170 16.88 -16.59 -18.05
CA ARG D 170 17.80 -16.25 -16.97
C ARG D 170 17.06 -15.45 -15.92
N TYR D 171 16.15 -14.60 -16.39
CA TYR D 171 15.38 -13.75 -15.50
C TYR D 171 14.43 -14.59 -14.67
N ILE D 172 13.77 -15.54 -15.30
CA ILE D 172 12.77 -16.33 -14.58
C ILE D 172 13.38 -17.32 -13.57
N ARG D 173 14.51 -17.93 -13.91
CA ARG D 173 15.25 -18.77 -12.99
C ARG D 173 15.82 -17.94 -11.82
N THR D 174 16.25 -16.73 -12.12
CA THR D 174 16.73 -15.85 -11.07
C THR D 174 15.57 -15.46 -10.15
N LEU D 175 14.41 -15.20 -10.74
CA LEU D 175 13.23 -14.89 -9.92
C LEU D 175 12.93 -16.04 -8.97
N ALA D 176 12.84 -17.25 -9.51
CA ALA D 176 12.59 -18.41 -8.65
C ALA D 176 13.61 -18.52 -7.50
N SER D 177 14.89 -18.43 -7.81
CA SER D 177 15.91 -18.53 -6.78
C SER D 177 15.79 -17.43 -5.75
N ARG D 178 15.51 -16.24 -6.25
CA ARG D 178 15.40 -15.09 -5.39
C ARG D 178 14.19 -15.22 -4.47
N ALA D 179 13.09 -15.75 -5.02
CA ALA D 179 11.91 -15.95 -4.20
C ALA D 179 12.20 -16.95 -3.09
N ALA D 180 12.80 -18.08 -3.45
CA ALA D 180 13.13 -19.08 -2.46
C ALA D 180 14.10 -18.52 -1.43
N GLY D 181 15.07 -17.74 -1.91
CA GLY D 181 16.05 -17.10 -1.05
C GLY D 181 15.45 -16.09 -0.09
N GLU D 182 14.48 -15.31 -0.56
CA GLU D 182 13.80 -14.36 0.33
C GLU D 182 12.98 -15.07 1.42
N ALA D 183 12.35 -16.20 1.09
CA ALA D 183 11.54 -16.92 2.07
C ALA D 183 12.38 -17.46 3.22
N GLN D 184 13.59 -17.95 2.90
CA GLN D 184 14.47 -18.53 3.89
C GLN D 184 15.32 -17.51 4.61
N LYS D 185 15.38 -16.29 4.09
CA LYS D 185 16.18 -15.26 4.71
C LYS D 185 15.54 -14.80 6.03
N ARG D 186 16.33 -14.75 7.10
CA ARG D 186 15.81 -14.44 8.43
C ARG D 186 14.90 -13.20 8.46
N PRO D 187 14.06 -13.12 9.49
CA PRO D 187 12.63 -13.21 9.50
C PRO D 187 12.21 -14.09 8.33
N MET D 188 12.36 -15.40 8.49
CA MET D 188 11.78 -16.33 7.52
C MET D 188 10.30 -15.99 7.42
N GLY D 189 9.74 -16.13 6.24
CA GLY D 189 8.33 -15.81 6.04
C GLY D 189 7.83 -16.12 4.62
N PRO D 190 6.56 -15.77 4.36
CA PRO D 190 5.91 -15.96 3.08
C PRO D 190 6.45 -14.97 2.05
N VAL D 191 6.58 -15.44 0.81
CA VAL D 191 6.86 -14.54 -0.32
C VAL D 191 5.81 -14.77 -1.39
N HIS D 192 5.62 -13.80 -2.28
CA HIS D 192 4.52 -13.88 -3.24
C HIS D 192 4.95 -13.52 -4.66
N VAL D 193 4.77 -14.45 -5.58
CA VAL D 193 4.95 -14.12 -6.99
C VAL D 193 3.62 -14.24 -7.73
N ASN D 194 3.11 -13.13 -8.22
CA ASN D 194 1.93 -13.14 -9.06
C ASN D 194 2.38 -13.50 -10.49
N VAL D 195 1.73 -14.50 -11.08
CA VAL D 195 2.18 -15.03 -12.36
C VAL D 195 1.12 -14.84 -13.47
N PRO D 196 1.21 -13.73 -14.22
CA PRO D 196 0.28 -13.53 -15.34
C PRO D 196 0.64 -14.47 -16.46
N LEU D 197 -0.39 -15.07 -17.06
CA LEU D 197 -0.24 -16.09 -18.07
C LEU D 197 -1.24 -15.86 -19.19
N ARG D 198 -0.76 -15.96 -20.42
CA ARG D 198 -1.58 -15.69 -21.59
C ARG D 198 -1.97 -16.99 -22.27
N GLU D 199 -3.18 -17.00 -22.82
CA GLU D 199 -3.75 -18.19 -23.43
C GLU D 199 -3.11 -18.66 -24.70
N PRO D 200 -2.47 -19.80 -24.57
CA PRO D 200 -2.68 -21.21 -24.75
C PRO D 200 -1.96 -21.56 -23.43
N LEU D 201 -2.67 -22.16 -22.48
CA LEU D 201 -2.08 -22.38 -21.14
C LEU D 201 -1.31 -23.68 -20.94
N MET D 202 -1.55 -24.68 -21.78
CA MET D 202 -0.99 -25.99 -21.55
C MET D 202 0.48 -26.10 -21.98
N PRO D 203 1.38 -26.42 -21.04
CA PRO D 203 2.77 -26.60 -21.38
C PRO D 203 2.95 -27.82 -22.28
N ASP D 204 3.95 -27.81 -23.15
CA ASP D 204 4.28 -29.02 -23.92
C ASP D 204 5.31 -29.86 -23.18
N LEU D 205 4.86 -30.95 -22.57
CA LEU D 205 5.70 -31.77 -21.71
C LEU D 205 6.72 -32.62 -22.45
N SER D 206 6.59 -32.69 -23.78
CA SER D 206 7.56 -33.44 -24.58
C SER D 206 8.61 -32.54 -25.23
N ASP D 207 8.74 -31.30 -24.75
CA ASP D 207 9.69 -30.38 -25.33
C ASP D 207 10.74 -29.89 -24.31
N GLU D 208 11.06 -30.76 -23.36
CA GLU D 208 12.05 -30.44 -22.33
C GLU D 208 11.79 -29.08 -21.67
N PRO D 209 10.59 -28.91 -21.09
CA PRO D 209 10.20 -27.66 -20.41
C PRO D 209 11.18 -27.28 -19.29
N PHE D 210 11.84 -28.28 -18.70
CA PHE D 210 12.76 -28.03 -17.57
C PHE D 210 14.22 -27.88 -18.00
N GLY D 211 14.49 -27.87 -19.30
CA GLY D 211 15.85 -27.65 -19.83
C GLY D 211 16.62 -26.51 -19.19
N ARG D 212 17.89 -26.74 -18.85
CA ARG D 212 18.72 -25.76 -18.14
CA ARG D 212 18.68 -25.70 -18.19
C ARG D 212 20.00 -25.43 -18.90
N MET D 213 20.60 -24.27 -18.61
CA MET D 213 21.89 -23.90 -19.21
C MET D 213 23.07 -24.29 -18.31
N ARG D 214 22.90 -24.14 -16.99
CA ARG D 214 23.98 -24.39 -16.04
C ARG D 214 23.90 -25.81 -15.45
N THR D 215 25.00 -26.29 -14.87
CA THR D 215 25.01 -27.68 -14.39
C THR D 215 24.07 -27.83 -13.20
N GLY D 216 24.13 -26.89 -12.27
CA GLY D 216 23.28 -26.96 -11.08
C GLY D 216 22.33 -25.79 -10.96
N ARG D 217 22.27 -25.23 -9.75
CA ARG D 217 21.49 -24.04 -9.46
C ARG D 217 21.86 -22.91 -10.40
N HIS D 218 20.87 -22.16 -10.88
CA HIS D 218 21.22 -20.97 -11.63
C HIS D 218 21.98 -19.97 -10.75
N VAL D 219 21.46 -19.74 -9.55
CA VAL D 219 22.11 -18.90 -8.55
C VAL D 219 21.95 -19.58 -7.23
N SER D 220 23.05 -19.78 -6.53
CA SER D 220 22.93 -20.34 -5.20
C SER D 220 22.91 -19.19 -4.21
N VAL D 221 21.99 -19.25 -3.26
CA VAL D 221 21.87 -18.21 -2.25
C VAL D 221 22.40 -18.69 -0.91
N LYS D 222 23.46 -18.06 -0.43
CA LYS D 222 24.01 -18.41 0.88
C LYS D 222 23.62 -17.35 1.91
N THR D 223 22.63 -17.67 2.73
CA THR D 223 22.22 -16.78 3.81
C THR D 223 23.06 -17.07 5.04
N GLY D 224 23.12 -16.15 5.99
CA GLY D 224 24.07 -16.34 7.09
C GLY D 224 23.52 -16.20 8.49
N THR D 225 24.35 -16.54 9.48
CA THR D 225 24.03 -16.37 10.89
C THR D 225 24.32 -14.94 11.34
N GLN D 226 23.54 -14.40 12.26
CA GLN D 226 23.85 -13.09 12.79
C GLN D 226 24.56 -13.19 14.13
N SER D 227 25.63 -12.42 14.28
CA SER D 227 26.46 -12.43 15.49
C SER D 227 26.61 -11.05 16.07
N VAL D 228 26.79 -11.01 17.38
CA VAL D 228 27.16 -9.80 18.09
C VAL D 228 28.42 -10.16 18.85
N ASP D 229 29.46 -9.35 18.71
CA ASP D 229 30.79 -9.71 19.23
C ASP D 229 30.93 -9.57 20.73
N ARG D 230 31.95 -10.22 21.26
CA ARG D 230 32.29 -10.15 22.69
C ARG D 230 32.11 -8.74 23.25
N GLU D 231 32.63 -7.77 22.54
CA GLU D 231 32.74 -6.41 23.05
C GLU D 231 31.41 -5.65 23.15
N SER D 232 30.60 -5.68 22.10
CA SER D 232 29.33 -4.97 22.21
C SER D 232 28.42 -5.69 23.20
N LEU D 233 28.86 -6.88 23.60
CA LEU D 233 28.10 -7.72 24.52
C LEU D 233 28.45 -7.43 25.98
N SER D 234 29.38 -6.50 26.18
CA SER D 234 30.00 -6.24 27.49
C SER D 234 29.06 -5.80 28.57
N ASP D 235 28.13 -4.91 28.24
CA ASP D 235 27.20 -4.41 29.23
C ASP D 235 26.35 -5.54 29.77
N VAL D 236 25.97 -6.44 28.89
CA VAL D 236 25.08 -7.54 29.23
C VAL D 236 25.81 -8.63 30.05
N ALA D 237 27.03 -8.95 29.63
CA ALA D 237 27.85 -9.91 30.34
C ALA D 237 28.07 -9.49 31.79
N GLU D 238 28.39 -8.21 31.99
CA GLU D 238 28.57 -7.68 33.34
C GLU D 238 27.33 -7.77 34.19
N MET D 239 26.18 -7.38 33.64
CA MET D 239 25.00 -7.46 34.46
C MET D 239 24.68 -8.93 34.82
N LEU D 240 25.01 -9.85 33.92
CA LEU D 240 24.81 -11.27 34.18
C LEU D 240 25.84 -11.81 35.17
N ALA D 241 27.08 -11.37 35.02
CA ALA D 241 28.13 -11.74 35.96
C ALA D 241 27.79 -11.24 37.37
N GLU D 242 27.06 -10.14 37.47
CA GLU D 242 26.79 -9.52 38.76
C GLU D 242 25.49 -9.96 39.42
N ALA D 243 24.59 -10.59 38.66
CA ALA D 243 23.28 -10.95 39.20
C ALA D 243 23.13 -12.43 39.55
N GLU D 244 23.13 -12.74 40.84
CA GLU D 244 22.80 -14.09 41.31
C GLU D 244 21.37 -14.45 40.87
N LYS D 245 20.48 -13.47 41.00
CA LYS D 245 19.06 -13.65 40.73
C LYS D 245 18.67 -13.31 39.29
N GLY D 246 18.74 -14.32 38.42
CA GLY D 246 18.24 -14.17 37.07
C GLY D 246 17.27 -15.28 36.72
N MET D 247 16.59 -15.13 35.60
CA MET D 247 15.80 -16.21 35.07
C MET D 247 15.80 -16.10 33.57
N ILE D 248 15.77 -17.25 32.91
CA ILE D 248 15.68 -17.30 31.48
C ILE D 248 14.23 -17.63 31.15
N VAL D 249 13.66 -16.87 30.23
CA VAL D 249 12.33 -17.16 29.77
C VAL D 249 12.44 -17.62 28.32
N CYS D 250 11.97 -18.82 28.06
CA CYS D 250 12.18 -19.39 26.77
C CYS D 250 10.86 -19.72 26.09
N GLY D 251 10.56 -19.04 25.00
CA GLY D 251 9.39 -19.35 24.18
C GLY D 251 9.77 -20.33 23.08
N GLU D 252 8.94 -20.40 22.04
CA GLU D 252 9.17 -21.28 20.91
C GLU D 252 10.63 -21.41 20.45
N LEU D 253 11.12 -22.66 20.38
CA LEU D 253 12.49 -23.00 19.93
C LEU D 253 12.44 -24.07 18.85
N HIS D 254 13.31 -23.99 17.86
CA HIS D 254 13.32 -24.99 16.77
C HIS D 254 14.67 -25.66 16.57
N SER D 255 15.73 -25.03 17.07
CA SER D 255 17.09 -25.52 16.90
C SER D 255 17.62 -26.37 18.07
N ASP D 256 18.10 -27.58 17.77
CA ASP D 256 18.72 -28.42 18.79
C ASP D 256 19.88 -27.70 19.47
N ALA D 257 20.75 -27.15 18.64
CA ALA D 257 21.91 -26.42 19.11
C ALA D 257 21.48 -25.34 20.10
N ASP D 258 20.49 -24.54 19.72
CA ASP D 258 20.04 -23.47 20.59
C ASP D 258 19.59 -24.01 21.95
N LYS D 259 18.85 -25.12 21.93
CA LYS D 259 18.39 -25.78 23.15
C LYS D 259 19.53 -26.28 24.05
N GLU D 260 20.45 -27.06 23.51
CA GLU D 260 21.65 -27.46 24.24
C GLU D 260 22.34 -26.24 24.85
N ASN D 261 22.50 -25.18 24.06
CA ASN D 261 23.26 -24.02 24.54
C ASN D 261 22.53 -23.17 25.57
N ILE D 262 21.21 -23.08 25.42
CA ILE D 262 20.42 -22.35 26.39
C ILE D 262 20.45 -23.14 27.70
N ILE D 263 20.35 -24.45 27.61
CA ILE D 263 20.44 -25.27 28.81
C ILE D 263 21.79 -25.09 29.51
N ALA D 264 22.87 -25.19 28.72
CA ALA D 264 24.22 -24.98 29.24
C ALA D 264 24.33 -23.61 29.89
N LEU D 265 23.85 -22.60 29.18
CA LEU D 265 23.87 -21.24 29.69
C LEU D 265 23.24 -21.15 31.09
N SER D 266 22.13 -21.83 31.30
CA SER D 266 21.43 -21.71 32.55
C SER D 266 22.15 -22.45 33.68
N LYS D 267 22.84 -23.54 33.36
CA LYS D 267 23.62 -24.24 34.38
C LYS D 267 24.81 -23.38 34.77
N ALA D 268 25.48 -22.80 33.78
CA ALA D 268 26.58 -21.88 34.05
C ALA D 268 26.13 -20.73 34.96
N LEU D 269 25.00 -20.10 34.63
CA LEU D 269 24.50 -18.99 35.42
C LEU D 269 23.76 -19.46 36.66
N GLN D 270 23.33 -20.72 36.64
CA GLN D 270 22.44 -21.26 37.68
C GLN D 270 21.12 -20.47 37.80
N TYR D 271 20.56 -20.08 36.65
CA TYR D 271 19.28 -19.39 36.59
C TYR D 271 18.25 -20.42 36.15
N PRO D 272 17.03 -20.34 36.69
CA PRO D 272 16.01 -21.27 36.22
C PRO D 272 15.52 -20.82 34.84
N ILE D 273 14.97 -21.75 34.07
CA ILE D 273 14.40 -21.43 32.78
C ILE D 273 12.91 -21.62 32.85
N LEU D 274 12.15 -20.53 32.74
CA LEU D 274 10.71 -20.66 32.56
C LEU D 274 10.49 -21.16 31.14
N ALA D 275 10.17 -22.45 31.02
CA ALA D 275 10.11 -23.08 29.71
C ALA D 275 8.69 -23.21 29.17
N ASP D 276 8.40 -22.38 28.19
CA ASP D 276 7.16 -22.48 27.42
C ASP D 276 7.09 -23.87 26.77
N PRO D 277 5.86 -24.40 26.62
CA PRO D 277 5.68 -25.70 25.99
C PRO D 277 6.29 -25.76 24.60
N LEU D 278 6.19 -24.67 23.83
CA LEU D 278 6.71 -24.64 22.46
C LEU D 278 8.23 -24.59 22.43
N SER D 279 8.82 -24.27 23.58
CA SER D 279 10.27 -24.33 23.71
C SER D 279 10.74 -25.77 23.62
N ASN D 280 9.82 -26.71 23.86
CA ASN D 280 10.13 -28.14 23.97
C ASN D 280 11.23 -28.53 24.96
N LEU D 281 11.46 -27.72 25.99
CA LEU D 281 12.44 -28.04 27.01
C LEU D 281 11.84 -28.93 28.10
N ARG D 282 10.51 -28.93 28.19
CA ARG D 282 9.82 -29.75 29.18
C ARG D 282 9.89 -31.26 28.86
N ASN D 283 9.93 -31.60 27.58
CA ASN D 283 9.88 -32.99 27.15
C ASN D 283 11.12 -33.47 26.41
N GLY D 284 11.96 -34.23 27.10
CA GLY D 284 13.15 -34.79 26.48
C GLY D 284 14.08 -35.41 27.50
N VAL D 285 15.17 -35.99 26.99
CA VAL D 285 16.15 -36.69 27.85
C VAL D 285 17.24 -35.74 28.33
N HIS D 286 17.28 -34.53 27.78
CA HIS D 286 18.22 -33.49 28.22
C HIS D 286 18.08 -33.20 29.72
N ASP D 287 19.09 -32.56 30.30
CA ASP D 287 19.04 -32.14 31.70
C ASP D 287 17.93 -31.12 31.87
N LYS D 288 17.07 -31.32 32.86
CA LYS D 288 15.91 -30.48 33.08
C LYS D 288 15.88 -29.91 34.51
N SER D 289 16.99 -30.06 35.22
CA SER D 289 17.05 -29.64 36.63
C SER D 289 16.81 -28.15 36.71
N THR D 290 17.18 -27.48 35.63
CA THR D 290 17.11 -26.05 35.51
C THR D 290 15.75 -25.61 34.95
N VAL D 291 15.00 -26.57 34.42
CA VAL D 291 13.73 -26.25 33.77
C VAL D 291 12.56 -26.11 34.75
N ILE D 292 11.78 -25.04 34.60
CA ILE D 292 10.64 -24.79 35.45
C ILE D 292 9.38 -24.80 34.61
N ASP D 293 8.39 -25.60 35.01
CA ASP D 293 7.19 -25.82 34.19
C ASP D 293 5.86 -25.37 34.81
N ALA D 294 5.88 -24.96 36.08
CA ALA D 294 4.65 -24.61 36.81
C ALA D 294 4.44 -23.12 37.02
N TYR D 295 5.38 -22.33 36.51
CA TYR D 295 5.39 -20.87 36.68
C TYR D 295 4.08 -20.16 36.28
N ASP D 296 3.41 -20.63 35.24
CA ASP D 296 2.20 -19.95 34.80
C ASP D 296 1.17 -19.98 35.93
N SER D 297 1.22 -21.03 36.72
CA SER D 297 0.28 -21.16 37.80
C SER D 297 0.77 -20.42 39.03
N PHE D 298 1.98 -20.70 39.47
CA PHE D 298 2.37 -20.15 40.77
C PHE D 298 2.72 -18.67 40.75
N LEU D 299 3.07 -18.15 39.58
CA LEU D 299 3.35 -16.73 39.43
C LEU D 299 2.10 -15.86 39.40
N LYS D 300 0.92 -16.43 39.59
CA LYS D 300 -0.30 -15.63 39.69
C LYS D 300 -0.49 -15.13 41.11
N ASP D 301 0.38 -15.58 42.00
CA ASP D 301 0.39 -15.20 43.41
C ASP D 301 1.38 -14.07 43.64
N ASP D 302 0.93 -13.02 44.33
CA ASP D 302 1.81 -11.87 44.63
C ASP D 302 3.02 -12.20 45.48
N GLU D 303 2.80 -13.01 46.51
CA GLU D 303 3.84 -13.35 47.45
C GLU D 303 4.96 -14.19 46.82
N LEU D 304 4.59 -15.23 46.06
CA LEU D 304 5.63 -16.01 45.39
C LEU D 304 6.41 -15.14 44.38
N LYS D 305 5.71 -14.21 43.75
CA LYS D 305 6.36 -13.27 42.84
C LYS D 305 7.43 -12.46 43.54
N ARG D 306 7.09 -11.82 44.66
CA ARG D 306 8.07 -11.08 45.44
C ARG D 306 9.24 -11.98 45.80
N LYS D 307 8.93 -13.17 46.26
CA LYS D 307 9.97 -14.11 46.64
C LYS D 307 10.89 -14.47 45.48
N LEU D 308 10.32 -14.61 44.29
CA LEU D 308 11.09 -15.13 43.16
C LEU D 308 11.50 -14.04 42.16
N ARG D 309 11.19 -12.79 42.49
CA ARG D 309 11.53 -11.67 41.66
C ARG D 309 13.00 -11.68 41.26
N PRO D 310 13.29 -11.81 39.95
CA PRO D 310 14.67 -11.77 39.47
C PRO D 310 15.12 -10.33 39.20
N ASP D 311 16.42 -10.07 39.30
CA ASP D 311 16.99 -8.78 38.91
C ASP D 311 17.15 -8.69 37.37
N VAL D 312 17.51 -9.81 36.74
CA VAL D 312 17.71 -9.84 35.30
C VAL D 312 16.92 -10.97 34.67
N VAL D 313 16.49 -10.76 33.43
CA VAL D 313 15.77 -11.76 32.66
C VAL D 313 16.39 -11.87 31.28
N ILE D 314 16.66 -13.09 30.84
CA ILE D 314 17.06 -13.33 29.46
C ILE D 314 15.94 -14.04 28.74
N ARG D 315 15.44 -13.44 27.65
CA ARG D 315 14.38 -14.07 26.88
C ARG D 315 14.95 -14.65 25.58
N PHE D 316 14.47 -15.84 25.23
CA PHE D 316 14.78 -16.45 23.95
C PHE D 316 13.48 -16.74 23.26
N GLY D 317 13.47 -16.61 21.93
CA GLY D 317 12.26 -16.85 21.15
C GLY D 317 11.19 -15.80 21.38
N PRO D 318 9.99 -16.05 20.85
CA PRO D 318 8.87 -15.11 20.99
C PRO D 318 8.32 -15.12 22.41
N MET D 319 7.36 -14.26 22.70
CA MET D 319 6.73 -14.26 24.00
C MET D 319 6.16 -15.64 24.34
N PRO D 320 6.35 -16.09 25.60
CA PRO D 320 5.76 -17.35 26.01
C PRO D 320 4.25 -17.22 26.03
N VAL D 321 3.56 -18.34 26.03
CA VAL D 321 2.12 -18.33 26.16
C VAL D 321 1.68 -17.65 27.46
N SER D 322 2.51 -17.75 28.50
CA SER D 322 2.11 -17.30 29.84
C SER D 322 1.77 -15.81 29.95
N LYS D 323 0.51 -15.53 30.21
CA LYS D 323 0.07 -14.17 30.45
C LYS D 323 0.65 -13.64 31.78
N PRO D 324 0.67 -14.48 32.84
CA PRO D 324 1.29 -13.94 34.07
C PRO D 324 2.78 -13.54 33.94
N VAL D 325 3.52 -14.14 33.00
CA VAL D 325 4.93 -13.74 32.84
C VAL D 325 4.95 -12.36 32.19
N PHE D 326 4.06 -12.19 31.22
CA PHE D 326 3.89 -10.92 30.54
C PHE D 326 3.55 -9.84 31.54
N LEU D 327 2.45 -10.01 32.27
CA LEU D 327 2.03 -9.02 33.26
C LEU D 327 3.14 -8.75 34.28
N TRP D 328 3.93 -9.78 34.60
CA TRP D 328 5.01 -9.62 35.57
C TRP D 328 6.10 -8.68 35.07
N LEU D 329 6.56 -8.91 33.85
CA LEU D 329 7.60 -8.08 33.25
C LEU D 329 7.11 -6.64 32.98
N LYS D 330 5.85 -6.53 32.56
CA LYS D 330 5.25 -5.26 32.24
C LYS D 330 5.03 -4.40 33.50
N ASP D 331 4.40 -4.99 34.52
CA ASP D 331 4.04 -4.24 35.71
C ASP D 331 5.22 -4.06 36.65
N ASP D 332 6.34 -4.71 36.35
CA ASP D 332 7.56 -4.41 37.10
C ASP D 332 8.72 -4.17 36.17
N PRO D 333 8.79 -2.95 35.62
CA PRO D 333 9.75 -2.61 34.60
C PRO D 333 11.17 -2.42 35.14
N THR D 334 11.32 -2.30 36.47
CA THR D 334 12.68 -2.27 37.06
C THR D 334 13.41 -3.60 36.93
N ILE D 335 12.68 -4.66 36.59
CA ILE D 335 13.30 -5.93 36.21
C ILE D 335 14.01 -5.74 34.87
N GLN D 336 15.31 -6.02 34.82
CA GLN D 336 16.07 -5.73 33.61
C GLN D 336 15.96 -6.86 32.61
N GLN D 337 15.30 -6.61 31.48
CA GLN D 337 15.12 -7.64 30.44
C GLN D 337 16.17 -7.56 29.35
N ILE D 338 16.70 -8.73 28.98
CA ILE D 338 17.56 -8.88 27.83
C ILE D 338 16.83 -9.79 26.83
N VAL D 339 16.55 -9.26 25.65
CA VAL D 339 15.80 -10.01 24.65
C VAL D 339 16.70 -10.44 23.50
N ILE D 340 16.75 -11.74 23.24
CA ILE D 340 17.60 -12.24 22.17
C ILE D 340 16.73 -12.64 20.97
N ASP D 341 16.98 -12.01 19.83
CA ASP D 341 16.23 -12.32 18.61
C ASP D 341 17.18 -12.23 17.41
N GLU D 342 17.64 -13.38 16.95
CA GLU D 342 18.55 -13.42 15.81
C GLU D 342 18.04 -12.65 14.59
N ASP D 343 16.73 -12.74 14.35
CA ASP D 343 16.12 -12.18 13.16
C ASP D 343 15.98 -10.67 13.21
N GLY D 344 16.26 -10.08 14.37
CA GLY D 344 16.21 -8.64 14.49
C GLY D 344 14.83 -8.02 14.51
N GLY D 345 13.81 -8.81 14.84
CA GLY D 345 12.49 -8.25 15.03
C GLY D 345 12.37 -7.56 16.38
N TRP D 346 11.15 -7.17 16.73
CA TRP D 346 10.90 -6.49 17.98
C TRP D 346 9.67 -7.08 18.65
N ARG D 347 9.87 -8.21 19.34
CA ARG D 347 8.80 -8.88 20.05
C ARG D 347 8.94 -8.64 21.55
N ASP D 348 8.24 -7.62 22.04
CA ASP D 348 8.18 -7.31 23.45
C ASP D 348 7.00 -6.38 23.71
N PRO D 349 5.84 -6.97 23.93
CA PRO D 349 4.66 -6.18 24.27
C PRO D 349 4.75 -5.45 25.62
N THR D 350 5.81 -5.66 26.40
CA THR D 350 5.88 -4.96 27.70
C THR D 350 6.34 -3.52 27.56
N GLN D 351 6.97 -3.18 26.42
CA GLN D 351 7.56 -1.88 26.23
C GLN D 351 8.64 -1.61 27.29
N ALA D 352 9.04 -2.64 28.03
CA ALA D 352 9.95 -2.43 29.15
C ALA D 352 11.29 -3.11 29.01
N SER D 353 11.50 -3.86 27.93
CA SER D 353 12.79 -4.52 27.77
C SER D 353 13.91 -3.47 27.72
N ALA D 354 15.09 -3.84 28.20
CA ALA D 354 16.22 -2.90 28.31
C ALA D 354 17.32 -3.18 27.29
N HIS D 355 17.37 -4.39 26.78
CA HIS D 355 18.36 -4.71 25.75
C HIS D 355 17.68 -5.55 24.71
N MET D 356 17.86 -5.17 23.46
CA MET D 356 17.37 -5.99 22.36
C MET D 356 18.61 -6.48 21.62
N ILE D 357 18.88 -7.78 21.69
CA ILE D 357 20.11 -8.32 21.10
C ILE D 357 19.85 -9.14 19.83
N HIS D 358 20.36 -8.67 18.70
CA HIS D 358 20.15 -9.36 17.43
C HIS D 358 21.29 -10.32 17.16
N CYS D 359 21.17 -11.49 17.77
CA CYS D 359 22.25 -12.45 17.78
C CYS D 359 21.65 -13.84 17.79
N ASN D 360 22.30 -14.74 17.07
CA ASN D 360 21.97 -16.14 17.14
C ASN D 360 22.02 -16.55 18.60
N ALA D 361 21.06 -17.37 19.03
CA ALA D 361 21.00 -17.76 20.43
C ALA D 361 22.26 -18.50 20.90
N SER D 362 22.75 -19.41 20.05
CA SER D 362 23.93 -20.21 20.39
C SER D 362 25.19 -19.35 20.45
N VAL D 363 25.36 -18.45 19.49
CA VAL D 363 26.47 -17.54 19.62
C VAL D 363 26.35 -16.72 20.90
N PHE D 364 25.16 -16.19 21.18
CA PHE D 364 25.01 -15.36 22.37
C PHE D 364 25.41 -16.13 23.64
N ALA D 365 24.88 -17.33 23.78
CA ALA D 365 25.14 -18.19 24.94
C ALA D 365 26.61 -18.62 25.05
N GLU D 366 27.20 -19.01 23.92
CA GLU D 366 28.62 -19.37 23.90
C GLU D 366 29.50 -18.22 24.36
N GLU D 367 29.18 -17.00 23.94
CA GLU D 367 29.98 -15.84 24.34
C GLU D 367 29.87 -15.53 25.83
N ILE D 368 28.66 -15.58 26.36
CA ILE D 368 28.44 -15.28 27.77
C ILE D 368 29.18 -16.30 28.62
N MET D 369 29.02 -17.57 28.27
CA MET D 369 29.68 -18.65 28.97
C MET D 369 31.20 -18.50 28.99
N ALA D 370 31.78 -18.21 27.83
CA ALA D 370 33.21 -18.02 27.73
C ALA D 370 33.71 -16.87 28.58
N GLY D 371 32.83 -15.91 28.87
CA GLY D 371 33.22 -14.70 29.61
C GLY D 371 33.05 -14.80 31.12
N LEU D 372 32.35 -15.84 31.56
CA LEU D 372 32.13 -16.05 32.98
C LEU D 372 33.40 -16.60 33.60
N THR D 373 33.57 -16.36 34.90
CA THR D 373 34.72 -16.93 35.60
C THR D 373 34.45 -18.40 35.92
N ALA D 374 35.52 -19.10 36.31
CA ALA D 374 35.50 -20.56 36.42
C ALA D 374 34.70 -21.12 37.59
N ALA D 375 34.62 -20.36 38.68
CA ALA D 375 33.90 -20.83 39.88
C ALA D 375 32.44 -21.21 39.60
N THR D 376 32.07 -22.45 39.90
CA THR D 376 30.68 -22.84 39.85
C THR D 376 29.87 -21.94 40.78
N ARG D 377 28.78 -21.37 40.27
CA ARG D 377 27.93 -20.48 41.07
C ARG D 377 27.09 -21.29 42.04
N SER D 378 26.59 -20.63 43.08
CA SER D 378 25.73 -21.30 44.04
C SER D 378 24.38 -21.59 43.43
N SER D 379 23.75 -22.65 43.89
CA SER D 379 22.43 -23.00 43.38
C SER D 379 21.28 -22.64 44.33
N GLU D 380 21.55 -21.77 45.30
CA GLU D 380 20.54 -21.38 46.27
C GLU D 380 19.33 -20.78 45.57
N TRP D 381 19.57 -19.73 44.80
CA TRP D 381 18.53 -19.08 44.01
C TRP D 381 17.73 -20.07 43.16
N LEU D 382 18.44 -20.91 42.40
CA LEU D 382 17.77 -21.95 41.60
C LEU D 382 16.92 -22.90 42.46
N GLU D 383 17.39 -23.18 43.66
CA GLU D 383 16.69 -24.09 44.57
C GLU D 383 15.34 -23.53 45.02
N LYS D 384 15.27 -22.22 45.26
CA LYS D 384 13.98 -21.63 45.57
C LYS D 384 12.97 -21.95 44.48
N TRP D 385 13.41 -21.83 43.23
CA TRP D 385 12.52 -22.09 42.10
C TRP D 385 12.12 -23.55 42.01
N GLN D 386 13.09 -24.45 42.15
CA GLN D 386 12.83 -25.89 42.08
C GLN D 386 11.95 -26.33 43.24
N PHE D 387 12.13 -25.69 44.39
CA PHE D 387 11.30 -25.93 45.59
C PHE D 387 9.86 -25.54 45.33
N VAL D 388 9.65 -24.31 44.88
CA VAL D 388 8.29 -23.86 44.57
C VAL D 388 7.67 -24.76 43.50
N ASN D 389 8.42 -25.05 42.45
CA ASN D 389 7.89 -25.91 41.39
C ASN D 389 7.58 -27.34 41.83
N GLY D 390 8.50 -27.96 42.56
CA GLY D 390 8.30 -29.34 43.02
C GLY D 390 7.13 -29.42 43.98
N ARG D 391 7.14 -28.59 45.02
CA ARG D 391 6.04 -28.57 45.95
C ARG D 391 4.69 -28.29 45.26
N PHE D 392 4.68 -27.40 44.28
CA PHE D 392 3.44 -27.16 43.54
C PHE D 392 2.89 -28.44 42.87
N ARG D 393 3.76 -29.13 42.12
CA ARG D 393 3.35 -30.32 41.38
C ARG D 393 2.94 -31.46 42.30
N GLU D 394 3.71 -31.62 43.38
CA GLU D 394 3.43 -32.67 44.36
C GLU D 394 2.05 -32.45 44.97
N HIS D 395 1.70 -31.22 45.33
CA HIS D 395 0.36 -31.05 45.83
C HIS D 395 -0.73 -31.32 44.81
N LEU D 396 -0.51 -30.92 43.56
CA LEU D 396 -1.49 -31.20 42.51
C LEU D 396 -1.75 -32.69 42.36
N GLN D 397 -0.69 -33.49 42.52
CA GLN D 397 -0.80 -34.93 42.38
C GLN D 397 -1.83 -35.51 43.36
N THR D 398 -1.96 -34.90 44.55
CA THR D 398 -2.91 -35.39 45.55
C THR D 398 -4.35 -35.03 45.23
N ILE D 399 -4.57 -34.27 44.18
CA ILE D 399 -5.92 -33.89 43.81
C ILE D 399 -6.37 -34.75 42.65
N SER D 400 -7.58 -35.29 42.78
CA SER D 400 -8.13 -36.24 41.83
C SER D 400 -8.10 -35.72 40.40
N SER D 401 -7.77 -36.60 39.45
CA SER D 401 -7.87 -36.26 38.03
C SER D 401 -8.86 -37.16 37.28
N GLU D 402 -9.69 -37.89 38.02
CA GLU D 402 -10.54 -38.92 37.43
C GLU D 402 -11.64 -38.38 36.52
N ASP D 403 -12.16 -37.21 36.85
CA ASP D 403 -13.32 -36.65 36.17
C ASP D 403 -13.04 -36.15 34.75
N VAL D 404 -13.37 -36.96 33.75
CA VAL D 404 -13.17 -36.59 32.36
C VAL D 404 -13.88 -35.27 31.99
N SER D 405 -14.94 -34.91 32.70
CA SER D 405 -15.65 -33.67 32.35
C SER D 405 -14.98 -32.38 32.83
N PHE D 406 -13.99 -32.47 33.72
CA PHE D 406 -13.14 -31.32 34.02
C PHE D 406 -12.03 -31.26 32.98
N GLU D 407 -11.98 -30.16 32.23
CA GLU D 407 -11.16 -30.07 31.03
C GLU D 407 -9.69 -30.23 31.38
N GLY D 408 -9.32 -29.69 32.54
CA GLY D 408 -7.95 -29.77 32.99
C GLY D 408 -7.37 -31.16 33.01
N ASN D 409 -8.18 -32.15 33.41
CA ASN D 409 -7.64 -33.48 33.66
C ASN D 409 -7.09 -34.15 32.40
N LEU D 410 -7.74 -33.92 31.26
CA LEU D 410 -7.28 -34.45 29.98
C LEU D 410 -5.76 -34.27 29.82
N TYR D 411 -5.28 -33.08 30.13
CA TYR D 411 -3.87 -32.73 29.94
C TYR D 411 -3.01 -33.38 31.03
N ARG D 412 -3.58 -33.48 32.22
CA ARG D 412 -2.86 -34.14 33.31
C ARG D 412 -2.58 -35.61 32.96
N ILE D 413 -3.54 -36.22 32.26
CA ILE D 413 -3.41 -37.58 31.73
C ILE D 413 -2.61 -37.66 30.41
N LEU D 414 -2.94 -36.81 29.43
CA LEU D 414 -2.34 -36.89 28.10
C LEU D 414 -0.81 -36.73 28.07
N GLN D 415 -0.28 -35.97 29.01
CA GLN D 415 1.17 -35.69 29.04
C GLN D 415 2.00 -36.97 29.04
N HIS D 416 1.49 -37.99 29.71
CA HIS D 416 2.22 -39.24 29.89
C HIS D 416 2.06 -40.19 28.72
N LEU D 417 1.13 -39.87 27.83
CA LEU D 417 0.72 -40.81 26.78
C LEU D 417 1.13 -40.43 25.37
N VAL D 418 1.60 -39.20 25.19
CA VAL D 418 2.03 -38.80 23.85
C VAL D 418 3.23 -39.65 23.44
N PRO D 419 3.05 -40.55 22.47
CA PRO D 419 4.09 -41.53 22.15
C PRO D 419 5.42 -40.85 21.89
N GLU D 420 6.53 -41.55 22.18
CA GLU D 420 7.85 -41.04 21.88
C GLU D 420 8.02 -40.75 20.40
N ASN D 421 8.63 -39.59 20.12
CA ASN D 421 8.95 -39.16 18.75
C ASN D 421 7.76 -38.90 17.86
N SER D 422 6.61 -38.61 18.46
CA SER D 422 5.47 -38.17 17.68
C SER D 422 5.32 -36.67 17.88
N SER D 423 4.35 -36.07 17.22
CA SER D 423 4.13 -34.65 17.38
C SER D 423 2.80 -34.41 18.08
N LEU D 424 2.75 -33.37 18.89
CA LEU D 424 1.52 -32.92 19.48
C LEU D 424 1.20 -31.52 18.97
N PHE D 425 0.13 -31.43 18.19
CA PHE D 425 -0.28 -30.14 17.69
C PHE D 425 -1.38 -29.58 18.61
N VAL D 426 -1.14 -28.40 19.15
CA VAL D 426 -2.00 -27.90 20.21
C VAL D 426 -2.82 -26.74 19.68
N GLY D 427 -4.13 -26.87 19.77
CA GLY D 427 -5.02 -25.82 19.32
C GLY D 427 -4.83 -24.55 20.13
N ASN D 428 -5.23 -23.42 19.56
CA ASN D 428 -5.29 -22.17 20.29
C ASN D 428 -6.54 -22.15 21.18
N SER D 429 -6.76 -21.04 21.86
CA SER D 429 -7.75 -21.00 22.94
C SER D 429 -7.22 -21.83 24.12
N MET D 430 -8.09 -22.50 24.87
CA MET D 430 -7.63 -23.11 26.14
C MET D 430 -6.57 -24.19 26.03
N PRO D 431 -6.59 -25.00 24.96
CA PRO D 431 -5.65 -26.12 24.88
C PRO D 431 -4.18 -25.76 25.04
N ILE D 432 -3.73 -24.67 24.43
CA ILE D 432 -2.33 -24.26 24.60
C ILE D 432 -2.10 -23.72 26.02
N ARG D 433 -3.11 -23.10 26.61
CA ARG D 433 -3.01 -22.65 28.02
C ARG D 433 -3.03 -23.83 29.03
N ASP D 434 -3.81 -24.87 28.72
CA ASP D 434 -3.93 -26.03 29.59
C ASP D 434 -2.68 -26.93 29.50
N VAL D 435 -2.07 -26.98 28.32
CA VAL D 435 -0.81 -27.67 28.15
C VAL D 435 0.27 -26.97 28.97
N ASP D 436 0.31 -25.64 28.85
CA ASP D 436 1.19 -24.82 29.68
C ASP D 436 0.94 -25.08 31.18
N THR D 437 -0.31 -25.00 31.60
CA THR D 437 -0.64 -25.27 33.00
C THR D 437 -0.24 -26.69 33.43
N PHE D 438 -0.60 -27.69 32.63
CA PHE D 438 -0.59 -29.07 33.13
C PHE D 438 0.57 -29.98 32.74
N PHE D 439 1.28 -29.67 31.65
CA PHE D 439 2.40 -30.52 31.25
C PHE D 439 3.61 -30.35 32.14
N GLU D 440 3.97 -31.42 32.83
CA GLU D 440 5.17 -31.43 33.65
C GLU D 440 6.34 -31.81 32.76
N LYS D 441 7.55 -31.61 33.25
CA LYS D 441 8.70 -32.01 32.47
C LYS D 441 8.80 -33.52 32.49
N GLN D 442 9.20 -34.10 31.37
CA GLN D 442 9.33 -35.56 31.30
C GLN D 442 10.38 -36.04 30.31
N ASP D 443 10.84 -37.27 30.51
CA ASP D 443 12.01 -37.83 29.83
C ASP D 443 11.78 -38.35 28.41
N ARG D 444 10.54 -38.38 27.95
CA ARG D 444 10.25 -38.93 26.63
C ARG D 444 10.24 -37.84 25.58
N PRO D 445 11.03 -38.01 24.51
CA PRO D 445 11.01 -36.99 23.46
C PRO D 445 9.67 -36.98 22.70
N PHE D 446 9.10 -35.79 22.52
CA PHE D 446 8.06 -35.55 21.52
C PHE D 446 8.01 -34.06 21.21
N ARG D 447 7.43 -33.69 20.08
CA ARG D 447 7.41 -32.28 19.69
C ARG D 447 6.02 -31.67 19.86
N ILE D 448 5.99 -30.52 20.55
CA ILE D 448 4.77 -29.74 20.66
C ILE D 448 4.82 -28.64 19.60
N TYR D 449 3.74 -28.51 18.83
CA TYR D 449 3.58 -27.46 17.82
C TYR D 449 2.28 -26.69 18.06
N SER D 450 2.24 -25.44 17.61
CA SER D 450 1.07 -24.61 17.74
C SER D 450 1.15 -23.37 16.85
N ASN D 451 0.01 -22.86 16.39
CA ASN D 451 -0.02 -21.64 15.60
C ASN D 451 -0.02 -20.39 16.48
N ARG D 452 1.16 -20.02 16.97
CA ARG D 452 1.22 -18.92 17.91
C ARG D 452 1.71 -17.58 17.33
N GLY D 453 1.89 -17.48 16.01
CA GLY D 453 2.18 -16.18 15.40
C GLY D 453 1.01 -15.22 15.61
N ALA D 454 -0.20 -15.67 15.34
CA ALA D 454 -1.36 -14.80 15.49
C ALA D 454 -2.46 -15.46 16.31
N ASN D 455 -2.22 -16.68 16.78
CA ASN D 455 -3.16 -17.38 17.67
C ASN D 455 -4.55 -17.65 17.10
N GLY D 456 -4.60 -18.01 15.82
CA GLY D 456 -5.88 -18.27 15.19
C GLY D 456 -6.45 -19.63 15.53
N ILE D 457 -7.77 -19.71 15.63
CA ILE D 457 -8.44 -20.99 15.71
C ILE D 457 -8.78 -21.48 14.31
N ASP D 458 -8.37 -20.74 13.30
CA ASP D 458 -8.62 -21.12 11.91
C ASP D 458 -7.50 -21.99 11.40
N GLY D 459 -7.82 -22.91 10.49
CA GLY D 459 -6.85 -23.78 9.82
C GLY D 459 -6.01 -24.67 10.69
N VAL D 460 -6.44 -24.89 11.93
CA VAL D 460 -5.65 -25.69 12.84
C VAL D 460 -5.58 -27.16 12.42
N VAL D 461 -6.70 -27.73 12.02
CA VAL D 461 -6.68 -29.10 11.50
C VAL D 461 -5.67 -29.26 10.33
N SER D 462 -5.66 -28.28 9.42
CA SER D 462 -4.79 -28.34 8.24
C SER D 462 -3.31 -28.17 8.59
N SER D 463 -3.05 -27.40 9.64
CA SER D 463 -1.69 -27.22 10.10
C SER D 463 -1.18 -28.52 10.65
N ALA D 464 -2.01 -29.19 11.44
CA ALA D 464 -1.65 -30.49 12.00
C ALA D 464 -1.45 -31.51 10.86
N MET D 465 -2.34 -31.52 9.88
CA MET D 465 -2.18 -32.38 8.72
C MET D 465 -0.83 -32.15 8.05
N GLY D 466 -0.50 -30.88 7.81
CA GLY D 466 0.76 -30.53 7.21
C GLY D 466 1.95 -30.98 8.03
N VAL D 467 1.91 -30.70 9.32
CA VAL D 467 2.96 -31.15 10.19
C VAL D 467 3.17 -32.65 9.99
N CYS D 468 2.08 -33.40 9.88
CA CYS D 468 2.18 -34.84 9.67
C CYS D 468 2.88 -35.19 8.37
N GLU D 469 2.45 -34.60 7.25
CA GLU D 469 3.14 -34.77 5.97
C GLU D 469 4.61 -34.43 6.11
N GLY D 470 4.88 -33.37 6.86
CA GLY D 470 6.24 -32.88 7.00
C GLY D 470 7.16 -33.78 7.79
N THR D 471 6.64 -34.43 8.82
CA THR D 471 7.49 -35.20 9.73
C THR D 471 7.48 -36.69 9.40
N LYS D 472 6.47 -37.14 8.67
CA LYS D 472 6.33 -38.56 8.38
C LYS D 472 6.28 -39.43 9.65
N ALA D 473 5.77 -38.87 10.75
CA ALA D 473 5.66 -39.59 12.02
C ALA D 473 4.29 -39.31 12.61
N PRO D 474 3.90 -40.04 13.67
CA PRO D 474 2.54 -39.84 14.17
C PRO D 474 2.30 -38.41 14.67
N VAL D 475 1.06 -37.94 14.53
CA VAL D 475 0.66 -36.63 15.04
C VAL D 475 -0.65 -36.70 15.85
N THR D 476 -0.64 -36.16 17.06
CA THR D 476 -1.88 -35.99 17.79
C THR D 476 -2.27 -34.51 17.76
N LEU D 477 -3.55 -34.25 17.53
CA LEU D 477 -4.06 -32.89 17.54
C LEU D 477 -5.06 -32.72 18.69
N VAL D 478 -4.77 -31.79 19.61
CA VAL D 478 -5.69 -31.45 20.71
C VAL D 478 -6.34 -30.14 20.32
N ILE D 479 -7.66 -30.11 20.27
CA ILE D 479 -8.33 -28.95 19.68
C ILE D 479 -9.73 -28.79 20.23
N GLY D 480 -10.15 -27.56 20.49
CA GLY D 480 -11.52 -27.26 20.93
C GLY D 480 -12.54 -27.36 19.80
N ASP D 481 -13.82 -27.30 20.14
CA ASP D 481 -14.89 -27.63 19.20
C ASP D 481 -15.13 -26.56 18.14
N LEU D 482 -14.99 -25.30 18.53
CA LEU D 482 -15.16 -24.20 17.60
C LEU D 482 -14.01 -24.19 16.61
N SER D 483 -12.80 -24.43 17.10
CA SER D 483 -11.66 -24.51 16.22
C SER D 483 -11.81 -25.68 15.23
N PHE D 484 -12.20 -26.84 15.77
CA PHE D 484 -12.39 -28.05 14.97
C PHE D 484 -13.37 -27.77 13.85
N TYR D 485 -14.55 -27.28 14.23
CA TYR D 485 -15.55 -26.84 13.28
C TYR D 485 -14.96 -25.87 12.26
N HIS D 486 -14.20 -24.89 12.76
CA HIS D 486 -13.64 -23.86 11.88
C HIS D 486 -12.92 -24.49 10.67
N ASP D 487 -12.08 -25.50 10.90
CA ASP D 487 -11.38 -26.19 9.79
C ASP D 487 -11.85 -27.62 9.56
N LEU D 488 -13.15 -27.85 9.64
CA LEU D 488 -13.67 -29.17 9.26
C LEU D 488 -13.20 -29.56 7.85
N ASN D 489 -13.12 -28.58 6.95
CA ASN D 489 -12.74 -28.91 5.59
C ASN D 489 -11.35 -29.54 5.52
N GLY D 490 -10.54 -29.28 6.54
CA GLY D 490 -9.15 -29.72 6.51
C GLY D 490 -9.03 -31.22 6.64
N LEU D 491 -10.12 -31.85 7.09
CA LEU D 491 -10.11 -33.28 7.29
C LEU D 491 -10.08 -34.01 5.95
N LEU D 492 -10.42 -33.31 4.86
CA LEU D 492 -10.37 -33.91 3.54
C LEU D 492 -9.00 -34.56 3.29
N ALA D 493 -7.93 -33.97 3.83
CA ALA D 493 -6.59 -34.49 3.58
C ALA D 493 -6.37 -35.91 4.11
N ALA D 494 -7.11 -36.27 5.17
CA ALA D 494 -6.99 -37.61 5.71
C ALA D 494 -7.14 -38.64 4.60
N LYS D 495 -8.28 -38.65 3.92
CA LYS D 495 -8.50 -39.64 2.87
C LYS D 495 -7.81 -39.25 1.57
N LYS D 496 -8.10 -38.05 1.08
CA LYS D 496 -7.60 -37.61 -0.22
C LYS D 496 -6.09 -37.70 -0.31
N LEU D 497 -5.40 -37.44 0.79
CA LEU D 497 -3.95 -37.55 0.79
C LEU D 497 -3.47 -38.73 1.63
N GLY D 498 -4.40 -39.47 2.22
CA GLY D 498 -4.01 -40.60 3.08
C GLY D 498 -3.13 -40.20 4.25
N ILE D 499 -3.45 -39.09 4.90
CA ILE D 499 -2.62 -38.59 6.00
C ILE D 499 -3.21 -39.00 7.35
N PRO D 500 -2.46 -39.82 8.11
CA PRO D 500 -2.94 -40.33 9.38
C PRO D 500 -3.00 -39.22 10.43
N LEU D 501 -4.07 -39.15 11.20
CA LEU D 501 -4.15 -38.15 12.25
C LEU D 501 -5.07 -38.57 13.38
N THR D 502 -4.61 -38.42 14.62
CA THR D 502 -5.44 -38.65 15.80
C THR D 502 -5.92 -37.31 16.35
N VAL D 503 -7.21 -37.07 16.28
CA VAL D 503 -7.76 -35.82 16.80
C VAL D 503 -8.33 -36.03 18.19
N ILE D 504 -7.80 -35.32 19.18
CA ILE D 504 -8.47 -35.28 20.48
C ILE D 504 -9.35 -34.04 20.53
N LEU D 505 -10.65 -34.24 20.39
CA LEU D 505 -11.57 -33.12 20.35
C LEU D 505 -12.08 -32.78 21.76
N VAL D 506 -11.73 -31.60 22.23
CA VAL D 506 -12.14 -31.22 23.55
C VAL D 506 -13.42 -30.42 23.36
N ASN D 507 -14.55 -31.05 23.65
CA ASN D 507 -15.84 -30.44 23.30
C ASN D 507 -16.68 -30.00 24.48
N ASN D 508 -16.66 -28.69 24.76
CA ASN D 508 -17.44 -28.11 25.82
C ASN D 508 -18.55 -27.27 25.23
N ASP D 509 -18.80 -27.49 23.94
CA ASP D 509 -19.88 -26.85 23.18
C ASP D 509 -19.91 -25.32 23.25
N GLY D 510 -18.87 -24.68 22.73
CA GLY D 510 -18.81 -23.22 22.70
C GLY D 510 -17.40 -22.76 22.98
N GLY D 511 -17.26 -21.49 23.33
CA GLY D 511 -15.94 -20.94 23.61
C GLY D 511 -15.65 -20.92 25.08
N GLY D 512 -15.17 -22.05 25.60
CA GLY D 512 -14.85 -22.18 27.02
C GLY D 512 -13.89 -21.14 27.57
N ILE D 513 -13.00 -20.63 26.73
CA ILE D 513 -12.00 -19.67 27.23
C ILE D 513 -12.67 -18.43 27.82
N PHE D 514 -13.77 -18.01 27.21
CA PHE D 514 -14.40 -16.75 27.59
C PHE D 514 -14.99 -16.75 29.00
N SER D 515 -15.14 -17.95 29.57
CA SER D 515 -15.66 -18.08 30.94
C SER D 515 -14.73 -17.44 31.96
N PHE D 516 -13.47 -17.21 31.56
CA PHE D 516 -12.46 -16.65 32.43
C PHE D 516 -12.53 -15.12 32.50
N LEU D 517 -13.25 -14.52 31.55
CA LEU D 517 -13.47 -13.07 31.51
C LEU D 517 -14.37 -12.62 32.66
N PRO D 518 -14.10 -11.43 33.22
CA PRO D 518 -14.96 -10.84 34.26
C PRO D 518 -16.40 -10.71 33.78
N GLN D 519 -16.55 -10.29 32.52
CA GLN D 519 -17.85 -10.15 31.86
C GLN D 519 -18.64 -11.45 31.68
N ALA D 520 -18.11 -12.59 32.15
CA ALA D 520 -18.86 -13.86 32.04
C ALA D 520 -20.09 -13.90 32.95
N SER D 521 -20.11 -13.03 33.97
CA SER D 521 -21.27 -12.90 34.85
C SER D 521 -22.40 -12.08 34.22
N GLU D 522 -22.05 -11.17 33.31
CA GLU D 522 -23.03 -10.36 32.57
C GLU D 522 -23.81 -11.26 31.61
N LYS D 523 -24.67 -12.09 32.18
CA LYS D 523 -25.20 -13.23 31.48
C LYS D 523 -26.28 -12.96 30.43
N THR D 524 -26.83 -11.75 30.38
CA THR D 524 -27.89 -11.50 29.39
C THR D 524 -27.38 -11.62 27.95
N HIS D 525 -26.11 -11.32 27.71
CA HIS D 525 -25.50 -11.44 26.38
C HIS D 525 -24.35 -12.46 26.26
N PHE D 526 -23.81 -12.91 27.39
CA PHE D 526 -22.60 -13.72 27.37
C PHE D 526 -22.68 -14.95 26.49
N GLU D 527 -23.79 -15.68 26.57
CA GLU D 527 -23.90 -16.92 25.85
C GLU D 527 -24.07 -16.67 24.34
N ASP D 528 -24.81 -15.62 23.98
CA ASP D 528 -25.03 -15.31 22.58
C ASP D 528 -23.74 -14.88 21.88
N LEU D 529 -22.94 -14.07 22.58
CA LEU D 529 -21.85 -13.38 21.92
C LEU D 529 -20.48 -13.95 22.22
N PHE D 530 -20.37 -14.78 23.25
CA PHE D 530 -19.06 -15.34 23.64
C PHE D 530 -19.07 -16.85 23.80
N GLY D 531 -20.05 -17.39 24.52
CA GLY D 531 -20.18 -18.84 24.64
C GLY D 531 -20.41 -19.45 23.28
N THR D 532 -21.34 -18.85 22.53
CA THR D 532 -21.70 -19.30 21.19
C THR D 532 -21.64 -20.82 20.97
N PRO D 533 -22.60 -21.58 21.51
CA PRO D 533 -22.55 -23.03 21.24
C PRO D 533 -22.91 -23.39 19.78
N THR D 534 -22.50 -24.55 19.30
CA THR D 534 -23.00 -24.99 17.98
C THR D 534 -24.05 -26.10 18.07
N GLY D 535 -23.96 -26.94 19.10
CA GLY D 535 -24.84 -28.10 19.23
C GLY D 535 -24.51 -29.26 18.29
N LEU D 536 -23.38 -29.17 17.60
CA LEU D 536 -23.00 -30.12 16.55
C LEU D 536 -22.59 -31.48 17.09
N ASP D 537 -23.04 -32.55 16.46
CA ASP D 537 -22.56 -33.89 16.83
C ASP D 537 -21.46 -34.32 15.88
N PHE D 538 -20.22 -34.21 16.36
CA PHE D 538 -19.05 -34.36 15.52
C PHE D 538 -18.79 -35.78 15.00
N LYS D 539 -19.56 -36.74 15.50
CA LYS D 539 -19.45 -38.11 15.01
C LYS D 539 -19.83 -38.11 13.52
N HIS D 540 -20.76 -37.22 13.14
CA HIS D 540 -21.09 -37.03 11.72
C HIS D 540 -19.95 -36.47 10.90
N ALA D 541 -19.07 -35.70 11.53
CA ALA D 541 -17.89 -35.21 10.84
C ALA D 541 -16.90 -36.35 10.63
N ALA D 542 -16.73 -37.18 11.65
CA ALA D 542 -15.89 -38.37 11.51
C ALA D 542 -16.36 -39.25 10.35
N ALA D 543 -17.66 -39.45 10.26
CA ALA D 543 -18.18 -40.29 9.19
C ALA D 543 -17.98 -39.62 7.82
N LEU D 544 -18.32 -38.34 7.74
CA LEU D 544 -18.11 -37.58 6.51
C LEU D 544 -16.72 -37.83 5.94
N TYR D 545 -15.71 -37.72 6.80
CA TYR D 545 -14.35 -37.82 6.32
C TYR D 545 -13.73 -39.21 6.49
N GLY D 546 -14.57 -40.22 6.76
CA GLY D 546 -14.12 -41.60 6.84
C GLY D 546 -13.16 -41.88 8.00
N GLY D 547 -13.39 -41.23 9.14
CA GLY D 547 -12.57 -41.49 10.31
C GLY D 547 -13.32 -42.32 11.32
N THR D 548 -12.60 -43.01 12.19
CA THR D 548 -13.20 -43.74 13.31
C THR D 548 -13.49 -42.79 14.46
N TYR D 549 -14.37 -43.20 15.37
CA TYR D 549 -14.87 -42.31 16.42
C TYR D 549 -14.88 -43.00 17.77
N SER D 550 -14.45 -42.29 18.81
CA SER D 550 -14.51 -42.77 20.19
C SER D 550 -15.03 -41.64 21.07
N CYS D 551 -15.78 -42.00 22.11
CA CYS D 551 -16.26 -40.99 23.05
C CYS D 551 -16.09 -41.51 24.47
N PRO D 552 -14.85 -41.73 24.90
CA PRO D 552 -14.60 -42.34 26.19
C PRO D 552 -15.20 -41.58 27.36
N ALA D 553 -15.67 -42.32 28.36
CA ALA D 553 -16.22 -41.73 29.56
C ALA D 553 -15.24 -41.88 30.71
N SER D 554 -14.06 -42.43 30.44
CA SER D 554 -13.04 -42.50 31.47
C SER D 554 -11.66 -42.59 30.86
N TRP D 555 -10.63 -42.44 31.69
CA TRP D 555 -9.27 -42.41 31.20
C TRP D 555 -8.78 -43.79 30.79
N ASP D 556 -9.33 -44.80 31.46
CA ASP D 556 -9.04 -46.21 31.13
C ASP D 556 -9.42 -46.49 29.69
N GLU D 557 -10.59 -46.00 29.29
CA GLU D 557 -11.04 -46.25 27.94
C GLU D 557 -10.47 -45.24 26.94
N PHE D 558 -10.12 -44.05 27.42
CA PHE D 558 -9.30 -43.14 26.63
C PHE D 558 -7.95 -43.80 26.29
N LYS D 559 -7.27 -44.33 27.30
CA LYS D 559 -5.98 -45.01 27.10
C LYS D 559 -6.08 -46.14 26.09
N THR D 560 -7.19 -46.85 26.10
CA THR D 560 -7.44 -47.95 25.18
C THR D 560 -7.62 -47.42 23.76
N ALA D 561 -8.28 -46.26 23.64
CA ALA D 561 -8.60 -45.68 22.34
C ALA D 561 -7.40 -44.95 21.71
N TYR D 562 -6.57 -44.34 22.54
CA TYR D 562 -5.53 -43.42 22.08
C TYR D 562 -4.30 -44.15 21.55
N ALA D 563 -4.15 -44.22 20.23
CA ALA D 563 -3.00 -44.94 19.65
C ALA D 563 -2.49 -44.30 18.35
N PRO D 564 -1.84 -43.14 18.46
CA PRO D 564 -1.41 -42.45 17.23
C PRO D 564 -0.50 -43.35 16.39
N GLN D 565 -0.51 -43.18 15.07
CA GLN D 565 0.39 -43.95 14.20
C GLN D 565 0.62 -43.21 12.89
N ALA D 566 1.65 -43.63 12.15
CA ALA D 566 2.00 -42.97 10.89
C ALA D 566 2.43 -43.97 9.81
N ASP D 567 2.11 -45.25 10.01
CA ASP D 567 2.56 -46.28 9.07
C ASP D 567 1.59 -46.41 7.92
N LYS D 568 0.37 -45.92 8.12
CA LYS D 568 -0.68 -46.02 7.11
C LYS D 568 -1.78 -45.00 7.40
N PRO D 569 -2.66 -44.76 6.41
CA PRO D 569 -3.79 -43.85 6.56
C PRO D 569 -4.68 -44.23 7.74
N GLY D 570 -5.34 -43.22 8.32
CA GLY D 570 -6.36 -43.42 9.35
C GLY D 570 -6.66 -42.18 10.17
N LEU D 571 -7.88 -41.67 10.04
CA LEU D 571 -8.39 -40.56 10.84
C LEU D 571 -9.15 -41.09 12.07
N HIS D 572 -8.63 -40.81 13.26
CA HIS D 572 -9.28 -41.23 14.51
C HIS D 572 -9.70 -40.00 15.33
N LEU D 573 -11.02 -39.80 15.42
CA LEU D 573 -11.58 -38.75 16.26
C LEU D 573 -11.90 -39.25 17.65
N ILE D 574 -11.19 -38.74 18.66
CA ILE D 574 -11.47 -39.04 20.06
C ILE D 574 -12.08 -37.83 20.76
N GLU D 575 -13.37 -37.89 21.09
CA GLU D 575 -14.09 -36.73 21.65
C GLU D 575 -14.27 -36.81 23.15
N ILE D 576 -13.85 -35.75 23.84
CA ILE D 576 -14.00 -35.63 25.28
C ILE D 576 -14.99 -34.50 25.56
N LYS D 577 -16.15 -34.85 26.11
CA LYS D 577 -17.16 -33.85 26.47
C LYS D 577 -16.84 -33.23 27.83
N THR D 578 -16.74 -31.91 27.89
CA THR D 578 -16.37 -31.24 29.13
C THR D 578 -17.33 -30.13 29.44
N ASP D 579 -17.31 -29.68 30.70
CA ASP D 579 -18.27 -28.69 31.17
C ASP D 579 -17.68 -27.30 31.33
N ARG D 580 -17.93 -26.42 30.36
CA ARG D 580 -17.32 -25.10 30.42
C ARG D 580 -17.95 -24.21 31.49
N GLN D 581 -19.18 -24.54 31.89
CA GLN D 581 -19.94 -23.71 32.84
C GLN D 581 -19.42 -23.83 34.27
N SER D 582 -18.67 -24.90 34.55
CA SER D 582 -18.17 -25.13 35.89
C SER D 582 -16.64 -25.21 35.97
N ARG D 583 -15.95 -25.21 34.82
CA ARG D 583 -14.51 -25.44 34.80
CA ARG D 583 -14.52 -25.45 34.82
C ARG D 583 -13.71 -24.33 35.48
N VAL D 584 -14.15 -23.08 35.33
CA VAL D 584 -13.37 -21.98 35.89
C VAL D 584 -13.18 -22.08 37.42
N GLN D 585 -14.27 -22.26 38.17
CA GLN D 585 -14.15 -22.37 39.61
C GLN D 585 -13.31 -23.59 40.00
N LEU D 586 -13.49 -24.69 39.28
CA LEU D 586 -12.76 -25.92 39.57
C LEU D 586 -11.27 -25.69 39.29
N HIS D 587 -10.99 -25.12 38.12
CA HIS D 587 -9.65 -24.77 37.74
C HIS D 587 -8.96 -23.92 38.82
N ARG D 588 -9.59 -22.79 39.16
CA ARG D 588 -9.03 -21.88 40.15
C ARG D 588 -8.85 -22.50 41.55
N ASP D 589 -9.82 -23.28 42.01
CA ASP D 589 -9.70 -23.94 43.31
C ASP D 589 -8.50 -24.90 43.33
N MET D 590 -8.38 -25.69 42.26
CA MET D 590 -7.27 -26.61 42.12
C MET D 590 -5.93 -25.89 42.30
N LEU D 591 -5.69 -24.88 41.45
CA LEU D 591 -4.41 -24.17 41.47
C LEU D 591 -4.16 -23.40 42.76
N ASN D 592 -5.16 -22.66 43.23
CA ASN D 592 -5.05 -21.87 44.46
C ASN D 592 -4.67 -22.74 45.65
N GLU D 593 -5.26 -23.93 45.70
CA GLU D 593 -5.01 -24.91 46.74
C GLU D 593 -3.55 -25.37 46.72
N ALA D 594 -3.00 -25.57 45.53
CA ALA D 594 -1.61 -25.97 45.37
C ALA D 594 -0.66 -24.85 45.73
N VAL D 595 -0.99 -23.64 45.27
CA VAL D 595 -0.20 -22.46 45.64
C VAL D 595 -0.18 -22.29 47.17
N ARG D 596 -1.34 -22.44 47.78
CA ARG D 596 -1.47 -22.31 49.22
CA ARG D 596 -1.47 -22.31 49.22
C ARG D 596 -0.56 -23.31 49.94
N GLU D 597 -0.49 -24.54 49.43
CA GLU D 597 0.36 -25.58 49.99
C GLU D 597 1.84 -25.23 49.89
N VAL D 598 2.23 -24.65 48.74
CA VAL D 598 3.60 -24.23 48.56
C VAL D 598 3.99 -23.24 49.63
N LYS D 599 3.15 -22.22 49.83
CA LYS D 599 3.40 -21.22 50.87
C LYS D 599 3.52 -21.82 52.28
N LYS D 600 2.70 -22.83 52.57
CA LYS D 600 2.81 -23.55 53.84
C LYS D 600 4.15 -24.26 54.00
N GLN D 601 4.57 -25.02 52.98
CA GLN D 601 5.86 -25.73 53.00
C GLN D 601 7.02 -24.78 53.18
N TRP D 602 6.95 -23.67 52.49
CA TRP D 602 7.96 -22.65 52.57
C TRP D 602 8.19 -22.26 54.03
N GLU D 603 7.10 -22.10 54.77
CA GLU D 603 7.16 -21.71 56.17
C GLU D 603 7.74 -22.76 57.13
N LEU D 604 7.63 -24.04 56.77
CA LEU D 604 8.20 -25.11 57.61
C LEU D 604 9.65 -24.79 57.98
N1' TPP E . 15.66 14.06 -13.50
C2' TPP E . 16.24 13.71 -12.34
CM2 TPP E . 15.70 14.26 -11.01
N3' TPP E . 17.27 12.88 -12.31
C4' TPP E . 17.75 12.39 -13.47
N4' TPP E . 18.78 11.57 -13.46
C5' TPP E . 17.17 12.74 -14.70
C6' TPP E . 16.10 13.60 -14.67
C7' TPP E . 17.68 12.21 -16.04
N3 TPP E . 19.02 12.78 -16.36
C2 TPP E . 20.14 12.05 -16.21
S1 TPP E . 21.49 13.05 -16.68
C5 TPP E . 20.54 14.37 -17.12
C4 TPP E . 19.21 14.03 -16.85
CM4 TPP E . 18.07 15.01 -17.14
C6 TPP E . 21.16 15.68 -17.63
C7 TPP E . 21.90 16.44 -16.50
O7 TPP E . 22.72 17.46 -17.07
PA TPP E . 23.96 18.15 -16.30
O1A TPP E . 24.13 19.61 -16.96
O2A TPP E . 23.73 18.29 -14.83
O3A TPP E . 25.27 17.25 -16.60
PB TPP E . 25.71 16.90 -18.09
O1B TPP E . 26.95 15.97 -18.02
O2B TPP E . 24.64 15.90 -18.66
O3B TPP E . 25.92 18.13 -18.95
MN MN F . 25.35 19.99 -18.56
C1 EDO G . 1.92 25.14 9.28
O1 EDO G . 2.79 26.24 9.44
C2 EDO G . 2.33 24.04 10.25
O2 EDO G . 1.34 23.02 10.27
NA NA H . 19.74 21.41 20.77
S SO4 I . -5.69 19.96 17.49
O1 SO4 I . -7.03 19.39 17.28
O2 SO4 I . -5.51 21.19 16.73
O3 SO4 I . -5.53 20.23 18.91
O4 SO4 I . -4.68 19.02 17.05
S SO4 J . 30.57 5.41 -25.42
O1 SO4 J . 29.27 5.70 -26.00
O2 SO4 J . 31.57 6.33 -25.95
O3 SO4 J . 30.51 5.56 -23.97
O4 SO4 J . 30.93 4.04 -25.74
N1' TPP K . 6.61 23.66 4.03
C2' TPP K . 5.78 23.61 2.98
CM2 TPP K . 6.22 22.93 1.69
N3' TPP K . 4.56 24.15 3.07
C4' TPP K . 4.15 24.75 4.20
N4' TPP K . 2.92 25.28 4.22
C5' TPP K . 5.00 24.82 5.31
C6' TPP K . 6.25 24.25 5.17
C7' TPP K . 4.66 25.48 6.65
N3 TPP K . 4.47 26.95 6.50
C2 TPP K . 3.22 27.47 6.47
S1 TPP K . 3.39 29.19 6.25
C5 TPP K . 5.10 29.17 6.22
C4 TPP K . 5.49 27.85 6.36
CM4 TPP K . 6.97 27.50 6.36
C6 TPP K . 5.96 30.41 6.07
C7 TPP K . 5.94 31.01 4.65
O7 TPP K . 6.69 32.25 4.67
PA TPP K . 6.40 33.32 3.55
O1A TPP K . 7.62 34.37 3.50
O2A TPP K . 6.25 32.70 2.22
O3A TPP K . 5.02 34.10 3.93
PB TPP K . 4.74 34.90 5.31
O1B TPP K . 5.95 35.96 5.47
O2B TPP K . 3.37 35.69 5.16
O3B TPP K . 4.58 34.00 6.49
MN MN L . 7.76 36.20 4.69
C1 EDO M . 17.69 9.43 -17.94
O1 EDO M . 19.00 9.65 -18.39
C2 EDO M . 17.39 7.93 -18.04
O2 EDO M . 16.01 7.71 -17.74
NA NA N . 3.63 18.31 -30.48
S SO4 O . 16.17 -2.25 -21.69
O1 SO4 O . 15.52 -3.44 -21.21
O2 SO4 O . 15.26 -1.14 -21.70
O3 SO4 O . 17.35 -1.85 -20.92
O4 SO4 O . 16.60 -2.60 -23.04
S SO4 P . -5.73 36.81 15.17
O1 SO4 P . -6.96 36.51 15.91
O2 SO4 P . -5.46 38.25 15.21
O3 SO4 P . -4.59 36.11 15.77
O4 SO4 P . -5.88 36.40 13.78
N1' TPP Q . -11.12 -21.60 -6.03
C2' TPP Q . -12.05 -20.65 -5.81
CM2 TPP Q . -12.29 -20.05 -4.42
N3' TPP Q . -12.79 -20.19 -6.82
C4' TPP Q . -12.61 -20.68 -8.06
N4' TPP Q . -13.35 -20.20 -9.06
C5' TPP Q . -11.67 -21.65 -8.32
C6' TPP Q . -10.92 -22.11 -7.24
C7' TPP Q . -11.46 -22.23 -9.73
N3 TPP Q . -12.63 -23.02 -10.16
C2 TPP Q . -13.59 -22.49 -10.95
S1 TPP Q . -14.83 -23.75 -11.21
C5 TPP Q . -14.01 -24.93 -10.25
C4 TPP Q . -12.85 -24.31 -9.76
CM4 TPP Q . -11.88 -25.08 -8.84
C6 TPP Q . -14.56 -26.34 -10.03
C7 TPP Q . -15.83 -26.30 -9.16
O7 TPP Q . -16.44 -27.62 -9.04
PA TPP Q . -18.01 -27.69 -8.75
O1A TPP Q . -18.33 -29.20 -8.40
O2A TPP Q . -18.55 -26.73 -7.73
O3A TPP Q . -18.78 -27.34 -10.12
PB TPP Q . -18.62 -28.19 -11.48
O1B TPP Q . -19.85 -27.64 -12.31
O2B TPP Q . -17.30 -27.75 -12.24
O3B TPP Q . -18.60 -29.69 -11.24
MN MN R . -18.59 -30.96 -9.51
C1 EDO S . -10.49 -12.94 21.17
O1 EDO S . -10.15 -14.06 21.93
C2 EDO S . -9.48 -11.81 21.42
O2 EDO S . -9.75 -10.71 20.56
NA NA T . -29.74 -5.61 19.19
S SO4 U . -5.33 -2.74 26.51
O1 SO4 U . -6.17 -2.76 25.33
O2 SO4 U . -5.95 -2.00 27.58
O3 SO4 U . -5.11 -4.12 26.87
O4 SO4 U . -4.09 -2.06 26.24
S SO4 V . -18.20 -25.55 -25.66
O1 SO4 V . -19.13 -26.67 -25.59
O2 SO4 V . -18.94 -24.33 -25.41
O3 SO4 V . -17.15 -25.73 -24.67
O4 SO4 V . -17.60 -25.53 -26.99
N1' TPP W . -11.36 -16.09 15.01
C2' TPP W . -10.14 -16.60 14.76
CM2 TPP W . -9.79 -17.06 13.33
N3' TPP W . -9.24 -16.72 15.73
C4' TPP W . -9.54 -16.33 16.98
N4' TPP W . -8.63 -16.46 17.95
C5' TPP W . -10.78 -15.81 17.30
C6' TPP W . -11.69 -15.71 16.25
C7' TPP W . -11.19 -15.36 18.70
N3 TPP W . -11.21 -16.52 19.63
C2 TPP W . -10.18 -16.74 20.48
S1 TPP W . -10.53 -18.19 21.40
C5 TPP W . -12.06 -18.43 20.68
C4 TPP W . -12.26 -17.40 19.75
CM4 TPP W . -13.54 -17.34 18.91
C6 TPP W . -13.00 -19.59 21.08
C7 TPP W . -12.38 -20.96 20.78
O7 TPP W . -13.34 -22.01 21.07
PA TPP W . -12.74 -23.46 21.12
O1A TPP W . -13.99 -24.44 21.38
O2A TPP W . -11.99 -23.88 19.90
O3A TPP W . -11.80 -23.57 22.37
PB TPP W . -12.27 -23.21 23.87
O1B TPP W . -13.67 -24.01 24.13
O2B TPP W . -11.11 -23.85 24.75
O3B TPP W . -12.41 -21.79 24.17
MN MN X . -14.97 -25.15 23.05
C1 EDO Y . -9.73 -20.58 -13.83
O1 EDO Y . -8.49 -20.03 -13.34
C2 EDO Y . -10.19 -21.76 -12.96
O2 EDO Y . -11.54 -22.04 -13.24
NA NA Z . 6.12 -33.79 -9.38
S SO4 AA . -5.21 -14.85 -22.35
O1 SO4 AA . -6.45 -14.17 -22.08
O2 SO4 AA . -4.10 -13.96 -22.06
O3 SO4 AA . -5.11 -16.02 -21.51
O4 SO4 AA . -5.15 -15.23 -23.76
S SO4 BA . -7.19 -16.78 35.74
O1 SO4 BA . -8.31 -16.01 35.21
O2 SO4 BA . -6.17 -15.87 36.25
O3 SO4 BA . -7.71 -17.59 36.83
O4 SO4 BA . -6.60 -17.61 34.70
#